data_6PAY
#
_entry.id   6PAY
#
_cell.length_a   94.600
_cell.length_b   74.600
_cell.length_c   142.900
_cell.angle_alpha   90.00
_cell.angle_beta   95.20
_cell.angle_gamma   90.00
#
_symmetry.space_group_name_H-M   'P 1 21 1'
#
loop_
_entity.id
_entity.type
_entity.pdbx_description
1 polymer 'Isocitrate dehydrogenase [NADP] cytoplasmic'
2 non-polymer 'ISOCITRIC ACID'
3 non-polymer 'MAGNESIUM ION'
4 non-polymer 'NADPH DIHYDRO-NICOTINAMIDE-ADENINE-DINUCLEOTIDE PHOSPHATE'
5 non-polymer 'FORMIC ACID'
6 water water
#
_entity_poly.entity_id   1
_entity_poly.type   'polypeptide(L)'
_entity_poly.pdbx_seq_one_letter_code
;MSKKISGGSVVEMQGDEMTRIIWELIKEKLIFPYVELDLHSYDLGIENRDATNDQVTKDAAEAIKKHNVGVKCATITPDE
KRVEEFKLKQMWKSPNGTIRNILGGTVFREAIICKNIPRLVSGWVKPIIIGRHAYGDQYRATDFVVPGPGKVEITYTPSD
GTQKVTYLVHNFEEGGGVAMGMYNQDKSIEDFAHSSFQMALSKGWPLYLSTKNTILKKYDGRFKDIFQEIYDKQYKSQFE
AQKIWYEHRLIDDMVAQAMKSEGGFIWACKNYDGDVQSDSVAQGYGSLGMMTSVLVCPDGKTVEAEAAHGTVTRHYRMYQ
KGQETSTNPIASIFAWTRGLAHRAKLDNNKELAFFANALEEVSIETIEAGFMTKDLAACIKGLPNVQRSDYLNTFEFMDK
LGENLKIKLAQAKL
;
_entity_poly.pdbx_strand_id   A,B,C,D
#
# COMPACT_ATOMS: atom_id res chain seq x y z
N LYS A 4 20.95 -5.85 12.99
CA LYS A 4 20.89 -5.26 11.64
C LYS A 4 22.07 -4.33 11.39
N ILE A 5 22.25 -3.97 10.13
CA ILE A 5 23.31 -3.05 9.72
C ILE A 5 22.90 -1.64 10.07
N SER A 6 23.82 -0.88 10.67
CA SER A 6 23.55 0.52 11.02
C SER A 6 23.78 1.36 9.78
N GLY A 7 22.68 1.70 9.09
CA GLY A 7 22.79 2.37 7.81
C GLY A 7 23.14 3.84 7.90
N GLY A 8 22.71 4.50 8.96
CA GLY A 8 22.95 5.92 9.12
C GLY A 8 21.79 6.77 8.62
N SER A 9 22.09 8.06 8.45
CA SER A 9 21.08 9.05 8.11
C SER A 9 20.86 9.11 6.61
N VAL A 10 19.60 9.01 6.19
CA VAL A 10 19.22 9.03 4.79
C VAL A 10 17.92 9.82 4.67
N VAL A 11 17.83 10.66 3.65
CA VAL A 11 16.62 11.40 3.35
C VAL A 11 15.83 10.60 2.33
N GLU A 12 14.60 10.25 2.68
CA GLU A 12 13.70 9.50 1.82
C GLU A 12 12.61 10.42 1.31
N MET A 13 12.27 10.28 0.03
CA MET A 13 11.18 11.03 -0.58
C MET A 13 10.20 10.02 -1.19
N GLN A 14 9.02 9.91 -0.59
CA GLN A 14 8.00 8.99 -1.06
C GLN A 14 7.32 9.57 -2.28
N GLY A 15 6.82 8.67 -3.15
CA GLY A 15 6.32 9.09 -4.44
C GLY A 15 4.87 8.77 -4.72
N ASP A 16 4.58 8.43 -5.99
CA ASP A 16 3.22 8.34 -6.48
C ASP A 16 2.99 7.07 -7.29
N GLU A 17 1.73 6.63 -7.32
CA GLU A 17 1.22 5.61 -8.23
C GLU A 17 2.10 4.36 -8.16
N MET A 18 2.49 3.77 -9.28
CA MET A 18 3.09 2.43 -9.23
C MET A 18 4.42 2.45 -8.49
N THR A 19 5.22 3.49 -8.69
CA THR A 19 6.50 3.55 -7.99
C THR A 19 6.33 3.67 -6.49
N ARG A 20 5.27 4.33 -6.02
CA ARG A 20 5.00 4.37 -4.59
C ARG A 20 4.74 2.97 -4.05
N ILE A 21 3.96 2.18 -4.78
CA ILE A 21 3.68 0.81 -4.35
C ILE A 21 4.98 0.01 -4.29
N ILE A 22 5.77 0.08 -5.36
CA ILE A 22 7.05 -0.64 -5.40
C ILE A 22 7.99 -0.14 -4.30
N TRP A 23 7.95 1.16 -4.02
CA TRP A 23 8.84 1.73 -3.02
C TRP A 23 8.70 1.01 -1.68
N GLU A 24 7.46 0.73 -1.27
CA GLU A 24 7.25 0.04 0.01
C GLU A 24 7.74 -1.39 -0.05
N LEU A 25 7.50 -2.10 -1.16
CA LEU A 25 7.98 -3.47 -1.27
C LEU A 25 9.50 -3.53 -1.12
N ILE A 26 10.20 -2.55 -1.71
CA ILE A 26 11.66 -2.52 -1.59
C ILE A 26 12.06 -2.37 -0.13
N LYS A 27 11.42 -1.43 0.58
CA LYS A 27 11.76 -1.23 1.98
C LYS A 27 11.47 -2.47 2.81
N GLU A 28 10.29 -3.08 2.59
CA GLU A 28 9.86 -4.18 3.43
C GLU A 28 10.57 -5.50 3.13
N LYS A 29 10.97 -5.71 1.88
CA LYS A 29 11.53 -7.00 1.47
C LYS A 29 13.04 -7.00 1.33
N LEU A 30 13.65 -5.86 0.99
CA LEU A 30 15.07 -5.82 0.65
C LEU A 30 15.91 -4.96 1.58
N ILE A 31 15.34 -3.91 2.17
CA ILE A 31 16.15 -2.96 2.94
C ILE A 31 15.96 -3.20 4.43
N PHE A 32 14.74 -3.00 4.92
CA PHE A 32 14.51 -3.08 6.36
C PHE A 32 14.91 -4.42 6.98
N PRO A 33 14.69 -5.57 6.34
CA PRO A 33 15.09 -6.84 6.96
C PRO A 33 16.58 -6.96 7.26
N TYR A 34 17.42 -6.09 6.68
CA TYR A 34 18.86 -6.20 6.86
C TYR A 34 19.54 -4.91 7.30
N VAL A 35 18.86 -3.76 7.22
CA VAL A 35 19.47 -2.46 7.52
C VAL A 35 18.52 -1.66 8.40
N GLU A 36 19.04 -1.11 9.49
CA GLU A 36 18.34 -0.14 10.31
C GLU A 36 18.87 1.24 9.95
N LEU A 37 17.96 2.17 9.63
CA LEU A 37 18.32 3.47 9.10
C LEU A 37 17.77 4.58 9.98
N ASP A 38 18.50 5.69 10.01
CA ASP A 38 17.97 6.95 10.56
C ASP A 38 17.33 7.71 9.41
N LEU A 39 16.13 7.28 9.05
CA LEU A 39 15.44 7.84 7.89
C LEU A 39 14.81 9.19 8.21
N HIS A 40 14.96 10.12 7.28
CA HIS A 40 14.27 11.41 7.31
C HIS A 40 13.31 11.39 6.13
N SER A 41 12.07 11.01 6.40
CA SER A 41 11.11 10.74 5.34
C SER A 41 10.29 11.99 5.04
N TYR A 42 10.14 12.29 3.75
CA TYR A 42 9.29 13.38 3.28
C TYR A 42 8.35 12.78 2.25
N ASP A 43 7.05 12.95 2.48
CA ASP A 43 6.04 12.36 1.59
C ASP A 43 5.81 13.34 0.46
N LEU A 44 6.38 13.04 -0.71
CA LEU A 44 6.16 13.85 -1.89
C LEU A 44 5.03 13.31 -2.76
N GLY A 45 4.14 12.51 -2.18
CA GLY A 45 2.91 12.16 -2.85
C GLY A 45 2.14 13.41 -3.25
N ILE A 46 1.45 13.31 -4.38
CA ILE A 46 0.79 14.49 -4.94
C ILE A 46 -0.15 15.11 -3.91
N GLU A 47 -0.83 14.28 -3.12
CA GLU A 47 -1.82 14.81 -2.20
C GLU A 47 -1.19 15.50 -1.00
N ASN A 48 0.00 15.06 -0.57
CA ASN A 48 0.65 15.74 0.54
C ASN A 48 1.31 17.04 0.06
N ARG A 49 1.87 17.04 -1.16
CA ARG A 49 2.39 18.27 -1.73
C ARG A 49 1.30 19.33 -1.83
N ASP A 50 0.11 18.93 -2.26
CA ASP A 50 -1.00 19.87 -2.32
C ASP A 50 -1.35 20.38 -0.93
N ALA A 51 -1.37 19.48 0.06
CA ALA A 51 -1.76 19.89 1.42
C ALA A 51 -0.77 20.89 2.01
N THR A 52 0.52 20.73 1.70
CA THR A 52 1.56 21.61 2.22
C THR A 52 1.93 22.71 1.24
N ASN A 53 1.14 22.94 0.20
CA ASN A 53 1.41 23.96 -0.80
C ASN A 53 2.83 23.81 -1.36
N ASP A 54 3.24 22.56 -1.55
CA ASP A 54 4.54 22.18 -2.10
C ASP A 54 5.71 22.52 -1.17
N GLN A 55 5.44 22.91 0.08
CA GLN A 55 6.54 23.21 0.98
C GLN A 55 7.36 21.97 1.30
N VAL A 56 6.73 20.80 1.38
CA VAL A 56 7.45 19.57 1.70
C VAL A 56 8.53 19.29 0.67
N THR A 57 8.30 19.67 -0.59
CA THR A 57 9.32 19.49 -1.62
C THR A 57 10.55 20.32 -1.32
N LYS A 58 10.35 21.57 -0.92
CA LYS A 58 11.48 22.44 -0.58
C LYS A 58 12.19 21.95 0.66
N ASP A 59 11.42 21.51 1.67
CA ASP A 59 12.00 20.98 2.89
C ASP A 59 12.90 19.79 2.59
N ALA A 60 12.42 18.87 1.75
CA ALA A 60 13.22 17.71 1.40
C ALA A 60 14.54 18.12 0.76
N ALA A 61 14.49 19.12 -0.14
CA ALA A 61 15.71 19.56 -0.79
C ALA A 61 16.74 20.05 0.22
N GLU A 62 16.30 20.86 1.19
CA GLU A 62 17.24 21.35 2.20
C GLU A 62 17.72 20.21 3.09
N ALA A 63 16.84 19.25 3.38
CA ALA A 63 17.25 18.09 4.17
C ALA A 63 18.35 17.33 3.44
N ILE A 64 18.27 17.26 2.11
CA ILE A 64 19.33 16.61 1.33
C ILE A 64 20.64 17.37 1.51
N LYS A 65 20.59 18.70 1.48
CA LYS A 65 21.79 19.48 1.77
C LYS A 65 22.36 19.11 3.14
N LYS A 66 21.48 18.83 4.11
CA LYS A 66 21.90 18.59 5.48
C LYS A 66 22.53 17.22 5.67
N HIS A 67 21.92 16.18 5.09
CA HIS A 67 22.33 14.81 5.34
C HIS A 67 23.12 14.19 4.19
N ASN A 68 23.19 14.87 3.05
CA ASN A 68 24.09 14.59 1.93
C ASN A 68 23.62 13.41 1.08
N VAL A 69 22.62 12.65 1.51
CA VAL A 69 22.17 11.48 0.77
C VAL A 69 20.65 11.52 0.68
N GLY A 70 20.12 11.55 -0.53
CA GLY A 70 18.70 11.45 -0.76
C GLY A 70 18.39 10.32 -1.71
N VAL A 71 17.28 9.63 -1.46
CA VAL A 71 16.75 8.61 -2.36
C VAL A 71 15.30 8.97 -2.61
N LYS A 72 14.93 9.11 -3.89
CA LYS A 72 13.64 9.68 -4.25
C LYS A 72 12.83 8.72 -5.08
N CYS A 73 11.56 8.55 -4.70
CA CYS A 73 10.59 7.82 -5.51
C CYS A 73 10.05 8.73 -6.60
N ALA A 74 9.65 8.14 -7.73
CA ALA A 74 9.07 8.91 -8.81
C ALA A 74 7.80 9.61 -8.35
N THR A 75 7.59 10.83 -8.87
CA THR A 75 6.46 11.65 -8.47
C THR A 75 5.69 12.13 -9.69
N ILE A 76 4.48 12.63 -9.44
CA ILE A 76 3.62 13.19 -10.47
C ILE A 76 3.95 14.67 -10.62
N THR A 77 4.21 15.11 -11.85
CA THR A 77 4.19 16.53 -12.16
C THR A 77 2.84 16.87 -12.77
N PRO A 78 1.97 17.61 -12.07
CA PRO A 78 0.59 17.74 -12.54
C PRO A 78 0.41 18.72 -13.69
N ASP A 79 -0.44 18.32 -14.64
CA ASP A 79 -0.98 19.20 -15.66
C ASP A 79 -2.47 19.40 -15.36
N GLU A 80 -3.21 19.98 -16.31
CA GLU A 80 -4.62 20.26 -16.07
C GLU A 80 -5.38 18.98 -15.73
N LYS A 81 -5.12 17.90 -16.45
CA LYS A 81 -5.83 16.65 -16.19
C LYS A 81 -5.58 16.18 -14.78
N ARG A 82 -4.35 16.34 -14.28
CA ARG A 82 -4.04 15.90 -12.93
C ARG A 82 -4.72 16.78 -11.88
N VAL A 83 -4.89 18.07 -12.17
CA VAL A 83 -5.61 18.94 -11.24
C VAL A 83 -7.04 18.45 -11.07
N GLU A 84 -7.68 18.07 -12.18
CA GLU A 84 -9.04 17.54 -12.08
C GLU A 84 -9.04 16.20 -11.35
N GLU A 85 -8.05 15.36 -11.62
CA GLU A 85 -7.98 14.04 -10.98
C GLU A 85 -7.92 14.18 -9.47
N PHE A 86 -6.99 15.01 -8.97
CA PHE A 86 -6.76 15.14 -7.55
C PHE A 86 -7.34 16.41 -6.94
N LYS A 87 -8.10 17.18 -7.70
CA LYS A 87 -8.69 18.43 -7.21
C LYS A 87 -7.65 19.31 -6.52
N LEU A 88 -6.56 19.55 -7.24
CA LEU A 88 -5.42 20.27 -6.68
C LEU A 88 -5.71 21.76 -6.57
N LYS A 89 -5.03 22.41 -5.60
CA LYS A 89 -5.14 23.86 -5.48
C LYS A 89 -4.49 24.56 -6.66
N GLN A 90 -3.30 24.09 -7.05
CA GLN A 90 -2.55 24.66 -8.16
C GLN A 90 -2.00 23.54 -9.00
N MET A 91 -1.55 23.89 -10.20
CA MET A 91 -0.86 22.97 -11.10
C MET A 91 0.62 23.00 -10.71
N TRP A 92 0.94 22.27 -9.64
CA TRP A 92 2.25 22.35 -9.01
C TRP A 92 3.39 21.99 -9.96
N LYS A 93 4.53 22.65 -9.74
CA LYS A 93 5.72 22.42 -10.56
C LYS A 93 6.37 21.08 -10.20
N SER A 94 7.11 20.54 -11.17
CA SER A 94 7.84 19.30 -10.98
C SER A 94 8.71 19.36 -9.73
N PRO A 95 8.51 18.46 -8.76
CA PRO A 95 9.42 18.45 -7.60
C PRO A 95 10.85 18.06 -7.96
N ASN A 96 11.04 17.30 -9.04
CA ASN A 96 12.39 17.02 -9.50
C ASN A 96 13.09 18.30 -9.94
N GLY A 97 12.38 19.16 -10.69
CA GLY A 97 12.95 20.43 -11.06
C GLY A 97 13.27 21.31 -9.86
N THR A 98 12.36 21.36 -8.89
CA THR A 98 12.60 22.14 -7.69
C THR A 98 13.84 21.65 -6.95
N ILE A 99 13.93 20.33 -6.71
CA ILE A 99 15.07 19.79 -5.99
C ILE A 99 16.36 20.01 -6.77
N ARG A 100 16.33 19.73 -8.07
CA ARG A 100 17.54 19.86 -8.88
C ARG A 100 18.00 21.32 -8.95
N ASN A 101 17.06 22.25 -9.10
CA ASN A 101 17.43 23.66 -9.18
C ASN A 101 17.99 24.17 -7.85
N ILE A 102 17.55 23.59 -6.73
CA ILE A 102 18.06 24.03 -5.43
C ILE A 102 19.47 23.51 -5.21
N LEU A 103 19.69 22.23 -5.48
CA LEU A 103 20.99 21.62 -5.21
C LEU A 103 21.97 21.88 -6.34
N GLY A 104 21.50 21.88 -7.59
CA GLY A 104 22.38 22.02 -8.73
C GLY A 104 23.19 20.75 -8.97
N GLY A 105 23.99 20.80 -10.03
CA GLY A 105 24.87 19.70 -10.37
C GLY A 105 24.49 19.02 -11.67
N THR A 106 24.86 17.74 -11.80
CA THR A 106 24.67 16.98 -13.02
C THR A 106 24.01 15.65 -12.70
N VAL A 107 22.98 15.29 -13.45
CA VAL A 107 22.33 14.00 -13.30
C VAL A 107 23.00 13.02 -14.26
N PHE A 108 23.67 12.03 -13.71
CA PHE A 108 24.36 11.00 -14.50
C PHE A 108 23.46 9.77 -14.62
N ARG A 109 23.23 9.34 -15.86
CA ARG A 109 22.32 8.24 -16.15
C ARG A 109 23.01 7.23 -17.05
N GLU A 110 22.79 5.95 -16.76
CA GLU A 110 23.45 4.86 -17.46
C GLU A 110 22.60 3.61 -17.36
N ALA A 111 22.63 2.81 -18.42
CA ALA A 111 21.87 1.57 -18.44
C ALA A 111 22.45 0.56 -17.44
N ILE A 112 21.59 -0.33 -16.96
CA ILE A 112 21.99 -1.46 -16.12
C ILE A 112 21.97 -2.70 -17.01
N ILE A 113 23.14 -3.28 -17.24
CA ILE A 113 23.35 -4.25 -18.32
C ILE A 113 23.34 -5.67 -17.76
N CYS A 114 22.60 -6.55 -18.41
CA CYS A 114 22.58 -7.98 -18.11
C CYS A 114 22.95 -8.77 -19.36
N LYS A 115 23.77 -9.80 -19.17
CA LYS A 115 24.29 -10.56 -20.32
C LYS A 115 23.18 -11.07 -21.23
N ASN A 116 22.06 -11.50 -20.65
CA ASN A 116 21.04 -12.23 -21.40
C ASN A 116 19.95 -11.35 -21.98
N ILE A 117 20.11 -10.03 -21.92
CA ILE A 117 19.08 -9.10 -22.37
C ILE A 117 19.50 -8.55 -23.74
N PRO A 118 18.83 -8.90 -24.82
CA PRO A 118 19.18 -8.32 -26.12
C PRO A 118 18.84 -6.84 -26.14
N ARG A 119 19.67 -6.08 -26.84
CA ARG A 119 19.43 -4.68 -27.08
C ARG A 119 18.53 -4.47 -28.29
N LEU A 120 18.02 -3.25 -28.41
CA LEU A 120 17.34 -2.84 -29.63
C LEU A 120 18.28 -2.13 -30.58
N VAL A 121 19.38 -1.57 -30.06
CA VAL A 121 20.40 -0.92 -30.88
C VAL A 121 21.58 -1.88 -31.00
N SER A 122 22.00 -2.16 -32.23
CA SER A 122 22.89 -3.29 -32.48
C SER A 122 24.27 -3.08 -31.87
N GLY A 123 24.85 -1.88 -32.04
CA GLY A 123 26.26 -1.72 -31.79
C GLY A 123 26.70 -1.40 -30.38
N TRP A 124 25.79 -1.09 -29.47
CA TRP A 124 26.17 -0.58 -28.15
C TRP A 124 26.73 -1.71 -27.28
N VAL A 125 28.00 -2.04 -27.53
CA VAL A 125 28.69 -3.02 -26.72
C VAL A 125 29.41 -2.38 -25.54
N LYS A 126 29.64 -1.07 -25.58
CA LYS A 126 30.21 -0.31 -24.49
C LYS A 126 29.15 0.61 -23.89
N PRO A 127 29.24 0.96 -22.61
CA PRO A 127 28.18 1.75 -21.99
C PRO A 127 28.17 3.18 -22.52
N ILE A 128 27.01 3.80 -22.45
CA ILE A 128 26.83 5.22 -22.73
C ILE A 128 26.37 5.87 -21.44
N ILE A 129 27.09 6.91 -21.00
CA ILE A 129 26.78 7.63 -19.78
C ILE A 129 26.38 9.04 -20.18
N ILE A 130 25.17 9.44 -19.80
CA ILE A 130 24.66 10.78 -20.07
C ILE A 130 24.85 11.64 -18.83
N GLY A 131 25.48 12.79 -19.01
CA GLY A 131 25.56 13.78 -17.97
C GLY A 131 24.57 14.90 -18.23
N ARG A 132 23.40 14.84 -17.59
CA ARG A 132 22.33 15.78 -17.84
C ARG A 132 22.51 16.99 -16.92
N HIS A 133 22.76 18.15 -17.50
CA HIS A 133 22.77 19.40 -16.75
C HIS A 133 21.45 19.55 -16.01
N ALA A 134 21.54 19.69 -14.69
CA ALA A 134 20.36 19.63 -13.83
C ALA A 134 19.69 20.97 -13.58
N TYR A 135 20.16 22.05 -14.22
CA TYR A 135 19.74 23.40 -13.86
C TYR A 135 19.29 24.17 -15.10
N GLY A 136 18.19 24.91 -14.94
CA GLY A 136 17.82 25.94 -15.90
C GLY A 136 17.11 25.41 -17.14
N ASP A 137 17.20 26.22 -18.21
CA ASP A 137 16.55 25.94 -19.47
C ASP A 137 15.06 25.72 -19.23
N GLN A 138 14.45 24.70 -19.83
CA GLN A 138 13.00 24.57 -19.75
C GLN A 138 12.51 24.38 -18.31
N TYR A 139 13.36 23.86 -17.43
CA TYR A 139 12.94 23.49 -16.09
C TYR A 139 12.94 24.67 -15.12
N ARG A 140 13.32 25.87 -15.58
CA ARG A 140 13.17 27.08 -14.80
C ARG A 140 12.65 28.21 -15.69
N ALA A 141 11.81 27.87 -16.66
CA ALA A 141 11.36 28.82 -17.66
C ALA A 141 10.09 29.54 -17.22
N THR A 142 9.75 30.59 -17.96
CA THR A 142 8.56 31.40 -17.73
C THR A 142 7.76 31.42 -19.03
N ASP A 143 6.75 30.56 -19.10
CA ASP A 143 5.90 30.42 -20.29
C ASP A 143 4.48 30.88 -19.98
N PHE A 144 3.80 31.35 -21.01
CA PHE A 144 2.43 31.84 -20.87
C PHE A 144 1.73 31.78 -22.22
N VAL A 145 0.40 31.74 -22.17
CA VAL A 145 -0.41 31.77 -23.37
C VAL A 145 -0.58 33.23 -23.80
N VAL A 146 -0.50 33.46 -25.10
CA VAL A 146 -0.77 34.78 -25.67
C VAL A 146 -2.23 34.77 -26.15
N PRO A 147 -3.15 35.45 -25.45
CA PRO A 147 -4.57 35.30 -25.80
C PRO A 147 -4.98 35.97 -27.10
N GLY A 148 -4.21 36.95 -27.60
CA GLY A 148 -4.58 37.65 -28.80
C GLY A 148 -3.48 38.55 -29.32
N PRO A 149 -3.80 39.36 -30.33
CA PRO A 149 -2.78 40.24 -30.93
C PRO A 149 -2.07 41.07 -29.88
N GLY A 150 -0.81 41.38 -30.15
CA GLY A 150 0.01 42.11 -29.21
C GLY A 150 1.48 41.89 -29.48
N LYS A 151 2.27 42.54 -28.62
CA LYS A 151 3.72 42.60 -28.75
C LYS A 151 4.37 41.88 -27.59
N VAL A 152 5.24 40.93 -27.88
CA VAL A 152 6.02 40.21 -26.87
C VAL A 152 7.48 40.65 -26.99
N GLU A 153 8.03 41.13 -25.89
CA GLU A 153 9.42 41.58 -25.84
C GLU A 153 10.12 40.89 -24.69
N ILE A 154 11.45 40.82 -24.79
CA ILE A 154 12.31 40.36 -23.71
C ILE A 154 13.38 41.41 -23.50
N THR A 155 13.61 41.78 -22.24
CA THR A 155 14.47 42.91 -21.90
C THR A 155 15.46 42.50 -20.83
N TYR A 156 16.65 43.10 -20.88
CA TYR A 156 17.69 42.90 -19.88
C TYR A 156 18.05 44.24 -19.28
N THR A 157 17.89 44.36 -17.96
CA THR A 157 18.19 45.59 -17.24
C THR A 157 19.40 45.41 -16.33
N PRO A 158 20.57 45.95 -16.69
CA PRO A 158 21.74 45.79 -15.81
C PRO A 158 21.47 46.40 -14.44
N SER A 159 22.05 45.77 -13.41
CA SER A 159 21.87 46.26 -12.05
C SER A 159 22.75 47.46 -11.74
N ASP A 160 23.78 47.72 -12.54
CA ASP A 160 24.65 48.87 -12.34
C ASP A 160 24.17 50.13 -13.06
N GLY A 161 22.94 50.14 -13.57
CA GLY A 161 22.38 51.34 -14.18
C GLY A 161 22.68 51.54 -15.65
N THR A 162 23.47 50.68 -16.27
CA THR A 162 23.82 50.82 -17.67
C THR A 162 22.59 50.61 -18.54
N GLN A 163 22.76 50.78 -19.86
CA GLN A 163 21.63 50.79 -20.77
C GLN A 163 20.73 49.58 -20.58
N LYS A 164 19.43 49.80 -20.69
CA LYS A 164 18.46 48.71 -20.82
C LYS A 164 18.50 48.20 -22.25
N VAL A 165 18.52 46.89 -22.41
CA VAL A 165 18.51 46.27 -23.74
C VAL A 165 17.15 45.62 -23.94
N THR A 166 16.55 45.87 -25.11
CA THR A 166 15.23 45.38 -25.44
C THR A 166 15.28 44.62 -26.75
N TYR A 167 14.65 43.45 -26.79
CA TYR A 167 14.59 42.63 -27.99
C TYR A 167 13.13 42.33 -28.28
N LEU A 168 12.76 42.40 -29.56
CA LEU A 168 11.43 41.99 -29.98
C LEU A 168 11.41 40.47 -30.10
N VAL A 169 10.50 39.82 -29.39
CA VAL A 169 10.31 38.39 -29.56
C VAL A 169 9.36 38.10 -30.72
N HIS A 170 8.21 38.75 -30.72
CA HIS A 170 7.27 38.63 -31.84
C HIS A 170 6.08 39.56 -31.64
N ASN A 171 5.55 40.09 -32.73
CA ASN A 171 4.31 40.85 -32.72
C ASN A 171 3.21 39.97 -33.30
N PHE A 172 2.28 39.53 -32.44
CA PHE A 172 1.14 38.75 -32.90
C PHE A 172 0.14 39.68 -33.55
N GLU A 173 -0.06 39.51 -34.87
CA GLU A 173 -0.93 40.39 -35.64
C GLU A 173 -2.34 39.82 -35.82
N GLU A 174 -2.46 38.51 -35.98
CA GLU A 174 -3.76 37.86 -36.12
C GLU A 174 -3.80 36.66 -35.17
N GLY A 175 -4.69 36.73 -34.19
CA GLY A 175 -4.85 35.67 -33.22
C GLY A 175 -3.77 35.70 -32.14
N GLY A 176 -3.72 34.60 -31.40
CA GLY A 176 -2.76 34.48 -30.32
C GLY A 176 -1.82 33.30 -30.48
N GLY A 177 -1.28 32.83 -29.36
CA GLY A 177 -0.35 31.72 -29.37
C GLY A 177 0.30 31.53 -28.02
N VAL A 178 1.61 31.31 -28.01
CA VAL A 178 2.36 31.08 -26.77
C VAL A 178 3.70 31.79 -26.88
N ALA A 179 4.23 32.15 -25.72
CA ALA A 179 5.54 32.78 -25.62
C ALA A 179 6.22 32.24 -24.36
N MET A 180 7.53 32.47 -24.27
CA MET A 180 8.28 31.89 -23.17
C MET A 180 9.64 32.55 -23.08
N GLY A 181 10.14 32.63 -21.85
CA GLY A 181 11.49 33.08 -21.57
C GLY A 181 12.28 31.97 -20.91
N MET A 182 13.57 31.92 -21.22
CA MET A 182 14.46 30.90 -20.69
C MET A 182 15.79 31.55 -20.34
N TYR A 183 16.58 30.85 -19.52
CA TYR A 183 17.89 31.37 -19.15
C TYR A 183 18.77 30.24 -18.66
N ASN A 184 20.06 30.54 -18.50
CA ASN A 184 20.97 29.69 -17.75
C ASN A 184 22.08 30.57 -17.22
N GLN A 185 22.91 29.98 -16.35
CA GLN A 185 23.86 30.73 -15.53
C GLN A 185 25.27 30.23 -15.76
N ASP A 186 26.20 31.17 -15.91
CA ASP A 186 27.58 30.84 -16.20
C ASP A 186 28.14 29.83 -15.20
N LYS A 187 27.99 30.10 -13.90
CA LYS A 187 28.57 29.21 -12.90
C LYS A 187 28.00 27.81 -13.01
N SER A 188 26.68 27.69 -13.20
CA SER A 188 26.07 26.37 -13.37
C SER A 188 26.66 25.65 -14.56
N ILE A 189 26.84 26.35 -15.69
CA ILE A 189 27.43 25.71 -16.86
C ILE A 189 28.86 25.29 -16.56
N GLU A 190 29.60 26.14 -15.83
CA GLU A 190 30.98 25.80 -15.50
C GLU A 190 31.05 24.54 -14.64
N ASP A 191 30.19 24.45 -13.63
CA ASP A 191 30.11 23.23 -12.84
C ASP A 191 29.76 22.04 -13.72
N PHE A 192 28.77 22.22 -14.61
CA PHE A 192 28.38 21.18 -15.54
C PHE A 192 29.56 20.70 -16.37
N ALA A 193 30.38 21.64 -16.86
CA ALA A 193 31.53 21.27 -17.67
C ALA A 193 32.55 20.48 -16.85
N HIS A 194 32.90 20.98 -15.66
CA HIS A 194 33.87 20.29 -14.83
C HIS A 194 33.42 18.86 -14.53
N SER A 195 32.16 18.70 -14.11
CA SER A 195 31.64 17.37 -13.82
C SER A 195 31.71 16.46 -15.05
N SER A 196 31.57 17.04 -16.24
CA SER A 196 31.58 16.24 -17.46
C SER A 196 33.00 15.75 -17.78
N PHE A 197 33.97 16.67 -17.73
CA PHE A 197 35.36 16.29 -18.01
C PHE A 197 35.86 15.27 -16.98
N GLN A 198 35.50 15.46 -15.71
CA GLN A 198 35.97 14.56 -14.67
C GLN A 198 35.37 13.17 -14.80
N MET A 199 34.11 13.10 -15.24
CA MET A 199 33.49 11.79 -15.44
C MET A 199 34.16 11.04 -16.59
N ALA A 200 34.49 11.74 -17.67
CA ALA A 200 35.18 11.10 -18.79
C ALA A 200 36.56 10.59 -18.38
N LEU A 201 37.32 11.40 -17.64
CA LEU A 201 38.63 10.97 -17.19
C LEU A 201 38.53 9.81 -16.21
N SER A 202 37.46 9.77 -15.41
CA SER A 202 37.31 8.69 -14.44
C SER A 202 37.03 7.36 -15.13
N LYS A 203 36.22 7.38 -16.20
CA LYS A 203 35.89 6.18 -16.94
C LYS A 203 36.88 5.86 -18.05
N GLY A 204 37.72 6.81 -18.44
CA GLY A 204 38.65 6.58 -19.55
C GLY A 204 37.98 6.59 -20.90
N TRP A 205 36.96 7.43 -21.09
CA TRP A 205 36.18 7.51 -22.31
C TRP A 205 36.18 8.92 -22.86
N PRO A 206 35.99 9.09 -24.17
CA PRO A 206 35.86 10.43 -24.73
C PRO A 206 34.54 11.07 -24.29
N LEU A 207 34.50 12.40 -24.41
CA LEU A 207 33.35 13.19 -24.01
C LEU A 207 32.83 13.96 -25.21
N TYR A 208 31.51 14.01 -25.35
CA TYR A 208 30.85 14.80 -26.38
C TYR A 208 29.80 15.69 -25.74
N LEU A 209 29.78 16.96 -26.15
CA LEU A 209 28.76 17.90 -25.76
C LEU A 209 27.86 18.16 -26.96
N SER A 210 26.55 18.11 -26.75
CA SER A 210 25.57 18.33 -27.80
C SER A 210 24.86 19.65 -27.54
N THR A 211 24.80 20.50 -28.56
CA THR A 211 23.99 21.71 -28.52
C THR A 211 23.42 21.96 -29.91
N LYS A 212 22.76 23.10 -30.09
CA LYS A 212 22.27 23.56 -31.38
C LYS A 212 22.74 24.99 -31.64
N ASN A 213 24.05 25.21 -31.50
CA ASN A 213 24.61 26.55 -31.56
C ASN A 213 24.55 27.16 -32.96
N THR A 214 24.26 26.37 -34.00
CA THR A 214 24.07 26.94 -35.32
C THR A 214 22.77 27.75 -35.41
N ILE A 215 21.80 27.45 -34.55
CA ILE A 215 20.53 28.17 -34.52
C ILE A 215 20.47 29.14 -33.35
N LEU A 216 20.85 28.67 -32.16
CA LEU A 216 20.96 29.51 -30.96
C LEU A 216 22.42 29.87 -30.79
N LYS A 217 22.86 30.89 -31.55
CA LYS A 217 24.29 31.21 -31.61
C LYS A 217 24.80 31.72 -30.27
N LYS A 218 23.99 32.49 -29.55
CA LYS A 218 24.41 33.02 -28.25
C LYS A 218 24.10 32.07 -27.11
N TYR A 219 22.86 31.59 -27.02
CA TYR A 219 22.47 30.73 -25.92
C TYR A 219 23.32 29.46 -25.87
N ASP A 220 23.31 28.70 -26.97
CA ASP A 220 24.07 27.45 -26.99
C ASP A 220 25.56 27.68 -27.22
N GLY A 221 25.92 28.78 -27.90
CA GLY A 221 27.33 29.11 -28.04
C GLY A 221 28.01 29.30 -26.71
N ARG A 222 27.29 29.82 -25.72
CA ARG A 222 27.87 30.00 -24.39
C ARG A 222 28.26 28.66 -23.78
N PHE A 223 27.39 27.65 -23.91
CA PHE A 223 27.76 26.30 -23.45
C PHE A 223 29.03 25.82 -24.16
N LYS A 224 29.06 25.95 -25.48
CA LYS A 224 30.21 25.48 -26.24
C LYS A 224 31.49 26.20 -25.82
N ASP A 225 31.42 27.52 -25.66
CA ASP A 225 32.62 28.28 -25.31
C ASP A 225 33.13 27.91 -23.92
N ILE A 226 32.23 27.86 -22.93
CA ILE A 226 32.65 27.55 -21.57
C ILE A 226 33.31 26.19 -21.51
N PHE A 227 32.71 25.19 -22.17
CA PHE A 227 33.31 23.86 -22.20
C PHE A 227 34.69 23.89 -22.82
N GLN A 228 34.84 24.58 -23.96
CA GLN A 228 36.13 24.59 -24.65
C GLN A 228 37.19 25.32 -23.83
N GLU A 229 36.84 26.44 -23.22
CA GLU A 229 37.79 27.16 -22.35
C GLU A 229 38.29 26.27 -21.23
N ILE A 230 37.36 25.72 -20.44
CA ILE A 230 37.74 24.87 -19.32
C ILE A 230 38.54 23.67 -19.81
N TYR A 231 38.20 23.15 -20.99
CA TYR A 231 38.95 22.01 -21.54
C TYR A 231 40.38 22.40 -21.87
N ASP A 232 40.57 23.47 -22.65
CA ASP A 232 41.90 23.85 -23.10
C ASP A 232 42.80 24.21 -21.91
N LYS A 233 42.24 24.84 -20.90
CA LYS A 233 43.03 25.38 -19.79
C LYS A 233 43.28 24.39 -18.67
N GLN A 234 42.42 23.37 -18.52
CA GLN A 234 42.46 22.54 -17.33
C GLN A 234 42.35 21.04 -17.55
N TYR A 235 42.01 20.58 -18.75
CA TYR A 235 41.78 19.15 -18.97
C TYR A 235 42.40 18.58 -20.23
N LYS A 236 42.80 19.38 -21.21
CA LYS A 236 43.27 18.83 -22.47
C LYS A 236 44.44 17.87 -22.24
N SER A 237 45.41 18.28 -21.44
CA SER A 237 46.59 17.44 -21.22
C SER A 237 46.21 16.12 -20.57
N GLN A 238 45.29 16.14 -19.60
CA GLN A 238 44.90 14.90 -18.94
C GLN A 238 44.17 13.96 -19.91
N PHE A 239 43.33 14.53 -20.78
CA PHE A 239 42.64 13.72 -21.76
C PHE A 239 43.63 13.01 -22.68
N GLU A 240 44.65 13.72 -23.15
CA GLU A 240 45.64 13.12 -24.03
C GLU A 240 46.42 12.01 -23.33
N ALA A 241 46.68 12.17 -22.02
CA ALA A 241 47.41 11.14 -21.29
C ALA A 241 46.67 9.81 -21.28
N GLN A 242 45.35 9.86 -21.23
CA GLN A 242 44.50 8.67 -21.24
C GLN A 242 44.00 8.29 -22.63
N LYS A 243 44.45 8.99 -23.67
CA LYS A 243 44.10 8.67 -25.06
C LYS A 243 42.60 8.85 -25.32
N ILE A 244 42.01 9.88 -24.72
CA ILE A 244 40.63 10.25 -25.00
C ILE A 244 40.57 11.69 -25.50
N TRP A 245 39.38 12.17 -25.82
CA TRP A 245 39.23 13.50 -26.43
C TRP A 245 37.88 14.08 -26.04
N TYR A 246 37.75 15.39 -26.29
CA TYR A 246 36.48 16.10 -26.15
C TYR A 246 36.16 16.82 -27.45
N GLU A 247 34.88 16.75 -27.86
CA GLU A 247 34.42 17.47 -29.04
C GLU A 247 32.97 17.90 -28.85
N HIS A 248 32.66 19.07 -29.39
CA HIS A 248 31.28 19.56 -29.45
C HIS A 248 30.61 19.06 -30.71
N ARG A 249 29.32 18.73 -30.60
CA ARG A 249 28.55 18.21 -31.72
C ARG A 249 27.17 18.86 -31.73
N LEU A 250 26.63 19.03 -32.93
CA LEU A 250 25.23 19.42 -33.06
C LEU A 250 24.34 18.28 -32.59
N ILE A 251 23.26 18.62 -31.89
CA ILE A 251 22.44 17.61 -31.22
C ILE A 251 21.93 16.57 -32.22
N ASP A 252 21.44 17.02 -33.37
CA ASP A 252 20.90 16.08 -34.33
C ASP A 252 22.00 15.21 -34.92
N ASP A 253 23.19 15.78 -35.14
CA ASP A 253 24.33 14.97 -35.52
C ASP A 253 24.67 13.97 -34.43
N MET A 254 24.54 14.40 -33.16
CA MET A 254 24.99 13.56 -32.05
C MET A 254 24.10 12.34 -31.87
N VAL A 255 22.77 12.52 -31.92
CA VAL A 255 21.89 11.37 -31.73
C VAL A 255 22.11 10.34 -32.82
N ALA A 256 22.41 10.79 -34.04
CA ALA A 256 22.73 9.86 -35.11
C ALA A 256 24.06 9.18 -34.84
N GLN A 257 25.09 9.95 -34.48
CA GLN A 257 26.38 9.36 -34.14
C GLN A 257 26.24 8.31 -33.05
N ALA A 258 25.46 8.62 -32.01
CA ALA A 258 25.27 7.66 -30.93
C ALA A 258 24.55 6.41 -31.42
N MET A 259 23.50 6.59 -32.23
CA MET A 259 22.74 5.44 -32.73
C MET A 259 23.65 4.44 -33.43
N LYS A 260 24.58 4.91 -34.26
CA LYS A 260 25.42 3.99 -35.01
C LYS A 260 26.71 3.65 -34.27
N SER A 261 26.98 4.28 -33.13
CA SER A 261 28.24 4.04 -32.44
C SER A 261 28.20 2.68 -31.75
N GLU A 262 29.33 2.30 -31.19
CA GLU A 262 29.44 1.12 -30.34
C GLU A 262 29.42 1.47 -28.86
N GLY A 263 29.06 2.71 -28.52
CA GLY A 263 29.05 3.14 -27.15
C GLY A 263 30.44 3.52 -26.63
N GLY A 264 30.53 3.60 -25.31
CA GLY A 264 31.78 3.88 -24.65
C GLY A 264 32.18 5.33 -24.68
N PHE A 265 31.25 6.22 -24.35
CA PHE A 265 31.57 7.64 -24.28
C PHE A 265 30.67 8.31 -23.26
N ILE A 266 31.10 9.49 -22.83
CA ILE A 266 30.30 10.36 -21.97
C ILE A 266 29.61 11.37 -22.86
N TRP A 267 28.33 11.63 -22.57
CA TRP A 267 27.48 12.48 -23.40
C TRP A 267 26.91 13.57 -22.49
N ALA A 268 27.52 14.75 -22.54
CA ALA A 268 27.01 15.89 -21.80
C ALA A 268 25.84 16.50 -22.56
N CYS A 269 24.68 16.54 -21.90
CA CYS A 269 23.45 17.02 -22.52
C CYS A 269 22.91 18.21 -21.72
N LYS A 270 22.43 19.22 -22.43
CA LYS A 270 21.61 20.23 -21.78
C LYS A 270 20.41 19.56 -21.12
N ASN A 271 19.85 20.26 -20.13
CA ASN A 271 18.81 19.69 -19.28
C ASN A 271 17.74 18.96 -20.11
N TYR A 272 17.14 19.66 -21.07
CA TYR A 272 16.05 19.07 -21.85
C TYR A 272 16.53 17.85 -22.64
N ASP A 273 17.69 17.95 -23.29
CA ASP A 273 18.18 16.84 -24.09
C ASP A 273 18.51 15.63 -23.24
N GLY A 274 19.00 15.85 -22.01
CA GLY A 274 19.27 14.73 -21.13
C GLY A 274 18.02 13.94 -20.77
N ASP A 275 16.93 14.65 -20.50
CA ASP A 275 15.66 13.96 -20.23
C ASP A 275 15.25 13.11 -21.42
N VAL A 276 15.18 13.70 -22.61
CA VAL A 276 14.71 12.97 -23.78
C VAL A 276 15.62 11.79 -24.07
N GLN A 277 16.91 12.06 -24.27
CA GLN A 277 17.82 11.03 -24.76
C GLN A 277 18.09 9.96 -23.71
N SER A 278 17.94 10.26 -22.42
CA SER A 278 18.15 9.23 -21.42
C SER A 278 17.09 8.14 -21.52
N ASP A 279 15.84 8.51 -21.85
CA ASP A 279 14.83 7.50 -22.10
C ASP A 279 15.13 6.74 -23.39
N SER A 280 15.57 7.44 -24.43
CA SER A 280 15.94 6.75 -25.67
C SER A 280 17.07 5.76 -25.43
N VAL A 281 18.11 6.19 -24.71
CA VAL A 281 19.25 5.32 -24.47
C VAL A 281 18.83 4.13 -23.60
N ALA A 282 18.09 4.39 -22.53
CA ALA A 282 17.66 3.31 -21.65
C ALA A 282 16.87 2.27 -22.43
N GLN A 283 15.91 2.73 -23.24
CA GLN A 283 15.13 1.80 -24.05
C GLN A 283 16.01 1.09 -25.07
N GLY A 284 17.00 1.81 -25.62
CA GLY A 284 17.89 1.20 -26.59
C GLY A 284 18.66 0.03 -26.00
N TYR A 285 19.06 0.15 -24.74
CA TYR A 285 19.74 -0.96 -24.07
C TYR A 285 18.76 -2.02 -23.59
N GLY A 286 17.46 -1.72 -23.60
CA GLY A 286 16.44 -2.71 -23.33
C GLY A 286 15.21 -2.29 -22.54
N SER A 287 15.35 -1.44 -21.53
CA SER A 287 14.21 -1.13 -20.68
C SER A 287 14.43 0.13 -19.87
N LEU A 288 13.37 0.95 -19.76
CA LEU A 288 13.47 2.16 -18.94
C LEU A 288 13.73 1.80 -17.48
N GLY A 289 13.30 0.61 -17.05
CA GLY A 289 13.55 0.21 -15.69
C GLY A 289 14.97 -0.22 -15.41
N MET A 290 15.77 -0.44 -16.45
CA MET A 290 17.16 -0.83 -16.29
C MET A 290 18.08 0.36 -16.51
N MET A 291 18.04 1.30 -15.57
CA MET A 291 18.86 2.50 -15.68
C MET A 291 19.06 3.11 -14.30
N THR A 292 20.28 3.58 -14.03
CA THR A 292 20.57 4.35 -12.84
C THR A 292 20.49 5.85 -13.14
N SER A 293 20.17 6.62 -12.11
CA SER A 293 20.07 8.07 -12.23
C SER A 293 20.42 8.69 -10.89
N VAL A 294 21.56 9.37 -10.82
CA VAL A 294 22.07 9.96 -9.59
C VAL A 294 22.44 11.41 -9.88
N LEU A 295 21.84 12.35 -9.15
CA LEU A 295 22.25 13.74 -9.21
C LEU A 295 23.50 13.91 -8.37
N VAL A 296 24.59 14.34 -9.00
CA VAL A 296 25.86 14.54 -8.33
C VAL A 296 26.06 16.04 -8.20
N CYS A 297 26.07 16.53 -6.97
CA CYS A 297 26.16 17.96 -6.73
C CYS A 297 27.60 18.43 -6.83
N PRO A 298 27.80 19.75 -6.98
CA PRO A 298 29.18 20.26 -7.14
C PRO A 298 30.06 20.00 -5.94
N ASP A 299 29.50 19.96 -4.73
CA ASP A 299 30.32 19.81 -3.53
C ASP A 299 31.05 18.46 -3.47
N GLY A 300 30.73 17.52 -4.35
CA GLY A 300 31.36 16.22 -4.32
C GLY A 300 30.97 15.34 -3.17
N LYS A 301 30.04 15.77 -2.32
CA LYS A 301 29.58 15.00 -1.18
C LYS A 301 28.08 14.77 -1.15
N THR A 302 27.28 15.66 -1.74
CA THR A 302 25.82 15.54 -1.71
C THR A 302 25.33 14.78 -2.94
N VAL A 303 24.29 13.97 -2.75
CA VAL A 303 23.82 13.06 -3.78
C VAL A 303 22.32 12.85 -3.62
N GLU A 304 21.64 12.71 -4.76
CA GLU A 304 20.23 12.37 -4.81
C GLU A 304 20.08 11.23 -5.81
N ALA A 305 19.78 10.03 -5.32
CA ALA A 305 19.55 8.88 -6.19
C ALA A 305 18.07 8.74 -6.53
N GLU A 306 17.80 8.40 -7.79
CA GLU A 306 16.46 8.33 -8.31
C GLU A 306 16.38 7.24 -9.36
N ALA A 307 15.16 6.85 -9.70
CA ALA A 307 14.87 6.06 -10.89
C ALA A 307 14.53 7.00 -12.03
N ALA A 308 15.24 6.87 -13.17
CA ALA A 308 15.12 7.86 -14.23
C ALA A 308 13.73 7.88 -14.85
N HIS A 309 12.91 6.87 -14.60
CA HIS A 309 11.61 6.76 -15.23
C HIS A 309 10.55 7.42 -14.34
N GLY A 310 9.35 7.54 -14.91
CA GLY A 310 8.21 8.13 -14.23
C GLY A 310 7.57 7.18 -13.23
N THR A 311 6.33 7.51 -12.86
CA THR A 311 5.60 6.73 -11.87
C THR A 311 4.87 5.57 -12.50
N VAL A 312 5.04 5.37 -13.81
CA VAL A 312 4.45 4.28 -14.56
C VAL A 312 2.95 4.25 -14.31
N THR A 313 2.27 5.31 -14.75
CA THR A 313 0.84 5.45 -14.47
C THR A 313 0.04 4.34 -15.13
N ARG A 314 0.37 4.00 -16.37
CA ARG A 314 -0.39 3.01 -17.10
C ARG A 314 -0.38 1.66 -16.38
N HIS A 315 0.77 1.28 -15.82
CA HIS A 315 0.80 0.07 -15.01
C HIS A 315 -0.01 0.25 -13.72
N TYR A 316 0.04 1.45 -13.15
CA TYR A 316 -0.68 1.69 -11.90
C TYR A 316 -2.18 1.52 -12.08
N ARG A 317 -2.72 1.97 -13.22
CA ARG A 317 -4.16 1.85 -13.43
C ARG A 317 -4.61 0.41 -13.29
N MET A 318 -3.84 -0.55 -13.82
CA MET A 318 -4.21 -1.95 -13.67
C MET A 318 -4.09 -2.41 -12.22
N TYR A 319 -3.02 -2.00 -11.53
CA TYR A 319 -2.86 -2.39 -10.12
C TYR A 319 -4.09 -2.00 -9.29
N GLN A 320 -4.54 -0.75 -9.42
CA GLN A 320 -5.70 -0.31 -8.64
C GLN A 320 -6.98 -1.00 -9.08
N LYS A 321 -7.00 -1.60 -10.27
CA LYS A 321 -8.12 -2.43 -10.67
C LYS A 321 -8.07 -3.82 -10.05
N GLY A 322 -7.02 -4.12 -9.28
CA GLY A 322 -6.85 -5.43 -8.71
C GLY A 322 -6.19 -6.44 -9.63
N GLN A 323 -5.75 -6.01 -10.80
CA GLN A 323 -5.13 -6.89 -11.79
C GLN A 323 -3.65 -7.07 -11.53
N GLU A 324 -3.14 -8.22 -11.97
CA GLU A 324 -1.71 -8.51 -11.86
C GLU A 324 -0.92 -7.53 -12.72
N THR A 325 0.22 -7.08 -12.20
CA THR A 325 1.10 -6.18 -12.93
C THR A 325 2.51 -6.74 -12.91
N SER A 326 3.31 -6.33 -13.90
CA SER A 326 4.70 -6.75 -14.01
C SER A 326 5.52 -5.51 -14.36
N THR A 327 5.95 -4.79 -13.33
CA THR A 327 6.68 -3.54 -13.47
C THR A 327 8.11 -3.78 -13.00
N ASN A 328 9.07 -3.37 -13.79
CA ASN A 328 10.47 -3.61 -13.45
C ASN A 328 10.88 -2.71 -12.29
N PRO A 329 11.25 -3.25 -11.13
CA PRO A 329 11.61 -2.41 -9.99
C PRO A 329 13.10 -2.14 -9.86
N ILE A 330 13.92 -2.61 -10.80
CA ILE A 330 15.37 -2.55 -10.62
C ILE A 330 15.83 -1.10 -10.47
N ALA A 331 15.34 -0.21 -11.33
CA ALA A 331 15.77 1.19 -11.26
C ALA A 331 15.50 1.76 -9.87
N SER A 332 14.33 1.47 -9.31
CA SER A 332 14.01 1.94 -7.97
C SER A 332 14.91 1.28 -6.93
N ILE A 333 15.21 -0.01 -7.12
CA ILE A 333 16.14 -0.69 -6.21
C ILE A 333 17.50 -0.02 -6.25
N PHE A 334 17.99 0.29 -7.45
CA PHE A 334 19.32 0.87 -7.58
C PHE A 334 19.37 2.31 -7.10
N ALA A 335 18.23 3.00 -7.04
CA ALA A 335 18.20 4.29 -6.35
C ALA A 335 18.57 4.10 -4.88
N TRP A 336 18.12 3.01 -4.27
CA TRP A 336 18.47 2.72 -2.89
C TRP A 336 19.93 2.31 -2.77
N THR A 337 20.36 1.33 -3.57
CA THR A 337 21.73 0.84 -3.47
C THR A 337 22.73 1.95 -3.77
N ARG A 338 22.44 2.79 -4.76
CA ARG A 338 23.33 3.90 -5.07
C ARG A 338 23.35 4.93 -3.95
N GLY A 339 22.19 5.20 -3.35
CA GLY A 339 22.16 6.08 -2.20
C GLY A 339 22.88 5.50 -1.00
N LEU A 340 22.59 4.23 -0.69
CA LEU A 340 23.24 3.58 0.44
C LEU A 340 24.74 3.43 0.21
N ALA A 341 25.14 3.14 -1.03
CA ALA A 341 26.55 3.05 -1.34
C ALA A 341 27.25 4.37 -1.04
N HIS A 342 26.61 5.48 -1.39
CA HIS A 342 27.19 6.79 -1.09
C HIS A 342 27.15 7.10 0.39
N ARG A 343 26.04 6.76 1.05
CA ARG A 343 25.97 6.88 2.51
C ARG A 343 27.13 6.15 3.16
N ALA A 344 27.39 4.92 2.70
CA ALA A 344 28.46 4.11 3.27
C ALA A 344 29.83 4.75 3.02
N LYS A 345 30.05 5.26 1.81
CA LYS A 345 31.34 5.87 1.49
C LYS A 345 31.63 7.04 2.43
N LEU A 346 30.65 7.95 2.58
CA LEU A 346 30.83 9.08 3.47
C LEU A 346 31.08 8.63 4.91
N ASP A 347 30.56 7.46 5.29
CA ASP A 347 30.63 6.98 6.66
C ASP A 347 31.66 5.88 6.86
N ASN A 348 32.38 5.49 5.80
CA ASN A 348 33.34 4.40 5.89
C ASN A 348 32.67 3.14 6.44
N ASN A 349 31.39 2.97 6.09
CA ASN A 349 30.59 1.85 6.58
C ASN A 349 30.80 0.67 5.65
N LYS A 350 31.83 -0.12 5.95
CA LYS A 350 32.17 -1.25 5.10
C LYS A 350 31.03 -2.26 5.02
N GLU A 351 30.28 -2.44 6.11
CA GLU A 351 29.16 -3.38 6.08
C GLU A 351 28.06 -2.89 5.16
N LEU A 352 27.71 -1.60 5.25
CA LEU A 352 26.65 -1.07 4.40
C LEU A 352 27.08 -1.06 2.93
N ALA A 353 28.32 -0.64 2.66
CA ALA A 353 28.83 -0.67 1.30
C ALA A 353 28.73 -2.07 0.71
N PHE A 354 29.09 -3.08 1.49
CA PHE A 354 28.98 -4.46 1.01
C PHE A 354 27.53 -4.82 0.70
N PHE A 355 26.60 -4.41 1.58
CA PHE A 355 25.20 -4.73 1.36
C PHE A 355 24.69 -4.09 0.06
N ALA A 356 24.98 -2.80 -0.14
CA ALA A 356 24.51 -2.11 -1.33
C ALA A 356 25.00 -2.82 -2.59
N ASN A 357 26.31 -3.12 -2.63
CA ASN A 357 26.86 -3.81 -3.79
C ASN A 357 26.29 -5.21 -3.92
N ALA A 358 26.10 -5.90 -2.79
CA ALA A 358 25.55 -7.25 -2.83
C ALA A 358 24.18 -7.25 -3.50
N LEU A 359 23.31 -6.30 -3.13
CA LEU A 359 21.97 -6.26 -3.70
C LEU A 359 22.01 -5.95 -5.20
N GLU A 360 22.94 -5.10 -5.62
CA GLU A 360 23.08 -4.85 -7.06
C GLU A 360 23.49 -6.12 -7.79
N GLU A 361 24.45 -6.87 -7.23
CA GLU A 361 24.85 -8.13 -7.85
C GLU A 361 23.68 -9.10 -7.89
N VAL A 362 22.94 -9.21 -6.79
CA VAL A 362 21.78 -10.11 -6.75
C VAL A 362 20.78 -9.71 -7.82
N SER A 363 20.57 -8.41 -8.01
CA SER A 363 19.62 -7.95 -9.01
C SER A 363 20.02 -8.43 -10.40
N ILE A 364 21.29 -8.25 -10.75
CA ILE A 364 21.77 -8.66 -12.06
C ILE A 364 21.81 -10.18 -12.17
N GLU A 365 22.31 -10.85 -11.12
CA GLU A 365 22.43 -12.31 -11.17
C GLU A 365 21.06 -12.96 -11.26
N THR A 366 20.06 -12.44 -10.56
CA THR A 366 18.72 -13.02 -10.63
C THR A 366 18.19 -12.98 -12.06
N ILE A 367 18.34 -11.83 -12.73
CA ILE A 367 17.86 -11.71 -14.10
C ILE A 367 18.66 -12.60 -15.04
N GLU A 368 19.99 -12.64 -14.87
CA GLU A 368 20.80 -13.49 -15.74
C GLU A 368 20.51 -14.97 -15.52
N ALA A 369 19.87 -15.33 -14.42
CA ALA A 369 19.47 -16.71 -14.16
C ALA A 369 18.11 -17.05 -14.76
N GLY A 370 17.45 -16.10 -15.42
CA GLY A 370 16.19 -16.36 -16.09
C GLY A 370 14.95 -15.87 -15.38
N PHE A 371 15.09 -15.19 -14.24
CA PHE A 371 13.97 -14.66 -13.48
C PHE A 371 13.88 -13.16 -13.71
N MET A 372 12.81 -12.72 -14.38
CA MET A 372 12.72 -11.32 -14.79
C MET A 372 11.27 -10.93 -14.96
N THR A 373 11.04 -9.61 -15.06
CA THR A 373 9.71 -9.08 -15.32
C THR A 373 9.42 -9.09 -16.82
N LYS A 374 8.19 -8.70 -17.18
CA LYS A 374 7.73 -8.85 -18.54
C LYS A 374 8.54 -8.00 -19.52
N ASP A 375 8.96 -6.81 -19.10
CA ASP A 375 9.73 -5.95 -20.00
C ASP A 375 10.97 -6.67 -20.53
N LEU A 376 11.72 -7.31 -19.64
CA LEU A 376 12.95 -7.98 -20.06
C LEU A 376 12.63 -9.28 -20.80
N ALA A 377 11.55 -9.96 -20.44
CA ALA A 377 11.11 -11.12 -21.21
C ALA A 377 10.83 -10.74 -22.65
N ALA A 378 10.25 -9.56 -22.87
CA ALA A 378 10.00 -9.10 -24.23
C ALA A 378 11.30 -8.84 -24.97
N CYS A 379 12.31 -8.31 -24.26
CA CYS A 379 13.61 -8.10 -24.89
C CYS A 379 14.16 -9.41 -25.47
N ILE A 380 13.88 -10.54 -24.82
CA ILE A 380 14.40 -11.80 -25.29
C ILE A 380 13.50 -12.38 -26.39
N LYS A 381 12.22 -12.49 -26.09
CA LYS A 381 11.22 -13.03 -27.00
C LYS A 381 10.29 -11.88 -27.34
N GLY A 382 10.30 -11.46 -28.61
CA GLY A 382 9.45 -10.36 -29.07
C GLY A 382 8.14 -10.27 -28.33
N LEU A 383 7.70 -9.05 -27.98
CA LEU A 383 6.51 -8.90 -27.16
C LEU A 383 5.33 -9.73 -27.67
N PRO A 384 5.05 -9.78 -28.98
CA PRO A 384 3.93 -10.61 -29.44
C PRO A 384 4.07 -12.08 -29.07
N ASN A 385 5.28 -12.54 -28.76
CA ASN A 385 5.52 -13.94 -28.47
C ASN A 385 5.65 -14.24 -26.97
N VAL A 386 5.71 -13.21 -26.13
CA VAL A 386 5.87 -13.45 -24.69
C VAL A 386 4.68 -14.24 -24.18
N GLN A 387 4.95 -15.23 -23.35
CA GLN A 387 3.94 -15.97 -22.62
C GLN A 387 4.03 -15.63 -21.14
N ARG A 388 2.97 -15.98 -20.41
CA ARG A 388 2.97 -15.71 -18.97
C ARG A 388 4.08 -16.49 -18.26
N SER A 389 4.43 -17.66 -18.78
CA SER A 389 5.46 -18.48 -18.16
C SER A 389 6.87 -17.92 -18.32
N ASP A 390 7.05 -16.89 -19.13
CA ASP A 390 8.37 -16.37 -19.43
C ASP A 390 8.85 -15.31 -18.44
N TYR A 391 7.97 -14.80 -17.58
CA TYR A 391 8.35 -13.72 -16.69
C TYR A 391 7.64 -13.88 -15.36
N LEU A 392 7.94 -12.96 -14.43
CA LEU A 392 7.34 -12.92 -13.10
C LEU A 392 6.63 -11.59 -12.93
N ASN A 393 5.52 -11.61 -12.20
CA ASN A 393 4.86 -10.35 -11.86
C ASN A 393 5.73 -9.59 -10.87
N THR A 394 5.38 -8.32 -10.65
CA THR A 394 6.25 -7.45 -9.86
C THR A 394 6.57 -8.08 -8.50
N PHE A 395 5.53 -8.56 -7.80
CA PHE A 395 5.73 -9.11 -6.47
C PHE A 395 6.51 -10.42 -6.52
N GLU A 396 6.23 -11.26 -7.52
CA GLU A 396 6.95 -12.52 -7.65
C GLU A 396 8.43 -12.26 -7.91
N PHE A 397 8.74 -11.25 -8.72
CA PHE A 397 10.14 -10.92 -8.98
C PHE A 397 10.82 -10.44 -7.71
N MET A 398 10.15 -9.60 -6.93
CA MET A 398 10.74 -9.11 -5.70
C MET A 398 10.93 -10.24 -4.68
N ASP A 399 10.03 -11.21 -4.67
CA ASP A 399 10.21 -12.37 -3.80
C ASP A 399 11.49 -13.12 -4.13
N LYS A 400 11.76 -13.33 -5.43
CA LYS A 400 12.97 -14.06 -5.79
C LYS A 400 14.22 -13.28 -5.40
N LEU A 401 14.22 -11.97 -5.63
CA LEU A 401 15.35 -11.15 -5.19
C LEU A 401 15.54 -11.24 -3.68
N GLY A 402 14.44 -11.27 -2.92
CA GLY A 402 14.56 -11.42 -1.49
C GLY A 402 15.23 -12.72 -1.10
N GLU A 403 14.79 -13.83 -1.73
CA GLU A 403 15.41 -15.12 -1.46
C GLU A 403 16.89 -15.11 -1.81
N ASN A 404 17.21 -14.71 -3.05
CA ASN A 404 18.61 -14.70 -3.48
C ASN A 404 19.44 -13.74 -2.64
N LEU A 405 18.84 -12.65 -2.17
CA LEU A 405 19.57 -11.73 -1.29
C LEU A 405 19.85 -12.42 0.04
N LYS A 406 18.82 -13.08 0.61
CA LYS A 406 19.03 -13.80 1.85
C LYS A 406 20.15 -14.82 1.72
N ILE A 407 20.17 -15.56 0.61
CA ILE A 407 21.21 -16.57 0.39
C ILE A 407 22.57 -15.90 0.31
N LYS A 408 22.71 -14.88 -0.55
CA LYS A 408 24.01 -14.26 -0.75
C LYS A 408 24.57 -13.67 0.55
N LEU A 409 23.70 -13.06 1.36
CA LEU A 409 24.19 -12.42 2.59
C LEU A 409 24.60 -13.46 3.63
N ALA A 410 23.94 -14.61 3.66
CA ALA A 410 24.32 -15.67 4.59
C ALA A 410 25.72 -16.20 4.27
N GLN A 411 25.98 -16.47 2.99
CA GLN A 411 27.26 -17.03 2.59
C GLN A 411 28.44 -16.06 2.66
N ALA A 412 28.30 -14.96 3.37
CA ALA A 412 29.39 -13.99 3.49
C ALA A 412 29.79 -13.79 4.95
N LYS B 3 -10.83 23.32 -2.60
CA LYS B 3 -11.67 22.46 -3.44
C LYS B 3 -12.32 21.33 -2.64
N LYS B 4 -11.83 21.05 -1.44
CA LYS B 4 -12.38 19.98 -0.64
C LYS B 4 -12.53 20.41 0.80
N ILE B 5 -13.19 19.53 1.57
CA ILE B 5 -13.55 19.83 2.96
C ILE B 5 -12.30 20.02 3.80
N SER B 6 -12.32 21.04 4.64
CA SER B 6 -11.22 21.34 5.55
C SER B 6 -11.37 20.43 6.77
N GLY B 7 -10.63 19.33 6.79
CA GLY B 7 -10.83 18.32 7.82
C GLY B 7 -10.28 18.67 9.18
N GLY B 8 -9.20 19.43 9.24
CA GLY B 8 -8.60 19.78 10.51
C GLY B 8 -7.47 18.84 10.90
N SER B 9 -7.10 18.91 12.17
CA SER B 9 -5.95 18.20 12.69
C SER B 9 -6.34 16.79 13.11
N VAL B 10 -5.59 15.80 12.63
CA VAL B 10 -5.82 14.39 12.94
C VAL B 10 -4.47 13.71 13.12
N VAL B 11 -4.37 12.88 14.15
CA VAL B 11 -3.19 12.06 14.38
C VAL B 11 -3.45 10.69 13.77
N GLU B 12 -2.57 10.27 12.88
CA GLU B 12 -2.68 8.98 12.20
C GLU B 12 -1.60 8.04 12.71
N MET B 13 -1.97 6.78 12.92
CA MET B 13 -1.03 5.74 13.34
C MET B 13 -1.09 4.59 12.34
N GLN B 14 -0.01 4.40 11.58
CA GLN B 14 0.07 3.32 10.62
C GLN B 14 0.37 1.98 11.31
N GLY B 15 -0.06 0.91 10.65
CA GLY B 15 -0.04 -0.42 11.23
C GLY B 15 0.83 -1.41 10.46
N ASP B 16 0.36 -2.66 10.39
CA ASP B 16 1.19 -3.78 9.94
C ASP B 16 0.46 -4.63 8.92
N GLU B 17 1.24 -5.27 8.05
CA GLU B 17 0.77 -6.34 7.15
C GLU B 17 -0.41 -5.85 6.32
N MET B 18 -1.48 -6.64 6.19
CA MET B 18 -2.51 -6.33 5.22
C MET B 18 -3.24 -5.06 5.60
N THR B 19 -3.51 -4.86 6.90
CA THR B 19 -4.22 -3.65 7.31
C THR B 19 -3.42 -2.40 6.97
N ARG B 20 -2.09 -2.50 7.02
CA ARG B 20 -1.24 -1.39 6.58
C ARG B 20 -1.50 -1.09 5.10
N ILE B 21 -1.60 -2.12 4.27
CA ILE B 21 -1.92 -1.91 2.86
C ILE B 21 -3.30 -1.28 2.73
N ILE B 22 -4.28 -1.84 3.43
CA ILE B 22 -5.65 -1.34 3.35
C ILE B 22 -5.72 0.10 3.82
N TRP B 23 -4.93 0.45 4.84
CA TRP B 23 -4.94 1.80 5.38
C TRP B 23 -4.65 2.84 4.30
N GLU B 24 -3.63 2.60 3.48
CA GLU B 24 -3.29 3.55 2.43
C GLU B 24 -4.37 3.57 1.35
N LEU B 25 -4.88 2.41 0.99
CA LEU B 25 -5.91 2.34 -0.05
C LEU B 25 -7.15 3.14 0.36
N ILE B 26 -7.51 3.09 1.65
CA ILE B 26 -8.64 3.88 2.15
C ILE B 26 -8.36 5.38 1.98
N LYS B 27 -7.17 5.81 2.36
CA LYS B 27 -6.85 7.24 2.29
C LYS B 27 -6.89 7.75 0.85
N GLU B 28 -6.32 6.98 -0.08
CA GLU B 28 -6.17 7.50 -1.45
C GLU B 28 -7.49 7.54 -2.19
N LYS B 29 -8.39 6.60 -1.90
CA LYS B 29 -9.62 6.44 -2.69
C LYS B 29 -10.87 7.00 -2.01
N LEU B 30 -10.90 7.06 -0.67
CA LEU B 30 -12.12 7.46 0.02
C LEU B 30 -12.00 8.73 0.83
N ILE B 31 -10.81 9.07 1.33
CA ILE B 31 -10.65 10.21 2.24
C ILE B 31 -10.06 11.39 1.50
N PHE B 32 -8.83 11.25 1.02
CA PHE B 32 -8.14 12.39 0.42
C PHE B 32 -8.90 13.02 -0.74
N PRO B 33 -9.60 12.28 -1.60
CA PRO B 33 -10.32 12.94 -2.71
C PRO B 33 -11.38 13.92 -2.26
N TYR B 34 -11.77 13.92 -0.98
CA TYR B 34 -12.84 14.78 -0.51
C TYR B 34 -12.49 15.60 0.73
N VAL B 35 -11.40 15.29 1.42
CA VAL B 35 -11.04 15.97 2.66
C VAL B 35 -9.55 16.32 2.61
N GLU B 36 -9.23 17.56 2.94
CA GLU B 36 -7.85 17.99 3.16
C GLU B 36 -7.61 18.00 4.67
N LEU B 37 -6.55 17.34 5.10
CA LEU B 37 -6.28 17.13 6.51
C LEU B 37 -4.92 17.71 6.89
N ASP B 38 -4.84 18.19 8.13
CA ASP B 38 -3.56 18.49 8.78
C ASP B 38 -3.13 17.22 9.52
N LEU B 39 -2.59 16.28 8.75
CA LEU B 39 -2.24 14.97 9.30
C LEU B 39 -0.95 15.02 10.10
N HIS B 40 -0.96 14.35 11.24
CA HIS B 40 0.22 14.10 12.06
C HIS B 40 0.43 12.58 12.06
N SER B 41 1.30 12.09 11.18
CA SER B 41 1.42 10.68 10.92
C SER B 41 2.51 10.06 11.79
N TYR B 42 2.19 8.92 12.41
CA TYR B 42 3.13 8.13 13.19
C TYR B 42 3.10 6.69 12.71
N ASP B 43 4.26 6.16 12.34
CA ASP B 43 4.36 4.80 11.80
C ASP B 43 4.53 3.84 12.96
N LEU B 44 3.45 3.16 13.33
CA LEU B 44 3.51 2.14 14.37
C LEU B 44 3.66 0.74 13.77
N GLY B 45 4.14 0.65 12.54
CA GLY B 45 4.57 -0.64 12.02
C GLY B 45 5.63 -1.25 12.91
N ILE B 46 5.63 -2.58 12.95
CA ILE B 46 6.53 -3.28 13.88
C ILE B 46 7.98 -2.86 13.65
N GLU B 47 8.35 -2.63 12.39
CA GLU B 47 9.75 -2.34 12.07
C GLU B 47 10.16 -0.94 12.51
N ASN B 48 9.25 0.03 12.47
CA ASN B 48 9.61 1.36 12.94
C ASN B 48 9.61 1.42 14.47
N ARG B 49 8.70 0.69 15.11
CA ARG B 49 8.73 0.58 16.56
C ARG B 49 10.06 0.00 17.03
N ASP B 50 10.54 -1.04 16.33
CA ASP B 50 11.84 -1.60 16.67
C ASP B 50 12.95 -0.58 16.47
N ALA B 51 12.90 0.16 15.35
CA ALA B 51 13.96 1.12 15.06
C ALA B 51 14.00 2.24 16.10
N THR B 52 12.83 2.65 16.60
CA THR B 52 12.73 3.73 17.58
C THR B 52 12.61 3.20 19.00
N ASN B 53 12.87 1.92 19.22
CA ASN B 53 12.75 1.32 20.55
C ASN B 53 11.40 1.62 21.18
N ASP B 54 10.36 1.57 20.34
CA ASP B 54 8.97 1.77 20.74
C ASP B 54 8.68 3.21 21.15
N GLN B 55 9.61 4.13 20.93
CA GLN B 55 9.37 5.52 21.28
C GLN B 55 8.25 6.13 20.45
N VAL B 56 8.13 5.73 19.18
CA VAL B 56 7.10 6.28 18.31
C VAL B 56 5.71 6.01 18.87
N THR B 57 5.55 4.90 19.60
CA THR B 57 4.25 4.61 20.21
C THR B 57 3.90 5.65 21.26
N LYS B 58 4.86 6.01 22.12
CA LYS B 58 4.61 7.03 23.13
C LYS B 58 4.40 8.40 22.48
N ASP B 59 5.19 8.71 21.45
CA ASP B 59 5.02 9.98 20.76
C ASP B 59 3.62 10.12 20.18
N ALA B 60 3.13 9.05 19.55
CA ALA B 60 1.78 9.09 18.98
C ALA B 60 0.73 9.35 20.05
N ALA B 61 0.86 8.67 21.20
CA ALA B 61 -0.11 8.88 22.27
C ALA B 61 -0.14 10.33 22.73
N GLU B 62 1.04 10.95 22.88
CA GLU B 62 1.10 12.35 23.29
C GLU B 62 0.53 13.27 22.21
N ALA B 63 0.74 12.92 20.94
CA ALA B 63 0.15 13.72 19.87
C ALA B 63 -1.37 13.70 19.96
N ILE B 64 -1.95 12.56 20.34
CA ILE B 64 -3.39 12.46 20.53
C ILE B 64 -3.83 13.40 21.66
N LYS B 65 -3.06 13.45 22.75
CA LYS B 65 -3.37 14.40 23.81
C LYS B 65 -3.42 15.82 23.26
N LYS B 66 -2.54 16.14 22.32
CA LYS B 66 -2.44 17.51 21.83
C LYS B 66 -3.56 17.86 20.87
N HIS B 67 -3.88 16.97 19.94
CA HIS B 67 -4.81 17.27 18.86
C HIS B 67 -6.19 16.66 19.04
N ASN B 68 -6.38 15.79 20.03
CA ASN B 68 -7.65 15.30 20.53
C ASN B 68 -8.27 14.21 19.67
N VAL B 69 -7.74 13.92 18.48
CA VAL B 69 -8.33 12.93 17.59
C VAL B 69 -7.23 12.03 17.06
N GLY B 70 -7.33 10.74 17.32
CA GLY B 70 -6.43 9.74 16.76
C GLY B 70 -7.18 8.68 16.00
N VAL B 71 -6.59 8.21 14.91
CA VAL B 71 -7.10 7.08 14.14
C VAL B 71 -5.95 6.10 13.95
N LYS B 72 -6.15 4.85 14.36
CA LYS B 72 -5.07 3.88 14.45
C LYS B 72 -5.36 2.65 13.60
N CYS B 73 -4.36 2.24 12.81
CA CYS B 73 -4.40 1.00 12.08
C CYS B 73 -4.03 -0.18 12.98
N ALA B 74 -4.54 -1.36 12.62
CA ALA B 74 -4.20 -2.56 13.37
C ALA B 74 -2.69 -2.81 13.36
N THR B 75 -2.17 -3.27 14.49
CA THR B 75 -0.74 -3.48 14.66
C THR B 75 -0.44 -4.87 15.19
N ILE B 76 0.83 -5.25 15.08
CA ILE B 76 1.32 -6.53 15.59
C ILE B 76 1.76 -6.34 17.04
N THR B 77 1.28 -7.21 17.93
CA THR B 77 1.88 -7.36 19.23
C THR B 77 2.83 -8.54 19.17
N PRO B 78 4.14 -8.34 19.23
CA PRO B 78 5.07 -9.42 18.88
C PRO B 78 5.15 -10.50 19.97
N ASP B 79 5.21 -11.75 19.52
CA ASP B 79 5.54 -12.89 20.34
C ASP B 79 6.94 -13.37 19.95
N GLU B 80 7.33 -14.53 20.47
CA GLU B 80 8.65 -15.06 20.14
C GLU B 80 8.78 -15.29 18.64
N LYS B 81 7.74 -15.85 18.02
CA LYS B 81 7.78 -16.11 16.58
C LYS B 81 7.99 -14.81 15.81
N ARG B 82 7.34 -13.73 16.24
CA ARG B 82 7.48 -12.45 15.55
C ARG B 82 8.86 -11.85 15.78
N VAL B 83 9.46 -12.09 16.94
CA VAL B 83 10.82 -11.59 17.20
C VAL B 83 11.79 -12.16 16.18
N GLU B 84 11.65 -13.45 15.88
CA GLU B 84 12.52 -14.06 14.87
C GLU B 84 12.20 -13.54 13.48
N GLU B 85 10.91 -13.39 13.15
CA GLU B 85 10.51 -12.97 11.81
C GLU B 85 11.13 -11.61 11.46
N PHE B 86 11.01 -10.64 12.37
CA PHE B 86 11.47 -9.28 12.12
C PHE B 86 12.80 -8.97 12.79
N LYS B 87 13.47 -9.98 13.35
CA LYS B 87 14.76 -9.79 14.01
C LYS B 87 14.70 -8.63 14.99
N LEU B 88 13.70 -8.66 15.87
CA LEU B 88 13.47 -7.55 16.77
C LEU B 88 14.50 -7.51 17.88
N LYS B 89 14.78 -6.29 18.36
CA LYS B 89 15.67 -6.13 19.51
C LYS B 89 15.02 -6.67 20.77
N GLN B 90 13.74 -6.35 20.98
CA GLN B 90 13.00 -6.78 22.16
C GLN B 90 11.61 -7.21 21.72
N MET B 91 10.92 -7.92 22.61
CA MET B 91 9.52 -8.29 22.40
C MET B 91 8.64 -7.15 22.92
N TRP B 92 8.50 -6.13 22.08
CA TRP B 92 7.86 -4.89 22.50
C TRP B 92 6.44 -5.15 22.97
N LYS B 93 6.02 -4.39 23.97
CA LYS B 93 4.69 -4.56 24.55
C LYS B 93 3.63 -4.01 23.60
N SER B 94 2.41 -4.51 23.77
CA SER B 94 1.28 -4.10 22.96
C SER B 94 1.22 -2.58 22.86
N PRO B 95 1.30 -2.00 21.65
CA PRO B 95 1.14 -0.55 21.54
C PRO B 95 -0.26 -0.08 21.90
N ASN B 96 -1.26 -0.94 21.74
CA ASN B 96 -2.61 -0.58 22.19
C ASN B 96 -2.64 -0.39 23.70
N GLY B 97 -1.99 -1.29 24.44
CA GLY B 97 -1.92 -1.13 25.88
C GLY B 97 -1.18 0.13 26.28
N THR B 98 -0.06 0.41 25.60
CA THR B 98 0.69 1.64 25.89
C THR B 98 -0.17 2.87 25.67
N ILE B 99 -0.83 2.95 24.50
CA ILE B 99 -1.64 4.13 24.20
C ILE B 99 -2.78 4.25 25.20
N ARG B 100 -3.47 3.13 25.49
CA ARG B 100 -4.59 3.19 26.42
C ARG B 100 -4.13 3.59 27.81
N ASN B 101 -2.98 3.11 28.24
CA ASN B 101 -2.49 3.44 29.57
C ASN B 101 -2.15 4.93 29.68
N ILE B 102 -1.71 5.54 28.59
CA ILE B 102 -1.35 6.96 28.61
C ILE B 102 -2.60 7.83 28.60
N LEU B 103 -3.56 7.51 27.72
CA LEU B 103 -4.73 8.36 27.57
C LEU B 103 -5.81 8.03 28.58
N GLY B 104 -5.97 6.75 28.92
CA GLY B 104 -7.03 6.33 29.81
C GLY B 104 -8.39 6.43 29.16
N GLY B 105 -9.41 6.02 29.91
CA GLY B 105 -10.78 6.10 29.45
C GLY B 105 -11.45 4.77 29.21
N THR B 106 -12.44 4.75 28.32
CA THR B 106 -13.26 3.57 28.05
C THR B 106 -13.31 3.35 26.55
N VAL B 107 -13.06 2.12 26.13
CA VAL B 107 -13.16 1.73 24.72
C VAL B 107 -14.58 1.22 24.50
N PHE B 108 -15.35 1.94 23.67
CA PHE B 108 -16.72 1.57 23.36
C PHE B 108 -16.74 0.81 22.05
N ARG B 109 -17.34 -0.38 22.07
CA ARG B 109 -17.32 -1.30 20.94
C ARG B 109 -18.73 -1.76 20.62
N GLU B 110 -19.03 -1.82 19.32
CA GLU B 110 -20.38 -2.12 18.85
C GLU B 110 -20.27 -2.69 17.44
N ALA B 111 -21.18 -3.59 17.12
CA ALA B 111 -21.18 -4.22 15.82
C ALA B 111 -21.55 -3.21 14.73
N ILE B 112 -21.05 -3.46 13.52
CA ILE B 112 -21.46 -2.73 12.32
C ILE B 112 -22.39 -3.66 11.56
N ILE B 113 -23.68 -3.33 11.54
CA ILE B 113 -24.72 -4.29 11.17
C ILE B 113 -25.19 -4.00 9.75
N CYS B 114 -25.28 -5.05 8.94
CA CYS B 114 -25.83 -5.00 7.60
C CYS B 114 -27.00 -5.97 7.52
N LYS B 115 -28.10 -5.52 6.91
CA LYS B 115 -29.31 -6.33 6.89
C LYS B 115 -29.06 -7.72 6.34
N ASN B 116 -28.19 -7.85 5.35
CA ASN B 116 -28.02 -9.10 4.63
C ASN B 116 -26.94 -9.99 5.22
N ILE B 117 -26.35 -9.62 6.35
CA ILE B 117 -25.32 -10.42 7.01
C ILE B 117 -25.98 -11.09 8.20
N PRO B 118 -26.18 -12.41 8.19
CA PRO B 118 -26.88 -13.05 9.31
C PRO B 118 -26.05 -12.99 10.59
N ARG B 119 -26.73 -12.81 11.71
CA ARG B 119 -26.10 -12.93 13.01
C ARG B 119 -26.14 -14.39 13.44
N LEU B 120 -25.30 -14.72 14.43
CA LEU B 120 -25.26 -16.07 14.98
C LEU B 120 -26.04 -16.24 16.28
N VAL B 121 -26.37 -15.16 16.99
CA VAL B 121 -27.15 -15.24 18.22
C VAL B 121 -28.59 -14.86 17.89
N SER B 122 -29.53 -15.74 18.28
CA SER B 122 -30.88 -15.67 17.75
C SER B 122 -31.59 -14.38 18.13
N GLY B 123 -31.49 -13.96 19.39
CA GLY B 123 -32.35 -12.91 19.89
C GLY B 123 -31.89 -11.50 19.68
N TRP B 124 -30.65 -11.29 19.24
CA TRP B 124 -30.06 -9.95 19.20
C TRP B 124 -30.66 -9.15 18.04
N VAL B 125 -31.85 -8.61 18.29
CA VAL B 125 -32.49 -7.73 17.31
C VAL B 125 -32.10 -6.27 17.53
N LYS B 126 -31.59 -5.92 18.70
CA LYS B 126 -31.04 -4.60 18.98
C LYS B 126 -29.54 -4.71 19.27
N PRO B 127 -28.78 -3.64 19.04
CA PRO B 127 -27.32 -3.73 19.23
C PRO B 127 -26.93 -3.79 20.70
N ILE B 128 -25.73 -4.32 20.95
CA ILE B 128 -25.12 -4.34 22.26
C ILE B 128 -23.84 -3.51 22.21
N ILE B 129 -23.69 -2.58 23.14
CA ILE B 129 -22.52 -1.71 23.22
C ILE B 129 -21.73 -2.08 24.47
N ILE B 130 -20.47 -2.45 24.28
CA ILE B 130 -19.57 -2.78 25.38
C ILE B 130 -18.69 -1.58 25.70
N GLY B 131 -18.66 -1.20 26.96
CA GLY B 131 -17.72 -0.20 27.44
C GLY B 131 -16.56 -0.83 28.17
N ARG B 132 -15.44 -1.01 27.48
CA ARG B 132 -14.28 -1.71 28.03
C ARG B 132 -13.39 -0.71 28.76
N HIS B 133 -13.26 -0.87 30.08
CA HIS B 133 -12.28 -0.11 30.83
C HIS B 133 -10.90 -0.29 30.20
N ALA B 134 -10.29 0.82 29.80
CA ALA B 134 -9.08 0.79 28.99
C ALA B 134 -7.80 0.81 29.81
N TYR B 135 -7.88 0.77 31.14
CA TYR B 135 -6.74 1.02 32.00
C TYR B 135 -6.56 -0.09 33.03
N GLY B 136 -5.32 -0.50 33.22
CA GLY B 136 -4.95 -1.32 34.37
C GLY B 136 -5.24 -2.80 34.21
N ASP B 137 -5.37 -3.47 35.36
CA ASP B 137 -5.58 -4.91 35.43
C ASP B 137 -4.49 -5.64 34.65
N GLN B 138 -4.87 -6.64 33.85
CA GLN B 138 -3.87 -7.50 33.22
C GLN B 138 -2.95 -6.73 32.28
N TYR B 139 -3.38 -5.61 31.73
CA TYR B 139 -2.62 -4.88 30.71
C TYR B 139 -1.55 -3.96 31.30
N ARG B 140 -1.43 -3.92 32.63
CA ARG B 140 -0.32 -3.24 33.30
C ARG B 140 0.19 -4.11 34.44
N ALA B 141 0.16 -5.42 34.25
CA ALA B 141 0.47 -6.37 35.32
C ALA B 141 1.97 -6.66 35.34
N THR B 142 2.40 -7.28 36.43
CA THR B 142 3.79 -7.67 36.64
C THR B 142 3.77 -9.18 36.92
N ASP B 143 4.03 -9.97 35.89
CA ASP B 143 4.02 -11.42 35.98
C ASP B 143 5.43 -11.96 35.80
N PHE B 144 5.68 -13.13 36.40
CA PHE B 144 7.00 -13.74 36.32
C PHE B 144 6.85 -15.24 36.55
N VAL B 145 7.82 -15.98 36.06
CA VAL B 145 7.86 -17.42 36.26
C VAL B 145 8.46 -17.70 37.64
N VAL B 146 7.89 -18.67 38.34
CA VAL B 146 8.44 -19.16 39.60
C VAL B 146 9.28 -20.39 39.28
N PRO B 147 10.61 -20.30 39.35
CA PRO B 147 11.44 -21.44 38.90
C PRO B 147 11.42 -22.63 39.84
N GLY B 148 11.08 -22.44 41.12
CA GLY B 148 11.07 -23.52 42.07
C GLY B 148 10.47 -23.13 43.39
N PRO B 149 10.57 -24.01 44.39
CA PRO B 149 9.97 -23.74 45.70
C PRO B 149 10.40 -22.39 46.26
N GLY B 150 9.52 -21.80 47.06
CA GLY B 150 9.77 -20.47 47.59
C GLY B 150 8.48 -19.80 48.03
N LYS B 151 8.64 -18.56 48.48
CA LYS B 151 7.56 -17.77 49.05
C LYS B 151 7.30 -16.54 48.19
N VAL B 152 6.05 -16.36 47.75
CA VAL B 152 5.64 -15.18 47.00
C VAL B 152 4.75 -14.33 47.91
N GLU B 153 5.12 -13.08 48.07
CA GLU B 153 4.38 -12.14 48.89
C GLU B 153 4.11 -10.87 48.07
N ILE B 154 3.07 -10.15 48.46
CA ILE B 154 2.73 -8.86 47.89
C ILE B 154 2.61 -7.86 49.03
N THR B 155 3.20 -6.68 48.85
CA THR B 155 3.34 -5.72 49.93
C THR B 155 2.87 -4.34 49.49
N TYR B 156 2.31 -3.60 50.44
CA TYR B 156 1.88 -2.21 50.22
C TYR B 156 2.59 -1.34 51.24
N THR B 157 3.35 -0.36 50.77
CA THR B 157 4.09 0.55 51.63
C THR B 157 3.46 1.93 51.55
N PRO B 158 2.71 2.36 52.58
CA PRO B 158 2.06 3.68 52.50
C PRO B 158 3.09 4.79 52.31
N SER B 159 2.69 5.81 51.55
CA SER B 159 3.58 6.94 51.30
C SER B 159 3.62 7.93 52.44
N ASP B 160 2.66 7.88 53.36
CA ASP B 160 2.65 8.78 54.51
C ASP B 160 3.43 8.21 55.69
N GLY B 161 4.23 7.16 55.48
CA GLY B 161 5.06 6.62 56.52
C GLY B 161 4.42 5.58 57.40
N THR B 162 3.14 5.27 57.19
CA THR B 162 2.47 4.29 58.05
C THR B 162 3.05 2.90 57.82
N GLN B 163 2.68 1.97 58.70
CA GLN B 163 3.28 0.65 58.71
C GLN B 163 3.15 -0.02 57.34
N LYS B 164 4.16 -0.81 56.99
CA LYS B 164 4.10 -1.65 55.81
C LYS B 164 3.17 -2.83 56.03
N VAL B 165 2.35 -3.13 55.02
CA VAL B 165 1.42 -4.25 55.05
C VAL B 165 1.93 -5.32 54.09
N THR B 166 1.92 -6.57 54.54
CA THR B 166 2.41 -7.70 53.76
C THR B 166 1.35 -8.78 53.71
N TYR B 167 1.13 -9.34 52.51
CA TYR B 167 0.17 -10.41 52.31
C TYR B 167 0.85 -11.62 51.69
N LEU B 168 0.47 -12.82 52.14
CA LEU B 168 0.97 -14.05 51.56
C LEU B 168 0.22 -14.35 50.26
N VAL B 169 0.97 -14.51 49.18
CA VAL B 169 0.40 -14.97 47.92
C VAL B 169 0.37 -16.49 47.84
N HIS B 170 1.52 -17.12 48.05
CA HIS B 170 1.60 -18.58 48.07
C HIS B 170 3.00 -19.08 48.41
N ASN B 171 3.07 -20.21 49.10
CA ASN B 171 4.33 -20.91 49.35
C ASN B 171 4.40 -22.12 48.42
N PHE B 172 5.30 -22.05 47.43
CA PHE B 172 5.53 -23.17 46.51
C PHE B 172 6.35 -24.23 47.25
N GLU B 173 5.74 -25.39 47.49
CA GLU B 173 6.34 -26.43 48.33
C GLU B 173 7.05 -27.54 47.57
N GLU B 174 6.62 -27.90 46.37
CA GLU B 174 7.20 -29.03 45.66
C GLU B 174 7.69 -28.75 44.26
N GLY B 175 7.22 -27.69 43.61
CA GLY B 175 7.66 -27.35 42.27
C GLY B 175 7.62 -25.86 42.08
N GLY B 176 7.63 -25.39 40.83
CA GLY B 176 7.54 -24.00 40.53
C GLY B 176 6.23 -23.68 39.87
N GLY B 177 6.20 -22.54 39.17
CA GLY B 177 4.97 -22.14 38.51
C GLY B 177 5.01 -20.71 38.03
N VAL B 178 3.94 -19.96 38.29
CA VAL B 178 3.84 -18.56 37.88
C VAL B 178 3.15 -17.77 38.97
N ALA B 179 3.46 -16.47 39.02
CA ALA B 179 2.82 -15.54 39.93
C ALA B 179 2.70 -14.20 39.21
N MET B 180 1.87 -13.31 39.76
CA MET B 180 1.64 -12.05 39.08
C MET B 180 0.92 -11.09 40.01
N GLY B 181 1.20 -9.80 39.84
CA GLY B 181 0.51 -8.75 40.56
C GLY B 181 -0.23 -7.83 39.61
N MET B 182 -1.35 -7.29 40.09
CA MET B 182 -2.19 -6.39 39.30
C MET B 182 -2.66 -5.24 40.17
N TYR B 183 -3.18 -4.21 39.53
CA TYR B 183 -3.69 -3.04 40.24
C TYR B 183 -4.67 -2.29 39.35
N ASN B 184 -5.38 -1.35 39.97
CA ASN B 184 -6.16 -0.35 39.24
C ASN B 184 -6.32 0.85 40.17
N GLN B 185 -6.88 1.93 39.63
CA GLN B 185 -6.87 3.23 40.27
C GLN B 185 -8.28 3.75 40.48
N ASP B 186 -8.54 4.31 41.66
CA ASP B 186 -9.87 4.80 41.99
C ASP B 186 -10.38 5.77 40.91
N LYS B 187 -9.58 6.78 40.57
CA LYS B 187 -10.03 7.77 39.61
C LYS B 187 -10.32 7.14 38.25
N SER B 188 -9.45 6.22 37.80
CA SER B 188 -9.70 5.55 36.53
C SER B 188 -11.03 4.81 36.58
N ILE B 189 -11.32 4.12 37.69
CA ILE B 189 -12.59 3.43 37.82
C ILE B 189 -13.75 4.43 37.83
N GLU B 190 -13.56 5.56 38.52
CA GLU B 190 -14.62 6.57 38.59
C GLU B 190 -14.94 7.14 37.20
N ASP B 191 -13.90 7.48 36.44
CA ASP B 191 -14.13 7.91 35.05
C ASP B 191 -14.83 6.82 34.27
N PHE B 192 -14.38 5.57 34.42
CA PHE B 192 -15.04 4.44 33.77
C PHE B 192 -16.52 4.40 34.10
N ALA B 193 -16.87 4.63 35.37
CA ALA B 193 -18.29 4.61 35.75
C ALA B 193 -19.05 5.75 35.09
N HIS B 194 -18.52 6.98 35.17
CA HIS B 194 -19.22 8.12 34.58
C HIS B 194 -19.48 7.91 33.09
N SER B 195 -18.45 7.49 32.34
CA SER B 195 -18.64 7.26 30.91
C SER B 195 -19.69 6.20 30.64
N SER B 196 -19.83 5.22 31.55
CA SER B 196 -20.80 4.15 31.32
C SER B 196 -22.22 4.66 31.50
N PHE B 197 -22.49 5.39 32.60
CA PHE B 197 -23.82 5.93 32.81
C PHE B 197 -24.21 6.89 31.70
N GLN B 198 -23.26 7.72 31.26
CA GLN B 198 -23.57 8.72 30.23
C GLN B 198 -23.87 8.07 28.89
N MET B 199 -23.20 6.96 28.58
CA MET B 199 -23.52 6.26 27.34
C MET B 199 -24.92 5.67 27.38
N ALA B 200 -25.31 5.10 28.52
CA ALA B 200 -26.66 4.58 28.67
C ALA B 200 -27.69 5.69 28.54
N LEU B 201 -27.45 6.83 29.18
CA LEU B 201 -28.37 7.96 29.08
C LEU B 201 -28.43 8.51 27.66
N SER B 202 -27.30 8.45 26.93
CA SER B 202 -27.28 8.96 25.57
C SER B 202 -28.08 8.07 24.63
N LYS B 203 -27.97 6.74 24.80
CA LYS B 203 -28.69 5.82 23.95
C LYS B 203 -30.08 5.46 24.47
N GLY B 204 -30.35 5.76 25.73
CA GLY B 204 -31.63 5.39 26.31
C GLY B 204 -31.76 3.91 26.61
N TRP B 205 -30.68 3.27 27.04
CA TRP B 205 -30.64 1.85 27.32
C TRP B 205 -30.20 1.58 28.76
N PRO B 206 -30.57 0.44 29.32
CA PRO B 206 -30.06 0.09 30.66
C PRO B 206 -28.57 -0.21 30.61
N LEU B 207 -27.97 -0.19 31.79
CA LEU B 207 -26.54 -0.42 31.96
C LEU B 207 -26.33 -1.60 32.89
N TYR B 208 -25.38 -2.47 32.55
CA TYR B 208 -24.99 -3.57 33.42
C TYR B 208 -23.48 -3.56 33.58
N LEU B 209 -23.01 -3.74 34.81
CA LEU B 209 -21.60 -3.91 35.10
C LEU B 209 -21.35 -5.36 35.52
N SER B 210 -20.30 -5.96 34.98
CA SER B 210 -19.93 -7.34 35.27
C SER B 210 -18.64 -7.37 36.07
N THR B 211 -18.65 -8.11 37.18
CA THR B 211 -17.43 -8.39 37.93
C THR B 211 -17.55 -9.79 38.51
N LYS B 212 -16.58 -10.18 39.33
CA LYS B 212 -16.62 -11.42 40.09
C LYS B 212 -16.34 -11.12 41.56
N ASN B 213 -17.13 -10.19 42.12
CA ASN B 213 -16.88 -9.69 43.47
C ASN B 213 -17.16 -10.74 44.55
N THR B 214 -17.82 -11.85 44.22
CA THR B 214 -17.97 -12.93 45.19
C THR B 214 -16.65 -13.64 45.43
N ILE B 215 -15.72 -13.59 44.47
CA ILE B 215 -14.42 -14.23 44.60
C ILE B 215 -13.34 -13.19 44.90
N LEU B 216 -13.32 -12.09 44.15
CA LEU B 216 -12.44 -10.97 44.43
C LEU B 216 -13.25 -9.90 45.15
N LYS B 217 -13.45 -10.13 46.46
CA LYS B 217 -14.33 -9.26 47.23
C LYS B 217 -13.76 -7.85 47.38
N LYS B 218 -12.43 -7.72 47.46
CA LYS B 218 -11.80 -6.41 47.58
C LYS B 218 -11.59 -5.77 46.21
N TYR B 219 -10.93 -6.49 45.30
CA TYR B 219 -10.60 -5.94 43.99
C TYR B 219 -11.86 -5.57 43.22
N ASP B 220 -12.75 -6.55 43.00
CA ASP B 220 -13.95 -6.29 42.23
C ASP B 220 -15.01 -5.55 43.04
N GLY B 221 -15.02 -5.71 44.36
CA GLY B 221 -15.93 -4.95 45.19
C GLY B 221 -15.74 -3.46 45.03
N ARG B 222 -14.50 -3.01 44.81
CA ARG B 222 -14.26 -1.59 44.60
C ARG B 222 -14.95 -1.10 43.33
N PHE B 223 -14.85 -1.86 42.24
CA PHE B 223 -15.60 -1.50 41.04
C PHE B 223 -17.09 -1.41 41.36
N LYS B 224 -17.61 -2.42 42.06
CA LYS B 224 -19.02 -2.44 42.42
C LYS B 224 -19.41 -1.22 43.24
N ASP B 225 -18.62 -0.90 44.26
CA ASP B 225 -18.98 0.19 45.17
C ASP B 225 -18.95 1.54 44.46
N ILE B 226 -17.89 1.81 43.70
CA ILE B 226 -17.77 3.10 43.04
C ILE B 226 -18.92 3.32 42.08
N PHE B 227 -19.24 2.31 41.27
CA PHE B 227 -20.35 2.42 40.34
C PHE B 227 -21.66 2.71 41.07
N GLN B 228 -21.93 1.99 42.16
CA GLN B 228 -23.19 2.16 42.87
C GLN B 228 -23.26 3.55 43.50
N GLU B 229 -22.15 4.02 44.08
CA GLU B 229 -22.11 5.36 44.66
C GLU B 229 -22.49 6.41 43.62
N ILE B 230 -21.74 6.45 42.52
CA ILE B 230 -21.96 7.47 41.49
C ILE B 230 -23.38 7.39 40.93
N TYR B 231 -23.91 6.16 40.81
CA TYR B 231 -25.28 6.00 40.30
C TYR B 231 -26.29 6.65 41.22
N ASP B 232 -26.25 6.31 42.52
CA ASP B 232 -27.26 6.82 43.44
C ASP B 232 -27.20 8.33 43.54
N LYS B 233 -26.01 8.90 43.47
CA LYS B 233 -25.82 10.32 43.74
C LYS B 233 -26.01 11.20 42.50
N GLN B 234 -25.82 10.66 41.30
CA GLN B 234 -25.73 11.51 40.12
C GLN B 234 -26.51 11.05 38.91
N TYR B 235 -27.02 9.82 38.86
CA TYR B 235 -27.65 9.33 37.64
C TYR B 235 -28.97 8.60 37.86
N LYS B 236 -29.26 8.12 39.07
CA LYS B 236 -30.45 7.30 39.25
C LYS B 236 -31.71 8.05 38.81
N SER B 237 -31.82 9.32 39.21
CA SER B 237 -33.00 10.10 38.83
C SER B 237 -33.12 10.21 37.32
N GLN B 238 -32.00 10.41 36.63
CA GLN B 238 -32.03 10.48 35.18
C GLN B 238 -32.41 9.13 34.57
N PHE B 239 -31.89 8.03 35.13
CA PHE B 239 -32.25 6.71 34.64
C PHE B 239 -33.75 6.45 34.79
N GLU B 240 -34.31 6.78 35.96
CA GLU B 240 -35.74 6.58 36.16
C GLU B 240 -36.55 7.45 35.21
N ALA B 241 -36.07 8.65 34.90
CA ALA B 241 -36.78 9.52 33.97
C ALA B 241 -36.89 8.89 32.58
N GLN B 242 -35.87 8.12 32.18
CA GLN B 242 -35.90 7.45 30.88
C GLN B 242 -36.43 6.03 30.97
N LYS B 243 -36.87 5.59 32.15
CA LYS B 243 -37.45 4.26 32.33
C LYS B 243 -36.43 3.17 32.01
N ILE B 244 -35.16 3.45 32.36
CA ILE B 244 -34.08 2.47 32.26
C ILE B 244 -33.48 2.31 33.65
N TRP B 245 -32.47 1.45 33.79
CA TRP B 245 -31.92 1.11 35.08
C TRP B 245 -30.45 0.76 34.95
N TYR B 246 -29.77 0.69 36.09
CA TYR B 246 -28.42 0.17 36.19
C TYR B 246 -28.39 -0.96 37.20
N GLU B 247 -27.67 -2.03 36.87
CA GLU B 247 -27.54 -3.16 37.79
C GLU B 247 -26.18 -3.81 37.63
N HIS B 248 -25.63 -4.27 38.75
CA HIS B 248 -24.41 -5.06 38.74
C HIS B 248 -24.73 -6.55 38.61
N ARG B 249 -23.88 -7.27 37.89
CA ARG B 249 -24.05 -8.70 37.66
C ARG B 249 -22.72 -9.41 37.79
N LEU B 250 -22.76 -10.65 38.27
CA LEU B 250 -21.57 -11.49 38.22
C LEU B 250 -21.24 -11.83 36.77
N ILE B 251 -19.95 -11.84 36.45
CA ILE B 251 -19.53 -11.92 35.04
C ILE B 251 -20.11 -13.17 34.38
N ASP B 252 -20.06 -14.31 35.06
CA ASP B 252 -20.54 -15.54 34.44
C ASP B 252 -22.06 -15.49 34.26
N ASP B 253 -22.77 -14.94 35.23
CA ASP B 253 -24.20 -14.71 35.05
C ASP B 253 -24.45 -13.71 33.92
N MET B 254 -23.59 -12.71 33.78
CA MET B 254 -23.85 -11.65 32.81
C MET B 254 -23.74 -12.16 31.38
N VAL B 255 -22.70 -12.96 31.08
CA VAL B 255 -22.55 -13.47 29.72
C VAL B 255 -23.73 -14.35 29.34
N ALA B 256 -24.29 -15.07 30.31
CA ALA B 256 -25.49 -15.86 30.05
C ALA B 256 -26.69 -14.96 29.79
N GLN B 257 -26.87 -13.94 30.62
CA GLN B 257 -27.95 -12.98 30.39
C GLN B 257 -27.85 -12.36 29.01
N ALA B 258 -26.64 -11.97 28.61
CA ALA B 258 -26.45 -11.36 27.29
C ALA B 258 -26.82 -12.34 26.18
N MET B 259 -26.36 -13.58 26.30
CA MET B 259 -26.65 -14.59 25.28
C MET B 259 -28.15 -14.73 25.05
N LYS B 260 -28.93 -14.71 26.13
CA LYS B 260 -30.36 -14.94 26.07
C LYS B 260 -31.16 -13.65 25.84
N SER B 261 -30.51 -12.49 25.84
CA SER B 261 -31.25 -11.24 25.77
C SER B 261 -31.68 -10.89 24.33
N GLU B 262 -32.42 -9.79 24.21
CA GLU B 262 -32.77 -9.21 22.92
C GLU B 262 -31.85 -8.05 22.54
N GLY B 263 -30.75 -7.87 23.27
CA GLY B 263 -29.87 -6.77 23.01
C GLY B 263 -30.44 -5.50 23.56
N GLY B 264 -29.85 -4.38 23.15
CA GLY B 264 -30.33 -3.08 23.55
C GLY B 264 -29.93 -2.69 24.96
N PHE B 265 -28.66 -2.87 25.30
CA PHE B 265 -28.16 -2.47 26.60
C PHE B 265 -26.69 -2.09 26.50
N ILE B 266 -26.22 -1.34 27.51
CA ILE B 266 -24.82 -0.99 27.65
C ILE B 266 -24.19 -1.97 28.64
N TRP B 267 -22.98 -2.43 28.32
CA TRP B 267 -22.31 -3.48 29.09
C TRP B 267 -20.93 -2.97 29.48
N ALA B 268 -20.81 -2.50 30.72
CA ALA B 268 -19.53 -2.04 31.25
C ALA B 268 -18.70 -3.25 31.67
N CYS B 269 -17.52 -3.39 31.07
CA CYS B 269 -16.64 -4.52 31.31
C CYS B 269 -15.30 -4.04 31.84
N LYS B 270 -14.76 -4.76 32.83
CA LYS B 270 -13.35 -4.60 33.16
C LYS B 270 -12.49 -4.88 31.94
N ASN B 271 -11.26 -4.36 31.97
CA ASN B 271 -10.39 -4.39 30.81
C ASN B 271 -10.35 -5.78 30.17
N TYR B 272 -9.99 -6.80 30.95
CA TYR B 272 -9.86 -8.14 30.39
C TYR B 272 -11.18 -8.65 29.82
N ASP B 273 -12.27 -8.47 30.58
CA ASP B 273 -13.57 -8.95 30.13
C ASP B 273 -14.03 -8.21 28.88
N GLY B 274 -13.70 -6.92 28.78
CA GLY B 274 -14.07 -6.18 27.58
C GLY B 274 -13.37 -6.70 26.34
N ASP B 275 -12.09 -7.05 26.47
CA ASP B 275 -11.38 -7.65 25.35
C ASP B 275 -12.06 -8.95 24.92
N VAL B 276 -12.26 -9.87 25.87
CA VAL B 276 -12.82 -11.17 25.55
C VAL B 276 -14.24 -11.02 24.99
N GLN B 277 -15.12 -10.37 25.76
CA GLN B 277 -16.53 -10.35 25.40
C GLN B 277 -16.82 -9.48 24.19
N SER B 278 -15.98 -8.49 23.89
CA SER B 278 -16.24 -7.67 22.70
C SER B 278 -16.03 -8.49 21.43
N ASP B 279 -15.06 -9.40 21.44
CA ASP B 279 -14.91 -10.30 20.29
C ASP B 279 -16.06 -11.30 20.23
N SER B 280 -16.50 -11.80 21.38
CA SER B 280 -17.64 -12.72 21.40
C SER B 280 -18.88 -12.05 20.83
N VAL B 281 -19.15 -10.81 21.25
CA VAL B 281 -20.35 -10.11 20.77
C VAL B 281 -20.23 -9.81 19.29
N ALA B 282 -19.07 -9.31 18.85
CA ALA B 282 -18.90 -8.97 17.45
C ALA B 282 -19.17 -10.18 16.56
N GLN B 283 -18.62 -11.34 16.92
CA GLN B 283 -18.89 -12.55 16.17
C GLN B 283 -20.38 -12.92 16.25
N GLY B 284 -21.00 -12.70 17.41
CA GLY B 284 -22.40 -13.04 17.56
C GLY B 284 -23.30 -12.30 16.60
N TYR B 285 -22.96 -11.06 16.28
CA TYR B 285 -23.74 -10.27 15.33
C TYR B 285 -23.47 -10.63 13.88
N GLY B 286 -22.45 -11.44 13.61
CA GLY B 286 -22.26 -11.92 12.25
C GLY B 286 -20.83 -12.03 11.78
N SER B 287 -19.97 -11.12 12.22
CA SER B 287 -18.59 -11.07 11.72
C SER B 287 -17.73 -10.37 12.74
N LEU B 288 -16.57 -10.98 13.04
CA LEU B 288 -15.66 -10.42 14.03
C LEU B 288 -15.06 -9.09 13.57
N GLY B 289 -14.86 -8.94 12.26
CA GLY B 289 -14.29 -7.72 11.72
C GLY B 289 -15.24 -6.55 11.59
N MET B 290 -16.54 -6.78 11.73
CA MET B 290 -17.55 -5.73 11.56
C MET B 290 -17.86 -5.15 12.93
N MET B 291 -16.94 -4.32 13.42
CA MET B 291 -17.05 -3.76 14.75
C MET B 291 -16.35 -2.40 14.78
N THR B 292 -16.97 -1.44 15.47
CA THR B 292 -16.35 -0.17 15.77
C THR B 292 -15.69 -0.25 17.15
N SER B 293 -14.63 0.54 17.32
CA SER B 293 -13.88 0.56 18.58
C SER B 293 -13.29 1.94 18.75
N VAL B 294 -13.80 2.71 19.70
CA VAL B 294 -13.40 4.10 19.92
C VAL B 294 -13.08 4.27 21.40
N LEU B 295 -11.86 4.68 21.70
CA LEU B 295 -11.46 5.04 23.06
C LEU B 295 -11.93 6.45 23.36
N VAL B 296 -12.76 6.60 24.38
CA VAL B 296 -13.29 7.90 24.81
C VAL B 296 -12.58 8.27 26.10
N CYS B 297 -11.79 9.34 26.05
CA CYS B 297 -10.99 9.73 27.20
C CYS B 297 -11.83 10.49 28.21
N PRO B 298 -11.34 10.62 29.44
CA PRO B 298 -12.18 11.25 30.49
C PRO B 298 -12.54 12.70 30.21
N ASP B 299 -11.66 13.47 29.55
CA ASP B 299 -11.92 14.88 29.33
C ASP B 299 -13.11 15.14 28.42
N GLY B 300 -13.66 14.13 27.77
CA GLY B 300 -14.76 14.34 26.87
C GLY B 300 -14.40 14.99 25.55
N LYS B 301 -13.12 15.24 25.29
CA LYS B 301 -12.68 15.85 24.04
C LYS B 301 -11.70 15.00 23.27
N THR B 302 -10.90 14.17 23.95
CA THR B 302 -9.89 13.36 23.29
C THR B 302 -10.46 11.99 22.95
N VAL B 303 -10.08 11.48 21.78
CA VAL B 303 -10.69 10.27 21.24
C VAL B 303 -9.65 9.55 20.39
N GLU B 304 -9.68 8.22 20.44
CA GLU B 304 -8.82 7.37 19.59
C GLU B 304 -9.69 6.29 18.96
N ALA B 305 -9.95 6.42 17.67
CA ALA B 305 -10.67 5.41 16.92
C ALA B 305 -9.66 4.43 16.32
N GLU B 306 -10.01 3.15 16.31
CA GLU B 306 -9.07 2.11 15.90
C GLU B 306 -9.79 1.01 15.14
N ALA B 307 -9.01 0.23 14.39
CA ALA B 307 -9.46 -1.03 13.85
C ALA B 307 -9.05 -2.14 14.82
N ALA B 308 -10.03 -2.85 15.37
CA ALA B 308 -9.82 -3.76 16.48
C ALA B 308 -9.40 -5.17 16.07
N HIS B 309 -9.45 -5.49 14.78
CA HIS B 309 -9.24 -6.87 14.37
C HIS B 309 -7.73 -7.09 14.14
N GLY B 310 -7.36 -8.23 13.59
CA GLY B 310 -5.97 -8.52 13.37
C GLY B 310 -5.40 -7.82 12.15
N THR B 311 -4.20 -8.24 11.77
CA THR B 311 -3.47 -7.68 10.64
C THR B 311 -3.66 -8.54 9.39
N VAL B 312 -4.52 -9.54 9.46
CA VAL B 312 -4.87 -10.40 8.34
C VAL B 312 -3.59 -10.92 7.70
N THR B 313 -2.82 -11.72 8.44
CA THR B 313 -1.51 -12.14 7.97
C THR B 313 -1.63 -13.01 6.72
N ARG B 314 -2.60 -13.93 6.70
CA ARG B 314 -2.72 -14.84 5.58
C ARG B 314 -2.96 -14.08 4.28
N HIS B 315 -3.80 -13.05 4.30
CA HIS B 315 -4.00 -12.23 3.11
C HIS B 315 -2.72 -11.50 2.72
N TYR B 316 -1.96 -11.04 3.72
CA TYR B 316 -0.72 -10.31 3.43
C TYR B 316 0.29 -11.21 2.72
N ARG B 317 0.40 -12.47 3.14
CA ARG B 317 1.32 -13.40 2.49
C ARG B 317 0.95 -13.56 1.01
N MET B 318 -0.35 -13.67 0.71
CA MET B 318 -0.79 -13.75 -0.68
C MET B 318 -0.51 -12.44 -1.40
N TYR B 319 -0.82 -11.31 -0.76
CA TYR B 319 -0.54 -10.01 -1.36
C TYR B 319 0.93 -9.89 -1.74
N GLN B 320 1.83 -10.29 -0.84
CA GLN B 320 3.25 -10.17 -1.12
C GLN B 320 3.71 -11.08 -2.25
N LYS B 321 2.96 -12.16 -2.54
CA LYS B 321 3.24 -13.00 -3.68
C LYS B 321 2.64 -12.46 -4.97
N GLY B 322 1.90 -11.36 -4.92
CA GLY B 322 1.25 -10.85 -6.11
C GLY B 322 -0.08 -11.48 -6.41
N GLN B 323 -0.60 -12.31 -5.51
CA GLN B 323 -1.87 -12.99 -5.73
C GLN B 323 -3.04 -12.10 -5.33
N GLU B 324 -4.18 -12.32 -5.97
CA GLU B 324 -5.38 -11.55 -5.66
C GLU B 324 -5.86 -11.84 -4.25
N THR B 325 -6.32 -10.79 -3.56
CA THR B 325 -6.84 -10.90 -2.21
C THR B 325 -8.20 -10.21 -2.13
N SER B 326 -8.99 -10.60 -1.14
CA SER B 326 -10.32 -10.04 -0.89
C SER B 326 -10.41 -9.80 0.62
N THR B 327 -10.03 -8.59 1.04
CA THR B 327 -9.91 -8.25 2.45
C THR B 327 -10.96 -7.24 2.85
N ASN B 328 -11.65 -7.51 3.95
CA ASN B 328 -12.71 -6.63 4.44
C ASN B 328 -12.11 -5.35 5.01
N PRO B 329 -12.38 -4.18 4.44
CA PRO B 329 -11.82 -2.93 4.96
C PRO B 329 -12.74 -2.13 5.88
N ILE B 330 -13.93 -2.66 6.19
CA ILE B 330 -14.96 -1.84 6.85
C ILE B 330 -14.46 -1.30 8.17
N ALA B 331 -13.85 -2.16 9.00
CA ALA B 331 -13.39 -1.71 10.31
C ALA B 331 -12.41 -0.56 10.21
N SER B 332 -11.47 -0.64 9.27
CA SER B 332 -10.52 0.46 9.08
C SER B 332 -11.21 1.71 8.56
N ILE B 333 -12.19 1.55 7.66
CA ILE B 333 -12.95 2.69 7.18
C ILE B 333 -13.67 3.37 8.34
N PHE B 334 -14.30 2.57 9.22
CA PHE B 334 -15.08 3.15 10.31
C PHE B 334 -14.19 3.72 11.41
N ALA B 335 -12.92 3.29 11.50
CA ALA B 335 -11.98 3.99 12.36
C ALA B 335 -11.79 5.42 11.87
N TRP B 336 -11.76 5.62 10.56
CA TRP B 336 -11.62 6.96 10.01
C TRP B 336 -12.89 7.77 10.21
N THR B 337 -14.03 7.21 9.81
CA THR B 337 -15.28 7.97 9.91
C THR B 337 -15.60 8.33 11.36
N ARG B 338 -15.33 7.41 12.30
CA ARG B 338 -15.57 7.73 13.70
C ARG B 338 -14.61 8.80 14.20
N GLY B 339 -13.35 8.75 13.76
CA GLY B 339 -12.42 9.80 14.10
C GLY B 339 -12.80 11.13 13.48
N LEU B 340 -13.15 11.13 12.20
CA LEU B 340 -13.54 12.35 11.53
C LEU B 340 -14.83 12.91 12.11
N ALA B 341 -15.77 12.04 12.50
CA ALA B 341 -17.01 12.50 13.11
C ALA B 341 -16.74 13.31 14.38
N HIS B 342 -15.79 12.84 15.20
CA HIS B 342 -15.46 13.58 16.42
C HIS B 342 -14.68 14.84 16.09
N ARG B 343 -13.74 14.76 15.15
CA ARG B 343 -13.04 15.95 14.69
C ARG B 343 -14.03 17.03 14.29
N ALA B 344 -15.07 16.66 13.54
CA ALA B 344 -16.07 17.61 13.09
C ALA B 344 -16.83 18.20 14.27
N LYS B 345 -17.20 17.37 15.24
CA LYS B 345 -17.96 17.83 16.39
C LYS B 345 -17.19 18.90 17.17
N LEU B 346 -15.91 18.63 17.44
CA LEU B 346 -15.08 19.62 18.15
C LEU B 346 -14.99 20.93 17.39
N ASP B 347 -15.08 20.89 16.06
CA ASP B 347 -14.87 22.06 15.22
C ASP B 347 -16.16 22.64 14.67
N ASN B 348 -17.31 22.07 15.01
CA ASN B 348 -18.59 22.50 14.44
C ASN B 348 -18.53 22.48 12.91
N ASN B 349 -17.79 21.50 12.39
CA ASN B 349 -17.57 21.36 10.95
C ASN B 349 -18.71 20.53 10.37
N LYS B 350 -19.79 21.20 10.00
CA LYS B 350 -20.95 20.49 9.47
C LYS B 350 -20.64 19.73 8.19
N GLU B 351 -19.75 20.27 7.35
CA GLU B 351 -19.41 19.58 6.11
C GLU B 351 -18.69 18.27 6.41
N LEU B 352 -17.73 18.29 7.33
CA LEU B 352 -17.01 17.07 7.68
C LEU B 352 -17.92 16.06 8.34
N ALA B 353 -18.78 16.52 9.27
CA ALA B 353 -19.73 15.62 9.91
C ALA B 353 -20.60 14.92 8.88
N PHE B 354 -21.06 15.65 7.87
CA PHE B 354 -21.88 15.03 6.83
C PHE B 354 -21.09 13.97 6.07
N PHE B 355 -19.84 14.28 5.74
CA PHE B 355 -19.01 13.32 4.99
C PHE B 355 -18.84 12.02 5.77
N ALA B 356 -18.49 12.14 7.06
CA ALA B 356 -18.26 10.95 7.86
C ALA B 356 -19.47 10.03 7.86
N ASN B 357 -20.67 10.61 8.09
CA ASN B 357 -21.87 9.80 8.09
C ASN B 357 -22.16 9.24 6.69
N ALA B 358 -21.95 10.04 5.66
CA ALA B 358 -22.19 9.57 4.30
C ALA B 358 -21.34 8.35 3.99
N LEU B 359 -20.06 8.38 4.37
CA LEU B 359 -19.17 7.26 4.08
C LEU B 359 -19.61 6.00 4.81
N GLU B 360 -20.10 6.15 6.05
CA GLU B 360 -20.64 4.99 6.76
C GLU B 360 -21.88 4.44 6.06
N GLU B 361 -22.77 5.33 5.63
CA GLU B 361 -23.97 4.88 4.91
C GLU B 361 -23.60 4.17 3.63
N VAL B 362 -22.67 4.74 2.86
CA VAL B 362 -22.26 4.10 1.60
C VAL B 362 -21.70 2.72 1.87
N SER B 363 -20.92 2.58 2.93
CA SER B 363 -20.34 1.27 3.26
C SER B 363 -21.43 0.24 3.52
N ILE B 364 -22.46 0.62 4.28
CA ILE B 364 -23.53 -0.31 4.61
C ILE B 364 -24.37 -0.62 3.37
N GLU B 365 -24.71 0.41 2.59
CA GLU B 365 -25.58 0.21 1.44
C GLU B 365 -24.91 -0.66 0.38
N THR B 366 -23.61 -0.49 0.18
CA THR B 366 -22.90 -1.29 -0.82
C THR B 366 -23.01 -2.78 -0.49
N ILE B 367 -22.75 -3.14 0.77
CA ILE B 367 -22.83 -4.55 1.16
C ILE B 367 -24.27 -5.04 1.07
N GLU B 368 -25.23 -4.24 1.55
CA GLU B 368 -26.63 -4.65 1.50
C GLU B 368 -27.14 -4.75 0.06
N ALA B 369 -26.44 -4.14 -0.89
CA ALA B 369 -26.81 -4.24 -2.29
C ALA B 369 -26.17 -5.44 -2.98
N GLY B 370 -25.38 -6.24 -2.26
CA GLY B 370 -24.80 -7.45 -2.79
C GLY B 370 -23.35 -7.36 -3.18
N PHE B 371 -22.69 -6.22 -2.96
CA PHE B 371 -21.29 -6.03 -3.28
C PHE B 371 -20.48 -6.10 -1.98
N MET B 372 -19.67 -7.14 -1.86
CA MET B 372 -18.97 -7.42 -0.60
C MET B 372 -17.71 -8.22 -0.89
N THR B 373 -16.85 -8.31 0.13
CA THR B 373 -15.65 -9.12 0.03
C THR B 373 -15.98 -10.57 0.34
N LYS B 374 -14.98 -11.44 0.17
CA LYS B 374 -15.24 -12.88 0.24
C LYS B 374 -15.70 -13.31 1.63
N ASP B 375 -15.13 -12.69 2.68
CA ASP B 375 -15.52 -13.07 4.04
C ASP B 375 -17.03 -12.91 4.24
N LEU B 376 -17.59 -11.79 3.79
CA LEU B 376 -19.01 -11.53 4.01
C LEU B 376 -19.87 -12.38 3.08
N ALA B 377 -19.39 -12.67 1.87
CA ALA B 377 -20.10 -13.63 1.02
C ALA B 377 -20.18 -14.99 1.68
N ALA B 378 -19.11 -15.40 2.37
CA ALA B 378 -19.12 -16.68 3.08
C ALA B 378 -20.10 -16.64 4.25
N CYS B 379 -20.18 -15.51 4.95
CA CYS B 379 -21.15 -15.39 6.03
C CYS B 379 -22.56 -15.68 5.55
N ILE B 380 -22.86 -15.36 4.29
CA ILE B 380 -24.22 -15.51 3.79
C ILE B 380 -24.47 -16.93 3.31
N LYS B 381 -23.60 -17.46 2.43
CA LYS B 381 -23.84 -18.78 1.85
C LYS B 381 -22.80 -19.81 2.24
N GLY B 382 -22.10 -19.63 3.36
CA GLY B 382 -21.14 -20.64 3.79
C GLY B 382 -19.94 -20.71 2.89
N LEU B 383 -18.74 -20.79 3.47
CA LEU B 383 -17.51 -20.74 2.66
C LEU B 383 -17.47 -21.78 1.56
N PRO B 384 -17.82 -23.06 1.79
CA PRO B 384 -17.71 -24.04 0.70
C PRO B 384 -18.54 -23.72 -0.53
N ASN B 385 -19.54 -22.85 -0.41
CA ASN B 385 -20.44 -22.55 -1.51
C ASN B 385 -20.13 -21.23 -2.20
N VAL B 386 -19.08 -20.55 -1.77
CA VAL B 386 -18.72 -19.27 -2.37
C VAL B 386 -17.94 -19.50 -3.66
N GLN B 387 -18.39 -18.89 -4.75
CA GLN B 387 -17.66 -18.85 -6.00
C GLN B 387 -16.94 -17.51 -6.12
N ARG B 388 -16.06 -17.42 -7.12
CA ARG B 388 -15.41 -16.13 -7.38
C ARG B 388 -16.43 -15.08 -7.78
N SER B 389 -17.52 -15.49 -8.43
CA SER B 389 -18.55 -14.56 -8.88
C SER B 389 -19.37 -13.97 -7.74
N ASP B 390 -19.21 -14.49 -6.52
CA ASP B 390 -20.03 -14.05 -5.39
C ASP B 390 -19.44 -12.87 -4.63
N TYR B 391 -18.19 -12.47 -4.89
CA TYR B 391 -17.56 -11.42 -4.11
C TYR B 391 -16.65 -10.60 -5.01
N LEU B 392 -16.05 -9.56 -4.42
CA LEU B 392 -15.14 -8.66 -5.10
C LEU B 392 -13.79 -8.69 -4.40
N ASN B 393 -12.71 -8.57 -5.17
CA ASN B 393 -11.39 -8.48 -4.56
C ASN B 393 -11.23 -7.12 -3.86
N THR B 394 -10.15 -6.99 -3.10
CA THR B 394 -9.97 -5.81 -2.25
C THR B 394 -10.13 -4.53 -3.05
N PHE B 395 -9.41 -4.42 -4.17
CA PHE B 395 -9.46 -3.19 -4.95
C PHE B 395 -10.82 -3.00 -5.63
N GLU B 396 -11.42 -4.09 -6.11
CA GLU B 396 -12.72 -3.98 -6.75
C GLU B 396 -13.79 -3.52 -5.77
N PHE B 397 -13.74 -4.04 -4.54
CA PHE B 397 -14.71 -3.61 -3.53
C PHE B 397 -14.52 -2.14 -3.19
N MET B 398 -13.26 -1.73 -2.98
CA MET B 398 -12.99 -0.34 -2.64
C MET B 398 -13.35 0.59 -3.79
N ASP B 399 -13.15 0.14 -5.03
CA ASP B 399 -13.59 0.93 -6.17
C ASP B 399 -15.10 1.12 -6.16
N LYS B 400 -15.85 0.07 -5.81
CA LYS B 400 -17.30 0.19 -5.80
C LYS B 400 -17.75 1.19 -4.74
N LEU B 401 -17.14 1.13 -3.56
CA LEU B 401 -17.45 2.13 -2.53
C LEU B 401 -17.11 3.52 -3.02
N GLY B 402 -16.00 3.66 -3.76
CA GLY B 402 -15.66 4.96 -4.30
C GLY B 402 -16.72 5.51 -5.23
N GLU B 403 -17.21 4.66 -6.14
CA GLU B 403 -18.28 5.07 -7.03
C GLU B 403 -19.51 5.50 -6.24
N ASN B 404 -19.99 4.64 -5.35
CA ASN B 404 -21.18 4.95 -4.58
C ASN B 404 -20.99 6.17 -3.69
N LEU B 405 -19.77 6.38 -3.18
CA LEU B 405 -19.51 7.57 -2.37
C LEU B 405 -19.60 8.83 -3.22
N LYS B 406 -18.98 8.81 -4.41
CA LYS B 406 -19.08 9.96 -5.30
C LYS B 406 -20.53 10.30 -5.59
N ILE B 407 -21.36 9.29 -5.81
CA ILE B 407 -22.77 9.52 -6.13
C ILE B 407 -23.47 10.20 -4.95
N LYS B 408 -23.35 9.62 -3.76
CA LYS B 408 -24.10 10.16 -2.62
C LYS B 408 -23.70 11.60 -2.33
N LEU B 409 -22.40 11.93 -2.46
CA LEU B 409 -21.98 13.30 -2.21
C LEU B 409 -22.43 14.24 -3.32
N ALA B 410 -22.49 13.75 -4.57
CA ALA B 410 -23.00 14.56 -5.67
C ALA B 410 -24.48 14.86 -5.48
N GLN B 411 -25.28 13.86 -5.13
CA GLN B 411 -26.71 14.08 -4.97
C GLN B 411 -27.02 14.98 -3.78
N ALA B 412 -26.22 14.89 -2.72
CA ALA B 412 -26.46 15.71 -1.55
C ALA B 412 -26.31 17.20 -1.87
N LYS B 413 -25.28 17.55 -2.64
CA LYS B 413 -25.05 18.94 -2.97
C LYS B 413 -26.18 19.52 -3.81
N LEU B 414 -26.80 18.71 -4.66
CA LEU B 414 -27.91 19.15 -5.49
C LEU B 414 -29.24 18.89 -4.78
N ILE C 5 -29.82 -53.49 43.95
CA ILE C 5 -28.66 -53.06 43.18
C ILE C 5 -27.61 -52.51 44.16
N SER C 6 -26.39 -53.00 44.03
CA SER C 6 -25.29 -52.62 44.92
C SER C 6 -24.62 -51.35 44.44
N GLY C 7 -25.00 -50.22 45.03
CA GLY C 7 -24.51 -48.93 44.55
C GLY C 7 -23.08 -48.62 44.97
N GLY C 8 -22.69 -49.04 46.17
CA GLY C 8 -21.34 -48.78 46.65
C GLY C 8 -21.23 -47.52 47.47
N SER C 9 -19.98 -47.11 47.68
CA SER C 9 -19.65 -45.97 48.54
C SER C 9 -19.68 -44.68 47.75
N VAL C 10 -20.42 -43.69 48.27
CA VAL C 10 -20.55 -42.38 47.64
C VAL C 10 -20.59 -41.31 48.71
N VAL C 11 -19.89 -40.20 48.47
CA VAL C 11 -19.92 -39.03 49.34
C VAL C 11 -20.92 -38.04 48.75
N GLU C 12 -21.92 -37.64 49.53
CA GLU C 12 -22.91 -36.66 49.12
C GLU C 12 -22.69 -35.37 49.90
N MET C 13 -22.89 -34.24 49.23
CA MET C 13 -22.79 -32.92 49.84
C MET C 13 -24.13 -32.23 49.66
N GLN C 14 -24.84 -32.01 50.77
CA GLN C 14 -26.16 -31.41 50.75
C GLN C 14 -26.04 -29.90 50.53
N GLY C 15 -27.10 -29.32 49.96
CA GLY C 15 -27.05 -27.94 49.53
C GLY C 15 -28.04 -27.02 50.20
N ASP C 16 -28.57 -26.05 49.45
CA ASP C 16 -29.33 -24.94 50.02
C ASP C 16 -30.62 -24.70 49.25
N GLU C 17 -31.61 -24.17 49.98
CA GLU C 17 -32.85 -23.61 49.42
C GLU C 17 -33.50 -24.65 48.49
N MET C 18 -33.96 -24.26 47.31
CA MET C 18 -34.80 -25.16 46.52
C MET C 18 -34.04 -26.38 46.02
N THR C 19 -32.77 -26.21 45.64
CA THR C 19 -32.00 -27.36 45.17
C THR C 19 -31.85 -28.41 46.26
N ARG C 20 -31.80 -27.99 47.52
CA ARG C 20 -31.82 -28.94 48.62
C ARG C 20 -33.09 -29.78 48.58
N ILE C 21 -34.24 -29.14 48.33
CA ILE C 21 -35.50 -29.87 48.26
C ILE C 21 -35.45 -30.89 47.13
N ILE C 22 -35.03 -30.45 45.94
CA ILE C 22 -34.94 -31.35 44.81
C ILE C 22 -33.96 -32.48 45.09
N TRP C 23 -32.86 -32.16 45.77
CA TRP C 23 -31.86 -33.18 46.08
C TRP C 23 -32.49 -34.36 46.80
N GLU C 24 -33.32 -34.09 47.81
CA GLU C 24 -33.96 -35.15 48.56
C GLU C 24 -34.98 -35.90 47.73
N LEU C 25 -35.79 -35.16 46.96
CA LEU C 25 -36.77 -35.81 46.11
C LEU C 25 -36.13 -36.75 45.11
N ILE C 26 -34.97 -36.39 44.58
CA ILE C 26 -34.23 -37.25 43.66
C ILE C 26 -33.86 -38.55 44.36
N LYS C 27 -33.33 -38.44 45.59
CA LYS C 27 -32.90 -39.63 46.31
C LYS C 27 -34.08 -40.56 46.60
N GLU C 28 -35.17 -40.02 47.16
CA GLU C 28 -36.26 -40.86 47.62
C GLU C 28 -37.12 -41.36 46.45
N LYS C 29 -37.18 -40.61 45.35
CA LYS C 29 -38.08 -40.94 44.25
C LYS C 29 -37.39 -41.63 43.08
N LEU C 30 -36.10 -41.39 42.87
CA LEU C 30 -35.41 -41.92 41.70
C LEU C 30 -34.24 -42.84 42.02
N ILE C 31 -33.55 -42.65 43.15
CA ILE C 31 -32.34 -43.39 43.44
C ILE C 31 -32.61 -44.49 44.47
N PHE C 32 -33.01 -44.09 45.68
CA PHE C 32 -33.20 -45.07 46.74
C PHE C 32 -34.18 -46.18 46.38
N PRO C 33 -35.27 -45.92 45.64
CA PRO C 33 -36.18 -47.02 45.29
C PRO C 33 -35.50 -48.13 44.47
N TYR C 34 -34.32 -47.86 43.91
CA TYR C 34 -33.63 -48.84 43.07
C TYR C 34 -32.18 -49.10 43.44
N VAL C 35 -31.55 -48.27 44.28
CA VAL C 35 -30.14 -48.40 44.59
C VAL C 35 -29.94 -48.26 46.10
N GLU C 36 -29.20 -49.20 46.68
CA GLU C 36 -28.73 -49.09 48.06
C GLU C 36 -27.29 -48.63 48.06
N LEU C 37 -27.01 -47.56 48.82
CA LEU C 37 -25.71 -46.91 48.80
C LEU C 37 -25.10 -46.87 50.19
N ASP C 38 -23.77 -46.91 50.23
CA ASP C 38 -23.00 -46.61 51.45
C ASP C 38 -22.70 -45.12 51.43
N LEU C 39 -23.71 -44.32 51.80
CA LEU C 39 -23.60 -42.87 51.72
C LEU C 39 -22.79 -42.31 52.87
N HIS C 40 -21.91 -41.36 52.54
CA HIS C 40 -21.17 -40.55 53.52
C HIS C 40 -21.64 -39.12 53.30
N SER C 41 -22.62 -38.68 54.11
CA SER C 41 -23.31 -37.42 53.87
C SER C 41 -22.64 -36.28 54.65
N TYR C 42 -22.44 -35.16 53.96
CA TYR C 42 -21.92 -33.95 54.57
C TYR C 42 -22.85 -32.79 54.22
N ASP C 43 -23.34 -32.10 55.25
CA ASP C 43 -24.31 -31.02 55.07
C ASP C 43 -23.57 -29.71 54.87
N LEU C 44 -23.48 -29.27 53.61
CA LEU C 44 -22.90 -27.98 53.27
C LEU C 44 -23.96 -26.89 53.12
N GLY C 45 -25.13 -27.09 53.71
CA GLY C 45 -26.07 -26.00 53.84
C GLY C 45 -25.44 -24.82 54.57
N ILE C 46 -25.86 -23.62 54.19
CA ILE C 46 -25.22 -22.42 54.73
C ILE C 46 -25.26 -22.43 56.26
N GLU C 47 -26.36 -22.93 56.84
CA GLU C 47 -26.48 -22.90 58.29
C GLU C 47 -25.56 -23.91 58.96
N ASN C 48 -25.31 -25.06 58.32
CA ASN C 48 -24.41 -26.03 58.91
C ASN C 48 -22.95 -25.63 58.69
N ARG C 49 -22.64 -25.05 57.54
CA ARG C 49 -21.30 -24.52 57.32
C ARG C 49 -20.97 -23.45 58.35
N ASP C 50 -21.94 -22.57 58.64
CA ASP C 50 -21.73 -21.55 59.66
C ASP C 50 -21.51 -22.20 61.04
N ALA C 51 -22.30 -23.23 61.35
CA ALA C 51 -22.18 -23.86 62.67
C ALA C 51 -20.81 -24.51 62.85
N THR C 52 -20.26 -25.07 61.79
CA THR C 52 -18.99 -25.77 61.84
C THR C 52 -17.82 -24.91 61.40
N ASN C 53 -18.01 -23.60 61.28
CA ASN C 53 -16.95 -22.69 60.82
C ASN C 53 -16.36 -23.18 59.50
N ASP C 54 -17.22 -23.68 58.63
CA ASP C 54 -16.86 -24.15 57.29
C ASP C 54 -16.01 -25.41 57.32
N GLN C 55 -15.85 -26.04 58.49
CA GLN C 55 -15.07 -27.27 58.58
C GLN C 55 -15.73 -28.40 57.81
N VAL C 56 -17.07 -28.44 57.78
CA VAL C 56 -17.77 -29.52 57.08
C VAL C 56 -17.41 -29.53 55.60
N THR C 57 -17.11 -28.36 55.03
CA THR C 57 -16.72 -28.31 53.63
C THR C 57 -15.40 -29.03 53.40
N LYS C 58 -14.42 -28.78 54.27
CA LYS C 58 -13.12 -29.44 54.16
C LYS C 58 -13.24 -30.92 54.42
N ASP C 59 -14.04 -31.30 55.43
CA ASP C 59 -14.23 -32.72 55.72
C ASP C 59 -14.79 -33.46 54.51
N ALA C 60 -15.78 -32.88 53.84
CA ALA C 60 -16.35 -33.53 52.67
C ALA C 60 -15.30 -33.74 51.59
N ALA C 61 -14.44 -32.74 51.37
CA ALA C 61 -13.40 -32.89 50.35
C ALA C 61 -12.49 -34.06 50.64
N GLU C 62 -12.08 -34.22 51.91
CA GLU C 62 -11.21 -35.35 52.25
C GLU C 62 -11.93 -36.68 52.10
N ALA C 63 -13.23 -36.71 52.42
CA ALA C 63 -14.00 -37.93 52.23
C ALA C 63 -14.04 -38.33 50.75
N ILE C 64 -14.12 -37.34 49.85
CA ILE C 64 -14.08 -37.64 48.42
C ILE C 64 -12.74 -38.25 48.06
N LYS C 65 -11.65 -37.68 48.59
CA LYS C 65 -10.32 -38.25 48.38
C LYS C 65 -10.28 -39.69 48.85
N LYS C 66 -10.98 -40.01 49.94
CA LYS C 66 -10.94 -41.36 50.48
C LYS C 66 -11.81 -42.33 49.69
N HIS C 67 -13.02 -41.89 49.31
CA HIS C 67 -13.99 -42.78 48.68
C HIS C 67 -14.11 -42.59 47.19
N ASN C 68 -13.48 -41.56 46.62
CA ASN C 68 -13.24 -41.37 45.19
C ASN C 68 -14.44 -40.83 44.42
N VAL C 69 -15.63 -40.75 45.02
CA VAL C 69 -16.82 -40.30 44.31
C VAL C 69 -17.57 -39.31 45.20
N GLY C 70 -17.76 -38.10 44.70
CA GLY C 70 -18.57 -37.10 45.36
C GLY C 70 -19.66 -36.60 44.45
N VAL C 71 -20.84 -36.35 45.02
CA VAL C 71 -21.96 -35.73 44.32
C VAL C 71 -22.46 -34.58 45.19
N LYS C 72 -22.51 -33.38 44.62
CA LYS C 72 -22.74 -32.16 45.38
C LYS C 72 -23.96 -31.41 44.90
N CYS C 73 -24.82 -31.01 45.85
CA CYS C 73 -25.94 -30.13 45.58
C CYS C 73 -25.46 -28.68 45.51
N ALA C 74 -26.20 -27.86 44.77
CA ALA C 74 -25.86 -26.45 44.67
C ALA C 74 -25.90 -25.80 46.06
N THR C 75 -24.97 -24.88 46.29
CA THR C 75 -24.82 -24.24 47.59
C THR C 75 -24.77 -22.72 47.44
N ILE C 76 -24.96 -22.03 48.56
CA ILE C 76 -24.88 -20.59 48.61
C ILE C 76 -23.45 -20.16 48.90
N THR C 77 -22.94 -19.23 48.08
CA THR C 77 -21.75 -18.48 48.45
C THR C 77 -22.22 -17.14 49.01
N PRO C 78 -22.07 -16.88 50.31
CA PRO C 78 -22.76 -15.74 50.92
C PRO C 78 -22.15 -14.40 50.53
N ASP C 79 -23.03 -13.42 50.30
CA ASP C 79 -22.67 -12.02 50.19
C ASP C 79 -23.19 -11.29 51.44
N GLU C 80 -23.11 -9.95 51.41
CA GLU C 80 -23.49 -9.18 52.60
C GLU C 80 -24.95 -9.43 52.99
N LYS C 81 -25.86 -9.45 52.02
CA LYS C 81 -27.25 -9.70 52.37
C LYS C 81 -27.41 -11.08 52.99
N ARG C 82 -26.66 -12.08 52.51
CA ARG C 82 -26.83 -13.43 53.03
C ARG C 82 -26.32 -13.53 54.47
N VAL C 83 -25.25 -12.82 54.83
CA VAL C 83 -24.83 -12.82 56.22
C VAL C 83 -25.91 -12.19 57.10
N GLU C 84 -26.53 -11.12 56.60
CA GLU C 84 -27.64 -10.50 57.32
C GLU C 84 -28.83 -11.44 57.39
N GLU C 85 -29.10 -12.15 56.29
CA GLU C 85 -30.24 -13.07 56.27
C GLU C 85 -30.09 -14.15 57.33
N PHE C 86 -28.91 -14.79 57.38
CA PHE C 86 -28.69 -15.92 58.27
C PHE C 86 -27.88 -15.56 59.51
N LYS C 87 -27.62 -14.28 59.75
CA LYS C 87 -26.82 -13.85 60.89
C LYS C 87 -25.52 -14.66 60.97
N LEU C 88 -24.82 -14.71 59.85
CA LEU C 88 -23.63 -15.56 59.73
C LEU C 88 -22.47 -14.97 60.52
N LYS C 89 -21.57 -15.84 60.97
CA LYS C 89 -20.36 -15.37 61.65
C LYS C 89 -19.45 -14.65 60.67
N GLN C 90 -19.25 -15.23 59.49
CA GLN C 90 -18.38 -14.66 58.47
C GLN C 90 -19.02 -14.83 57.10
N MET C 91 -18.45 -14.11 56.12
CA MET C 91 -18.84 -14.27 54.72
C MET C 91 -18.01 -15.44 54.18
N TRP C 92 -18.49 -16.65 54.47
CA TRP C 92 -17.71 -17.84 54.20
C TRP C 92 -17.37 -17.93 52.73
N LYS C 93 -16.18 -18.46 52.43
CA LYS C 93 -15.72 -18.56 51.06
C LYS C 93 -16.50 -19.65 50.32
N SER C 94 -16.53 -19.52 48.99
CA SER C 94 -17.20 -20.48 48.15
C SER C 94 -16.76 -21.90 48.51
N PRO C 95 -17.69 -22.78 48.91
CA PRO C 95 -17.29 -24.17 49.16
C PRO C 95 -16.84 -24.90 47.90
N ASN C 96 -17.33 -24.47 46.73
CA ASN C 96 -16.84 -25.05 45.48
C ASN C 96 -15.36 -24.76 45.30
N GLY C 97 -14.94 -23.53 45.59
CA GLY C 97 -13.52 -23.20 45.52
C GLY C 97 -12.70 -24.01 46.51
N THR C 98 -13.20 -24.15 47.74
CA THR C 98 -12.49 -24.94 48.74
C THR C 98 -12.29 -26.37 48.28
N ILE C 99 -13.37 -27.00 47.81
CA ILE C 99 -13.29 -28.40 47.37
C ILE C 99 -12.34 -28.53 46.20
N ARG C 100 -12.44 -27.64 45.22
CA ARG C 100 -11.59 -27.72 44.04
C ARG C 100 -10.13 -27.51 44.40
N ASN C 101 -9.86 -26.56 45.32
CA ASN C 101 -8.48 -26.29 45.70
C ASN C 101 -7.85 -27.48 46.41
N ILE C 102 -8.64 -28.26 47.13
CA ILE C 102 -8.12 -29.44 47.82
C ILE C 102 -7.88 -30.58 46.85
N LEU C 103 -8.84 -30.84 45.96
CA LEU C 103 -8.73 -32.01 45.09
C LEU C 103 -7.90 -31.71 43.84
N GLY C 104 -8.04 -30.51 43.29
CA GLY C 104 -7.38 -30.17 42.05
C GLY C 104 -8.04 -30.91 40.88
N GLY C 105 -7.51 -30.64 39.69
CA GLY C 105 -7.99 -31.31 38.50
C GLY C 105 -8.67 -30.39 37.50
N THR C 106 -9.57 -30.96 36.70
CA THR C 106 -10.25 -30.23 35.63
C THR C 106 -11.75 -30.47 35.75
N VAL C 107 -12.53 -29.39 35.70
CA VAL C 107 -13.98 -29.47 35.69
C VAL C 107 -14.44 -29.49 34.24
N PHE C 108 -15.02 -30.61 33.81
CA PHE C 108 -15.52 -30.75 32.44
C PHE C 108 -17.00 -30.43 32.43
N ARG C 109 -17.39 -29.50 31.55
CA ARG C 109 -18.75 -29.00 31.50
C ARG C 109 -19.28 -29.08 30.08
N GLU C 110 -20.54 -29.50 29.97
CA GLU C 110 -21.15 -29.77 28.68
C GLU C 110 -22.66 -29.63 28.83
N ALA C 111 -23.30 -29.15 27.76
CA ALA C 111 -24.74 -28.98 27.78
C ALA C 111 -25.46 -30.33 27.82
N ILE C 112 -26.66 -30.31 28.38
CA ILE C 112 -27.57 -31.45 28.36
C ILE C 112 -28.63 -31.12 27.32
N ILE C 113 -28.61 -31.85 26.19
CA ILE C 113 -29.30 -31.44 24.99
C ILE C 113 -30.60 -32.23 24.85
N CYS C 114 -31.69 -31.53 24.57
CA CYS C 114 -32.99 -32.12 24.27
C CYS C 114 -33.43 -31.64 22.89
N LYS C 115 -33.98 -32.58 22.10
CA LYS C 115 -34.31 -32.29 20.71
C LYS C 115 -35.20 -31.06 20.61
N ASN C 116 -36.14 -30.91 21.53
CA ASN C 116 -37.20 -29.92 21.42
C ASN C 116 -36.89 -28.59 22.10
N ILE C 117 -35.65 -28.39 22.55
CA ILE C 117 -35.24 -27.17 23.23
C ILE C 117 -34.47 -26.31 22.21
N PRO C 118 -34.99 -25.15 21.82
CA PRO C 118 -34.31 -24.36 20.78
C PRO C 118 -32.95 -23.87 21.23
N ARG C 119 -32.04 -23.77 20.26
CA ARG C 119 -30.74 -23.18 20.51
C ARG C 119 -30.82 -21.67 20.41
N LEU C 120 -29.81 -21.00 20.98
CA LEU C 120 -29.62 -19.57 20.78
C LEU C 120 -28.50 -19.24 19.80
N VAL C 121 -27.55 -20.15 19.59
CA VAL C 121 -26.46 -19.99 18.64
C VAL C 121 -26.74 -20.88 17.43
N SER C 122 -26.68 -20.28 16.24
CA SER C 122 -27.20 -20.94 15.04
C SER C 122 -26.42 -22.20 14.70
N GLY C 123 -25.10 -22.15 14.75
CA GLY C 123 -24.29 -23.21 14.17
C GLY C 123 -23.99 -24.41 15.05
N TRP C 124 -24.27 -24.34 16.35
CA TRP C 124 -23.84 -25.38 17.28
C TRP C 124 -24.72 -26.62 17.15
N VAL C 125 -24.39 -27.46 16.17
CA VAL C 125 -25.11 -28.72 16.00
C VAL C 125 -24.48 -29.89 16.75
N LYS C 126 -23.20 -29.80 17.12
CA LYS C 126 -22.56 -30.77 17.99
C LYS C 126 -22.07 -30.11 19.27
N PRO C 127 -21.91 -30.87 20.35
CA PRO C 127 -21.62 -30.25 21.65
C PRO C 127 -20.22 -29.66 21.72
N ILE C 128 -20.06 -28.73 22.66
CA ILE C 128 -18.78 -28.15 23.04
C ILE C 128 -18.51 -28.55 24.48
N ILE C 129 -17.33 -29.09 24.72
CA ILE C 129 -16.92 -29.54 26.06
C ILE C 129 -15.80 -28.63 26.52
N ILE C 130 -16.01 -27.96 27.65
CA ILE C 130 -15.03 -27.07 28.24
C ILE C 130 -14.32 -27.81 29.37
N GLY C 131 -12.99 -27.79 29.33
CA GLY C 131 -12.19 -28.30 30.43
C GLY C 131 -11.66 -27.15 31.26
N ARG C 132 -12.34 -26.86 32.36
CA ARG C 132 -12.00 -25.72 33.20
C ARG C 132 -10.96 -26.15 34.23
N HIS C 133 -9.76 -25.58 34.13
CA HIS C 133 -8.75 -25.78 35.16
C HIS C 133 -9.33 -25.39 36.51
N ALA C 134 -9.30 -26.34 37.44
CA ALA C 134 -10.03 -26.19 38.71
C ALA C 134 -9.18 -25.57 39.82
N TYR C 135 -7.95 -25.15 39.53
CA TYR C 135 -7.01 -24.76 40.58
C TYR C 135 -6.39 -23.41 40.28
N GLY C 136 -6.29 -22.59 41.33
CA GLY C 136 -5.44 -21.42 41.30
C GLY C 136 -6.05 -20.20 40.63
N ASP C 137 -5.16 -19.31 40.19
CA ASP C 137 -5.54 -18.05 39.57
C ASP C 137 -6.48 -17.27 40.48
N GLN C 138 -7.55 -16.71 39.93
CA GLN C 138 -8.38 -15.81 40.74
C GLN C 138 -8.98 -16.50 41.95
N TYR C 139 -9.16 -17.81 41.89
CA TYR C 139 -9.85 -18.53 42.95
C TYR C 139 -8.95 -18.88 44.12
N ARG C 140 -7.66 -18.50 44.07
CA ARG C 140 -6.79 -18.60 45.22
C ARG C 140 -5.92 -17.34 45.34
N ALA C 141 -6.47 -16.20 44.94
CA ALA C 141 -5.71 -14.95 44.86
C ALA C 141 -5.77 -14.21 46.19
N THR C 142 -4.94 -13.18 46.29
CA THR C 142 -4.86 -12.34 47.48
C THR C 142 -5.07 -10.88 47.03
N ASP C 143 -6.28 -10.37 47.21
CA ASP C 143 -6.64 -9.03 46.79
C ASP C 143 -6.90 -8.14 48.00
N PHE C 144 -6.65 -6.84 47.83
CA PHE C 144 -6.83 -5.88 48.91
C PHE C 144 -7.01 -4.49 48.33
N VAL C 145 -7.63 -3.62 49.13
CA VAL C 145 -7.82 -2.22 48.77
C VAL C 145 -6.56 -1.44 49.08
N VAL C 146 -6.22 -0.50 48.20
CA VAL C 146 -5.09 0.42 48.40
C VAL C 146 -5.67 1.71 48.98
N PRO C 147 -5.42 2.00 50.26
CA PRO C 147 -6.11 3.15 50.89
C PRO C 147 -5.63 4.50 50.41
N GLY C 148 -4.41 4.61 49.92
CA GLY C 148 -3.86 5.88 49.49
C GLY C 148 -2.52 5.72 48.80
N PRO C 149 -1.86 6.84 48.52
CA PRO C 149 -0.55 6.78 47.86
C PRO C 149 0.39 5.84 48.59
N GLY C 150 1.29 5.23 47.84
CA GLY C 150 2.19 4.24 48.38
C GLY C 150 2.69 3.35 47.28
N LYS C 151 3.54 2.41 47.67
CA LYS C 151 4.24 1.53 46.73
C LYS C 151 3.76 0.11 46.96
N VAL C 152 3.29 -0.53 45.90
CA VAL C 152 2.86 -1.92 45.94
C VAL C 152 3.90 -2.76 45.20
N GLU C 153 4.43 -3.78 45.87
CA GLU C 153 5.45 -4.65 45.30
C GLU C 153 5.02 -6.10 45.44
N ILE C 154 5.60 -6.94 44.59
CA ILE C 154 5.43 -8.39 44.67
C ILE C 154 6.82 -9.01 44.74
N THR C 155 7.00 -9.96 45.65
CA THR C 155 8.30 -10.51 45.94
C THR C 155 8.24 -12.03 45.88
N TYR C 156 9.34 -12.62 45.42
CA TYR C 156 9.52 -14.07 45.38
C TYR C 156 10.73 -14.39 46.23
N THR C 157 10.52 -15.17 47.28
CA THR C 157 11.59 -15.56 48.20
C THR C 157 11.88 -17.03 47.98
N PRO C 158 12.95 -17.37 47.26
CA PRO C 158 13.22 -18.79 47.01
C PRO C 158 13.47 -19.56 48.30
N SER C 159 12.99 -20.80 48.33
CA SER C 159 13.25 -21.70 49.45
C SER C 159 14.62 -22.36 49.31
N ASP C 160 15.28 -22.23 48.16
CA ASP C 160 16.62 -22.78 47.97
C ASP C 160 17.69 -21.87 48.56
N GLY C 161 17.26 -20.87 49.35
CA GLY C 161 18.15 -19.99 50.07
C GLY C 161 18.67 -18.82 49.27
N THR C 162 18.41 -18.79 47.96
CA THR C 162 18.91 -17.73 47.10
C THR C 162 18.14 -16.42 47.31
N GLN C 163 18.66 -15.39 46.64
CA GLN C 163 18.25 -14.01 46.81
C GLN C 163 16.76 -13.81 46.55
N LYS C 164 16.18 -12.87 47.29
CA LYS C 164 14.81 -12.43 47.02
C LYS C 164 14.76 -11.57 45.76
N VAL C 165 13.74 -11.79 44.94
CA VAL C 165 13.49 -10.99 43.75
C VAL C 165 12.26 -10.13 44.02
N THR C 166 12.36 -8.85 43.70
CA THR C 166 11.28 -7.89 43.94
C THR C 166 10.93 -7.17 42.65
N TYR C 167 9.63 -7.06 42.37
CA TYR C 167 9.13 -6.37 41.20
C TYR C 167 8.13 -5.31 41.63
N LEU C 168 8.18 -4.15 40.99
CA LEU C 168 7.20 -3.10 41.22
C LEU C 168 5.90 -3.42 40.52
N VAL C 169 4.80 -3.44 41.27
CA VAL C 169 3.48 -3.58 40.68
C VAL C 169 2.95 -2.21 40.25
N HIS C 170 3.01 -1.23 41.15
CA HIS C 170 2.62 0.13 40.82
C HIS C 170 2.94 1.03 42.02
N ASN C 171 3.33 2.26 41.72
CA ASN C 171 3.51 3.30 42.74
C ASN C 171 2.33 4.25 42.67
N PHE C 172 1.48 4.21 43.69
CA PHE C 172 0.33 5.11 43.76
C PHE C 172 0.82 6.48 44.21
N GLU C 173 0.74 7.47 43.31
CA GLU C 173 1.20 8.82 43.60
C GLU C 173 0.06 9.73 44.03
N GLU C 174 -1.12 9.53 43.45
CA GLU C 174 -2.32 10.31 43.79
C GLU C 174 -3.47 9.33 43.99
N GLY C 175 -4.05 9.36 45.18
CA GLY C 175 -5.20 8.53 45.49
C GLY C 175 -4.86 7.07 45.75
N GLY C 176 -5.92 6.25 45.79
CA GLY C 176 -5.80 4.83 46.04
C GLY C 176 -6.36 3.97 44.93
N GLY C 177 -6.73 2.73 45.28
CA GLY C 177 -7.26 1.80 44.31
C GLY C 177 -7.36 0.39 44.83
N VAL C 178 -6.93 -0.58 44.03
CA VAL C 178 -6.97 -2.00 44.39
C VAL C 178 -5.70 -2.66 43.87
N ALA C 179 -5.29 -3.74 44.53
CA ALA C 179 -4.16 -4.54 44.11
C ALA C 179 -4.47 -6.00 44.40
N MET C 180 -3.68 -6.90 43.80
CA MET C 180 -3.97 -8.32 43.94
C MET C 180 -2.80 -9.14 43.43
N GLY C 181 -2.55 -10.26 44.08
CA GLY C 181 -1.59 -11.25 43.60
C GLY C 181 -2.25 -12.61 43.41
N MET C 182 -1.82 -13.34 42.39
CA MET C 182 -2.34 -14.68 42.13
C MET C 182 -1.20 -15.54 41.62
N TYR C 183 -1.44 -16.84 41.55
CA TYR C 183 -0.41 -17.79 41.15
C TYR C 183 -1.04 -19.04 40.59
N ASN C 184 -0.19 -19.91 40.03
CA ASN C 184 -0.56 -21.27 39.70
C ASN C 184 0.69 -22.14 39.76
N GLN C 185 0.50 -23.45 39.64
CA GLN C 185 1.53 -24.44 39.93
C GLN C 185 1.77 -25.33 38.72
N ASP C 186 3.05 -25.56 38.43
CA ASP C 186 3.42 -26.34 37.25
C ASP C 186 2.72 -27.69 37.22
N LYS C 187 2.80 -28.45 38.32
CA LYS C 187 2.22 -29.80 38.31
C LYS C 187 0.72 -29.74 38.06
N SER C 188 0.02 -28.80 38.68
CA SER C 188 -1.41 -28.64 38.42
C SER C 188 -1.67 -28.37 36.94
N ILE C 189 -0.87 -27.49 36.33
CA ILE C 189 -1.05 -27.19 34.91
C ILE C 189 -0.78 -28.45 34.08
N GLU C 190 0.22 -29.24 34.47
CA GLU C 190 0.53 -30.46 33.74
C GLU C 190 -0.64 -31.44 33.78
N ASP C 191 -1.24 -31.63 34.96
CA ASP C 191 -2.44 -32.44 35.05
C ASP C 191 -3.55 -31.88 34.18
N PHE C 192 -3.76 -30.56 34.22
CA PHE C 192 -4.74 -29.91 33.38
C PHE C 192 -4.51 -30.24 31.91
N ALA C 193 -3.25 -30.23 31.47
CA ALA C 193 -2.94 -30.56 30.09
C ALA C 193 -3.28 -32.02 29.78
N HIS C 194 -2.82 -32.94 30.64
CA HIS C 194 -3.10 -34.36 30.42
C HIS C 194 -4.59 -34.63 30.34
N SER C 195 -5.36 -34.06 31.28
CA SER C 195 -6.80 -34.26 31.26
C SER C 195 -7.42 -33.75 29.97
N SER C 196 -6.86 -32.67 29.40
CA SER C 196 -7.44 -32.10 28.18
C SER C 196 -7.12 -32.98 26.97
N PHE C 197 -5.86 -33.39 26.81
CA PHE C 197 -5.50 -34.22 25.67
C PHE C 197 -6.25 -35.54 25.71
N GLN C 198 -6.39 -36.15 26.89
CA GLN C 198 -7.07 -37.43 26.99
C GLN C 198 -8.56 -37.30 26.70
N MET C 199 -9.18 -36.18 27.09
CA MET C 199 -10.59 -35.97 26.79
C MET C 199 -10.81 -35.84 25.29
N ALA C 200 -9.91 -35.11 24.60
CA ALA C 200 -10.04 -34.97 23.15
C ALA C 200 -9.92 -36.31 22.45
N LEU C 201 -8.94 -37.13 22.87
CA LEU C 201 -8.78 -38.45 22.27
C LEU C 201 -9.95 -39.37 22.59
N SER C 202 -10.57 -39.19 23.76
CA SER C 202 -11.69 -40.04 24.13
C SER C 202 -12.92 -39.78 23.28
N LYS C 203 -13.21 -38.52 23.00
CA LYS C 203 -14.36 -38.17 22.18
C LYS C 203 -14.01 -38.13 20.69
N GLY C 204 -12.73 -38.12 20.34
CA GLY C 204 -12.34 -38.02 18.94
C GLY C 204 -12.50 -36.63 18.39
N TRP C 205 -12.23 -35.60 19.20
CA TRP C 205 -12.41 -34.21 18.79
C TRP C 205 -11.11 -33.44 18.96
N PRO C 206 -10.90 -32.38 18.19
CA PRO C 206 -9.73 -31.53 18.39
C PRO C 206 -9.80 -30.75 19.69
N LEU C 207 -8.64 -30.25 20.10
CA LEU C 207 -8.48 -29.53 21.37
C LEU C 207 -7.91 -28.13 21.12
N TYR C 208 -8.45 -27.15 21.86
CA TYR C 208 -7.95 -25.79 21.85
C TYR C 208 -7.70 -25.32 23.28
N LEU C 209 -6.56 -24.69 23.51
CA LEU C 209 -6.26 -24.02 24.76
C LEU C 209 -6.28 -22.51 24.53
N SER C 210 -6.93 -21.78 25.43
CA SER C 210 -7.04 -20.34 25.34
C SER C 210 -6.24 -19.68 26.45
N THR C 211 -5.41 -18.70 26.09
CA THR C 211 -4.75 -17.84 27.05
C THR C 211 -4.64 -16.45 26.42
N LYS C 212 -3.95 -15.55 27.10
CA LYS C 212 -3.62 -14.22 26.57
C LYS C 212 -2.12 -13.99 26.71
N ASN C 213 -1.33 -14.92 26.19
CA ASN C 213 0.11 -14.92 26.41
C ASN C 213 0.81 -13.76 25.71
N THR C 214 0.13 -13.05 24.80
CA THR C 214 0.72 -11.84 24.24
C THR C 214 0.79 -10.70 25.26
N ILE C 215 -0.06 -10.73 26.28
CA ILE C 215 -0.09 -9.70 27.31
C ILE C 215 0.56 -10.17 28.60
N LEU C 216 0.20 -11.37 29.06
CA LEU C 216 0.85 -12.01 30.21
C LEU C 216 1.87 -13.01 29.66
N LYS C 217 3.04 -12.48 29.29
CA LYS C 217 4.02 -13.30 28.58
C LYS C 217 4.54 -14.43 29.46
N LYS C 218 4.70 -14.19 30.75
CA LYS C 218 5.20 -15.18 31.69
C LYS C 218 4.09 -16.06 32.25
N TYR C 219 3.03 -15.44 32.79
CA TYR C 219 1.96 -16.21 33.42
C TYR C 219 1.28 -17.12 32.40
N ASP C 220 0.75 -16.55 31.32
CA ASP C 220 0.05 -17.34 30.32
C ASP C 220 1.01 -18.08 29.41
N GLY C 221 2.21 -17.55 29.19
CA GLY C 221 3.20 -18.29 28.42
C GLY C 221 3.52 -19.64 29.03
N ARG C 222 3.47 -19.72 30.36
CA ARG C 222 3.74 -20.99 31.03
C ARG C 222 2.70 -22.04 30.66
N PHE C 223 1.41 -21.67 30.65
CA PHE C 223 0.37 -22.59 30.22
C PHE C 223 0.62 -23.07 28.79
N LYS C 224 0.89 -22.12 27.88
CA LYS C 224 1.10 -22.48 26.48
C LYS C 224 2.27 -23.44 26.33
N ASP C 225 3.39 -23.17 27.01
CA ASP C 225 4.57 -23.99 26.86
C ASP C 225 4.34 -25.41 27.39
N ILE C 226 3.74 -25.52 28.58
CA ILE C 226 3.53 -26.84 29.17
C ILE C 226 2.64 -27.70 28.26
N PHE C 227 1.55 -27.11 27.75
CA PHE C 227 0.67 -27.87 26.88
C PHE C 227 1.40 -28.36 25.63
N GLN C 228 2.18 -27.49 24.99
CA GLN C 228 2.86 -27.87 23.76
C GLN C 228 3.91 -28.95 24.03
N GLU C 229 4.67 -28.82 25.12
CA GLU C 229 5.65 -29.84 25.46
C GLU C 229 4.99 -31.20 25.62
N ILE C 230 3.98 -31.29 26.50
CA ILE C 230 3.31 -32.56 26.72
C ILE C 230 2.69 -33.06 25.42
N TYR C 231 2.19 -32.15 24.59
CA TYR C 231 1.63 -32.55 23.31
C TYR C 231 2.70 -33.19 22.43
N ASP C 232 3.83 -32.50 22.25
CA ASP C 232 4.86 -33.00 21.34
C ASP C 232 5.40 -34.34 21.81
N LYS C 233 5.54 -34.53 23.12
CA LYS C 233 6.23 -35.70 23.64
C LYS C 233 5.33 -36.90 23.88
N GLN C 234 4.03 -36.70 24.08
CA GLN C 234 3.18 -37.77 24.58
C GLN C 234 1.86 -37.96 23.86
N TYR C 235 1.41 -37.00 23.03
CA TYR C 235 0.08 -37.11 22.44
C TYR C 235 0.03 -36.79 20.96
N LYS C 236 1.02 -36.09 20.38
CA LYS C 236 0.89 -35.65 18.99
C LYS C 236 0.62 -36.82 18.06
N SER C 237 1.36 -37.91 18.21
CA SER C 237 1.19 -39.05 17.32
C SER C 237 -0.23 -39.62 17.42
N GLN C 238 -0.78 -39.69 18.64
CA GLN C 238 -2.13 -40.21 18.80
C GLN C 238 -3.16 -39.29 18.16
N PHE C 239 -2.97 -37.97 18.31
CA PHE C 239 -3.90 -37.03 17.68
C PHE C 239 -3.92 -37.21 16.17
N GLU C 240 -2.74 -37.37 15.56
CA GLU C 240 -2.67 -37.53 14.11
C GLU C 240 -3.35 -38.82 13.67
N ALA C 241 -3.26 -39.88 14.48
CA ALA C 241 -3.90 -41.14 14.11
C ALA C 241 -5.42 -41.00 13.98
N GLN C 242 -6.02 -40.14 14.80
CA GLN C 242 -7.45 -39.91 14.76
C GLN C 242 -7.83 -38.72 13.89
N LYS C 243 -6.85 -38.09 13.22
CA LYS C 243 -7.11 -36.98 12.32
C LYS C 243 -7.69 -35.77 13.07
N ILE C 244 -7.20 -35.55 14.29
CA ILE C 244 -7.56 -34.37 15.05
C ILE C 244 -6.28 -33.61 15.38
N TRP C 245 -6.40 -32.48 16.07
CA TRP C 245 -5.25 -31.61 16.30
C TRP C 245 -5.41 -30.87 17.61
N TYR C 246 -4.31 -30.26 18.05
CA TYR C 246 -4.30 -29.35 19.18
C TYR C 246 -3.69 -28.03 18.72
N GLU C 247 -4.30 -26.92 19.14
CA GLU C 247 -3.79 -25.60 18.80
C GLU C 247 -4.07 -24.64 19.95
N HIS C 248 -3.12 -23.75 20.20
CA HIS C 248 -3.29 -22.67 21.15
C HIS C 248 -3.90 -21.47 20.46
N ARG C 249 -4.80 -20.78 21.17
CA ARG C 249 -5.48 -19.61 20.63
C ARG C 249 -5.51 -18.54 21.71
N LEU C 250 -5.45 -17.27 21.28
CA LEU C 250 -5.71 -16.19 22.20
C LEU C 250 -7.17 -16.22 22.63
N ILE C 251 -7.42 -15.90 23.90
CA ILE C 251 -8.74 -16.11 24.48
C ILE C 251 -9.80 -15.36 23.69
N ASP C 252 -9.52 -14.10 23.31
CA ASP C 252 -10.54 -13.31 22.63
C ASP C 252 -10.80 -13.84 21.23
N ASP C 253 -9.75 -14.26 20.52
CA ASP C 253 -9.98 -14.92 19.24
C ASP C 253 -10.72 -16.23 19.43
N MET C 254 -10.46 -16.94 20.53
CA MET C 254 -11.05 -18.26 20.72
C MET C 254 -12.55 -18.19 20.94
N VAL C 255 -13.01 -17.25 21.78
CA VAL C 255 -14.45 -17.16 22.02
C VAL C 255 -15.18 -16.84 20.72
N ALA C 256 -14.55 -16.05 19.84
CA ALA C 256 -15.14 -15.79 18.54
C ALA C 256 -15.17 -17.06 17.69
N GLN C 257 -14.06 -17.80 17.66
CA GLN C 257 -14.03 -19.06 16.94
C GLN C 257 -15.13 -19.99 17.42
N ALA C 258 -15.30 -20.11 18.74
CA ALA C 258 -16.34 -20.98 19.28
C ALA C 258 -17.73 -20.50 18.82
N MET C 259 -17.98 -19.19 18.92
CA MET C 259 -19.26 -18.63 18.50
C MET C 259 -19.56 -19.00 17.05
N LYS C 260 -18.54 -18.97 16.20
CA LYS C 260 -18.70 -19.18 14.76
C LYS C 260 -18.60 -20.65 14.37
N SER C 261 -18.23 -21.53 15.30
CA SER C 261 -18.01 -22.93 14.97
C SER C 261 -19.32 -23.69 14.87
N GLU C 262 -19.21 -24.95 14.46
CA GLU C 262 -20.33 -25.89 14.48
C GLU C 262 -20.26 -26.79 15.72
N GLY C 263 -19.40 -26.48 16.67
CA GLY C 263 -19.19 -27.32 17.83
C GLY C 263 -18.30 -28.51 17.54
N GLY C 264 -18.31 -29.46 18.48
CA GLY C 264 -17.54 -30.67 18.31
C GLY C 264 -16.07 -30.51 18.58
N PHE C 265 -15.71 -29.86 19.68
CA PHE C 265 -14.32 -29.72 20.06
C PHE C 265 -14.22 -29.64 21.58
N ILE C 266 -13.01 -29.88 22.09
CA ILE C 266 -12.70 -29.71 23.50
C ILE C 266 -12.01 -28.36 23.67
N TRP C 267 -12.38 -27.65 24.74
CA TRP C 267 -11.92 -26.28 24.96
C TRP C 267 -11.31 -26.21 26.37
N ALA C 268 -9.98 -26.25 26.43
CA ALA C 268 -9.28 -26.13 27.70
C ALA C 268 -9.22 -24.66 28.10
N CYS C 269 -9.79 -24.34 29.26
CA CYS C 269 -9.87 -22.97 29.75
C CYS C 269 -9.17 -22.85 31.10
N LYS C 270 -8.42 -21.75 31.27
CA LYS C 270 -7.97 -21.38 32.59
C LYS C 270 -9.18 -21.19 33.52
N ASN C 271 -8.91 -21.31 34.82
CA ASN C 271 -9.98 -21.34 35.82
C ASN C 271 -11.03 -20.26 35.56
N TYR C 272 -10.60 -18.99 35.51
CA TYR C 272 -11.55 -17.90 35.35
C TYR C 272 -12.30 -18.01 34.02
N ASP C 273 -11.58 -18.28 32.93
CA ASP C 273 -12.23 -18.36 31.62
C ASP C 273 -13.21 -19.51 31.56
N GLY C 274 -12.90 -20.62 32.22
CA GLY C 274 -13.83 -21.74 32.23
C GLY C 274 -15.14 -21.41 32.93
N ASP C 275 -15.06 -20.69 34.05
CA ASP C 275 -16.28 -20.26 34.72
C ASP C 275 -17.13 -19.41 33.79
N VAL C 276 -16.54 -18.35 33.23
CA VAL C 276 -17.30 -17.43 32.40
C VAL C 276 -17.85 -18.14 31.17
N GLN C 277 -16.96 -18.75 30.39
CA GLN C 277 -17.37 -19.27 29.09
C GLN C 277 -18.27 -20.49 29.20
N SER C 278 -18.19 -21.25 30.29
CA SER C 278 -19.07 -22.40 30.41
C SER C 278 -20.52 -21.98 30.58
N ASP C 279 -20.77 -20.86 31.27
CA ASP C 279 -22.13 -20.35 31.35
C ASP C 279 -22.60 -19.83 30.00
N SER C 280 -21.72 -19.14 29.27
CA SER C 280 -22.09 -18.65 27.94
C SER C 280 -22.46 -19.80 27.02
N VAL C 281 -21.66 -20.87 27.03
CA VAL C 281 -21.93 -22.00 26.15
C VAL C 281 -23.24 -22.68 26.55
N ALA C 282 -23.43 -22.92 27.84
CA ALA C 282 -24.65 -23.59 28.30
C ALA C 282 -25.89 -22.80 27.87
N GLN C 283 -25.87 -21.48 28.07
CA GLN C 283 -26.99 -20.65 27.64
C GLN C 283 -27.17 -20.70 26.14
N GLY C 284 -26.05 -20.73 25.40
CA GLY C 284 -26.14 -20.77 23.95
C GLY C 284 -26.87 -21.99 23.43
N TYR C 285 -26.73 -23.12 24.12
CA TYR C 285 -27.40 -24.36 23.72
C TYR C 285 -28.88 -24.40 24.11
N GLY C 286 -29.36 -23.46 24.92
CA GLY C 286 -30.78 -23.38 25.19
C GLY C 286 -31.16 -23.03 26.62
N SER C 287 -30.37 -23.47 27.59
CA SER C 287 -30.72 -23.28 29.00
C SER C 287 -29.45 -23.35 29.84
N LEU C 288 -29.29 -22.37 30.74
CA LEU C 288 -28.11 -22.33 31.59
C LEU C 288 -28.10 -23.48 32.60
N GLY C 289 -29.26 -23.94 33.03
CA GLY C 289 -29.35 -25.03 33.98
C GLY C 289 -29.14 -26.42 33.41
N MET C 290 -29.15 -26.55 32.09
CA MET C 290 -29.03 -27.86 31.44
C MET C 290 -27.55 -28.09 31.11
N MET C 291 -26.80 -28.42 32.15
CA MET C 291 -25.35 -28.55 32.03
C MET C 291 -24.83 -29.59 33.02
N THR C 292 -23.88 -30.39 32.57
CA THR C 292 -23.12 -31.27 33.44
C THR C 292 -21.84 -30.57 33.87
N SER C 293 -21.35 -30.94 35.06
CA SER C 293 -20.12 -30.35 35.59
C SER C 293 -19.47 -31.39 36.49
N VAL C 294 -18.35 -31.95 36.04
CA VAL C 294 -17.68 -33.03 36.75
C VAL C 294 -16.21 -32.68 36.89
N LEU C 295 -15.74 -32.62 38.13
CA LEU C 295 -14.33 -32.43 38.43
C LEU C 295 -13.60 -33.77 38.30
N VAL C 296 -12.61 -33.84 37.41
CA VAL C 296 -11.81 -35.05 37.21
C VAL C 296 -10.43 -34.78 37.81
N CYS C 297 -10.09 -35.53 38.85
CA CYS C 297 -8.86 -35.32 39.59
C CYS C 297 -7.66 -35.95 38.88
N PRO C 298 -6.45 -35.53 39.25
CA PRO C 298 -5.25 -36.06 38.55
C PRO C 298 -5.06 -37.56 38.75
N ASP C 299 -5.45 -38.11 39.89
CA ASP C 299 -5.20 -39.52 40.16
C ASP C 299 -5.92 -40.45 39.19
N GLY C 300 -6.81 -39.91 38.35
CA GLY C 300 -7.56 -40.74 37.44
C GLY C 300 -8.64 -41.59 38.09
N LYS C 301 -8.86 -41.45 39.38
CA LYS C 301 -9.87 -42.23 40.09
C LYS C 301 -10.90 -41.40 40.83
N THR C 302 -10.56 -40.19 41.27
CA THR C 302 -11.47 -39.36 42.04
C THR C 302 -12.22 -38.38 41.15
N VAL C 303 -13.49 -38.14 41.50
CA VAL C 303 -14.38 -37.30 40.69
C VAL C 303 -15.38 -36.63 41.63
N GLU C 304 -15.76 -35.40 41.28
CA GLU C 304 -16.80 -34.68 41.99
C GLU C 304 -17.79 -34.13 40.97
N ALA C 305 -18.98 -34.72 40.91
CA ALA C 305 -20.07 -34.23 40.07
C ALA C 305 -20.93 -33.29 40.90
N GLU C 306 -21.40 -32.22 40.27
CA GLU C 306 -22.12 -31.18 41.00
C GLU C 306 -23.25 -30.60 40.17
N ALA C 307 -24.18 -29.95 40.87
CA ALA C 307 -25.18 -29.07 40.26
C ALA C 307 -24.66 -27.63 40.38
N ALA C 308 -24.43 -27.00 39.24
CA ALA C 308 -23.74 -25.71 39.16
C ALA C 308 -24.64 -24.48 39.12
N HIS C 309 -25.95 -24.64 38.94
CA HIS C 309 -26.82 -23.51 38.56
C HIS C 309 -27.47 -22.75 39.71
N GLY C 310 -26.99 -22.92 40.93
CA GLY C 310 -27.54 -22.15 42.05
C GLY C 310 -28.70 -22.81 42.75
N THR C 311 -29.30 -22.03 43.66
CA THR C 311 -30.31 -22.55 44.58
C THR C 311 -31.76 -22.17 44.27
N VAL C 312 -32.04 -21.32 43.29
CA VAL C 312 -33.41 -20.99 42.93
C VAL C 312 -34.18 -20.43 44.13
N THR C 313 -33.80 -19.24 44.58
CA THR C 313 -34.38 -18.70 45.81
C THR C 313 -35.86 -18.40 45.68
N ARG C 314 -36.29 -17.77 44.57
CA ARG C 314 -37.67 -17.33 44.46
C ARG C 314 -38.65 -18.49 44.56
N HIS C 315 -38.34 -19.62 43.92
CA HIS C 315 -39.18 -20.80 44.05
C HIS C 315 -39.19 -21.32 45.48
N TYR C 316 -38.06 -21.21 46.19
CA TYR C 316 -38.00 -21.69 47.57
C TYR C 316 -38.98 -20.94 48.45
N ARG C 317 -39.11 -19.63 48.25
CA ARG C 317 -40.06 -18.85 49.05
C ARG C 317 -41.47 -19.40 48.90
N MET C 318 -41.87 -19.72 47.67
CA MET C 318 -43.20 -20.28 47.45
C MET C 318 -43.32 -21.67 48.07
N TYR C 319 -42.30 -22.51 47.90
CA TYR C 319 -42.33 -23.86 48.45
C TYR C 319 -42.63 -23.83 49.95
N GLN C 320 -41.89 -23.02 50.70
CA GLN C 320 -42.11 -22.97 52.14
C GLN C 320 -43.43 -22.30 52.49
N LYS C 321 -43.98 -21.47 51.61
CA LYS C 321 -45.30 -20.90 51.81
C LYS C 321 -46.43 -21.84 51.38
N GLY C 322 -46.10 -23.00 50.81
CA GLY C 322 -47.11 -23.92 50.34
C GLY C 322 -47.62 -23.65 48.94
N GLN C 323 -47.04 -22.70 48.22
CA GLN C 323 -47.49 -22.39 46.87
C GLN C 323 -46.85 -23.34 45.87
N GLU C 324 -47.56 -23.59 44.77
CA GLU C 324 -47.06 -24.50 43.76
C GLU C 324 -45.77 -23.96 43.15
N THR C 325 -44.80 -24.85 42.94
CA THR C 325 -43.52 -24.50 42.35
C THR C 325 -43.21 -25.45 41.21
N SER C 326 -42.37 -24.99 40.28
CA SER C 326 -41.94 -25.79 39.13
C SER C 326 -40.46 -25.55 38.91
N THR C 327 -39.62 -26.38 39.55
CA THR C 327 -38.18 -26.20 39.54
C THR C 327 -37.53 -27.33 38.75
N ASN C 328 -36.62 -26.97 37.85
CA ASN C 328 -35.95 -27.93 36.98
C ASN C 328 -34.93 -28.76 37.75
N PRO C 329 -35.09 -30.07 37.82
CA PRO C 329 -34.14 -30.91 38.57
C PRO C 329 -33.05 -31.59 37.75
N ILE C 330 -32.98 -31.33 36.44
CA ILE C 330 -32.12 -32.14 35.56
C ILE C 330 -30.67 -32.06 36.00
N ALA C 331 -30.18 -30.85 36.26
CA ALA C 331 -28.77 -30.70 36.64
C ALA C 331 -28.43 -31.52 37.87
N SER C 332 -29.30 -31.50 38.88
CA SER C 332 -29.05 -32.29 40.08
C SER C 332 -29.10 -33.79 39.78
N ILE C 333 -30.01 -34.21 38.90
CA ILE C 333 -30.09 -35.61 38.53
C ILE C 333 -28.79 -36.05 37.87
N PHE C 334 -28.26 -35.25 36.96
CA PHE C 334 -27.08 -35.67 36.22
C PHE C 334 -25.82 -35.62 37.06
N ALA C 335 -25.80 -34.84 38.13
CA ALA C 335 -24.73 -34.98 39.11
C ALA C 335 -24.73 -36.37 39.71
N TRP C 336 -25.93 -36.93 39.94
CA TRP C 336 -26.02 -38.28 40.49
C TRP C 336 -25.63 -39.32 39.45
N THR C 337 -26.23 -39.27 38.26
CA THR C 337 -25.95 -40.28 37.25
C THR C 337 -24.47 -40.27 36.85
N ARG C 338 -23.88 -39.07 36.77
CA ARG C 338 -22.45 -38.99 36.45
C ARG C 338 -21.61 -39.54 37.60
N GLY C 339 -22.00 -39.25 38.84
CA GLY C 339 -21.29 -39.83 39.97
C GLY C 339 -21.42 -41.33 40.04
N LEU C 340 -22.65 -41.83 39.90
CA LEU C 340 -22.85 -43.28 39.93
C LEU C 340 -22.19 -43.96 38.74
N ALA C 341 -22.19 -43.32 37.58
CA ALA C 341 -21.53 -43.90 36.41
C ALA C 341 -20.05 -44.12 36.67
N HIS C 342 -19.38 -43.16 37.31
CA HIS C 342 -17.96 -43.34 37.59
C HIS C 342 -17.74 -44.35 38.70
N ARG C 343 -18.55 -44.28 39.76
CA ARG C 343 -18.52 -45.33 40.78
C ARG C 343 -18.70 -46.70 40.15
N ALA C 344 -19.62 -46.83 39.20
CA ALA C 344 -19.84 -48.13 38.56
C ALA C 344 -18.58 -48.59 37.83
N LYS C 345 -17.91 -47.67 37.13
CA LYS C 345 -16.70 -48.03 36.41
C LYS C 345 -15.62 -48.50 37.37
N LEU C 346 -15.39 -47.74 38.45
CA LEU C 346 -14.37 -48.13 39.42
C LEU C 346 -14.64 -49.51 40.00
N ASP C 347 -15.91 -49.91 40.09
CA ASP C 347 -16.30 -51.17 40.70
C ASP C 347 -16.72 -52.22 39.69
N ASN C 348 -16.68 -51.92 38.40
CA ASN C 348 -17.13 -52.87 37.38
C ASN C 348 -18.56 -53.33 37.66
N ASN C 349 -19.38 -52.42 38.15
CA ASN C 349 -20.78 -52.70 38.51
C ASN C 349 -21.62 -52.51 37.25
N LYS C 350 -21.76 -53.57 36.47
CA LYS C 350 -22.49 -53.48 35.22
C LYS C 350 -23.94 -53.08 35.45
N GLU C 351 -24.53 -53.53 36.55
CA GLU C 351 -25.91 -53.17 36.85
C GLU C 351 -26.03 -51.68 37.16
N LEU C 352 -25.10 -51.14 37.96
CA LEU C 352 -25.15 -49.73 38.30
C LEU C 352 -24.89 -48.85 37.08
N ALA C 353 -23.90 -49.21 36.26
CA ALA C 353 -23.63 -48.45 35.05
C ALA C 353 -24.88 -48.35 34.19
N PHE C 354 -25.62 -49.45 34.06
CA PHE C 354 -26.86 -49.43 33.29
C PHE C 354 -27.89 -48.48 33.91
N PHE C 355 -28.03 -48.50 35.23
CA PHE C 355 -29.02 -47.65 35.87
C PHE C 355 -28.72 -46.18 35.62
N ALA C 356 -27.46 -45.77 35.80
CA ALA C 356 -27.11 -44.36 35.61
C ALA C 356 -27.50 -43.89 34.22
N ASN C 357 -27.16 -44.67 33.20
CA ASN C 357 -27.52 -44.30 31.83
C ASN C 357 -29.03 -44.32 31.64
N ALA C 358 -29.72 -45.31 32.21
CA ALA C 358 -31.16 -45.39 32.09
C ALA C 358 -31.82 -44.11 32.60
N LEU C 359 -31.39 -43.65 33.78
CA LEU C 359 -32.01 -42.46 34.36
C LEU C 359 -31.74 -41.23 33.50
N GLU C 360 -30.55 -41.12 32.92
CA GLU C 360 -30.28 -40.01 32.01
C GLU C 360 -31.16 -40.08 30.77
N GLU C 361 -31.30 -41.27 30.19
CA GLU C 361 -32.17 -41.41 29.02
C GLU C 361 -33.61 -41.05 29.35
N VAL C 362 -34.11 -41.52 30.50
CA VAL C 362 -35.48 -41.22 30.89
C VAL C 362 -35.69 -39.72 31.02
N SER C 363 -34.71 -39.01 31.57
CA SER C 363 -34.84 -37.57 31.76
C SER C 363 -35.03 -36.85 30.42
N ILE C 364 -34.22 -37.18 29.42
CA ILE C 364 -34.33 -36.54 28.12
C ILE C 364 -35.61 -36.96 27.42
N GLU C 365 -35.94 -38.25 27.48
CA GLU C 365 -37.13 -38.75 26.79
C GLU C 365 -38.40 -38.12 27.36
N THR C 366 -38.44 -37.93 28.68
CA THR C 366 -39.59 -37.28 29.30
C THR C 366 -39.77 -35.87 28.77
N ILE C 367 -38.68 -35.10 28.71
CA ILE C 367 -38.75 -33.72 28.23
C ILE C 367 -39.11 -33.70 26.76
N GLU C 368 -38.47 -34.55 25.95
CA GLU C 368 -38.73 -34.58 24.52
C GLU C 368 -40.14 -35.03 24.20
N ALA C 369 -40.83 -35.68 25.14
CA ALA C 369 -42.21 -36.08 24.95
C ALA C 369 -43.22 -35.00 25.35
N GLY C 370 -42.74 -33.85 25.81
CA GLY C 370 -43.61 -32.74 26.15
C GLY C 370 -43.85 -32.55 27.63
N PHE C 371 -43.23 -33.35 28.48
CA PHE C 371 -43.38 -33.26 29.93
C PHE C 371 -42.15 -32.58 30.50
N MET C 372 -42.32 -31.35 30.99
CA MET C 372 -41.19 -30.52 31.39
C MET C 372 -41.65 -29.51 32.43
N THR C 373 -40.68 -28.88 33.07
CA THR C 373 -40.94 -27.82 34.03
C THR C 373 -41.15 -26.48 33.30
N LYS C 374 -41.49 -25.45 34.07
CA LYS C 374 -41.86 -24.17 33.48
C LYS C 374 -40.72 -23.55 32.68
N ASP C 375 -39.48 -23.68 33.18
CA ASP C 375 -38.35 -23.07 32.49
C ASP C 375 -38.24 -23.55 31.05
N LEU C 376 -38.33 -24.87 30.84
CA LEU C 376 -38.17 -25.41 29.50
C LEU C 376 -39.39 -25.16 28.64
N ALA C 377 -40.59 -25.16 29.23
CA ALA C 377 -41.78 -24.77 28.48
C ALA C 377 -41.65 -23.33 27.99
N ALA C 378 -41.08 -22.45 28.80
CA ALA C 378 -40.86 -21.07 28.38
C ALA C 378 -39.85 -20.98 27.25
N CYS C 379 -38.81 -21.81 27.29
CA CYS C 379 -37.84 -21.84 26.20
C CYS C 379 -38.51 -22.14 24.87
N ILE C 380 -39.57 -22.95 24.86
CA ILE C 380 -40.19 -23.37 23.61
C ILE C 380 -41.20 -22.35 23.11
N LYS C 381 -42.12 -21.91 23.98
CA LYS C 381 -43.21 -21.04 23.55
C LYS C 381 -43.08 -19.62 24.08
N GLY C 382 -41.95 -19.27 24.67
CA GLY C 382 -41.75 -17.93 25.19
C GLY C 382 -42.49 -17.69 26.50
N LEU C 383 -41.81 -17.08 27.46
CA LEU C 383 -42.38 -16.91 28.80
C LEU C 383 -43.74 -16.23 28.79
N PRO C 384 -43.96 -15.14 28.06
CA PRO C 384 -45.28 -14.48 28.10
C PRO C 384 -46.42 -15.37 27.64
N ASN C 385 -46.15 -16.44 26.89
CA ASN C 385 -47.19 -17.23 26.28
C ASN C 385 -47.47 -18.56 26.96
N VAL C 386 -46.70 -18.94 27.98
CA VAL C 386 -46.88 -20.26 28.57
C VAL C 386 -48.07 -20.24 29.52
N GLN C 387 -48.86 -21.31 29.52
CA GLN C 387 -49.98 -21.50 30.41
C GLN C 387 -49.68 -22.66 31.37
N ARG C 388 -50.56 -22.83 32.36
CA ARG C 388 -50.34 -23.87 33.37
C ARG C 388 -50.36 -25.26 32.76
N SER C 389 -51.14 -25.46 31.70
CA SER C 389 -51.24 -26.78 31.06
C SER C 389 -50.00 -27.15 30.28
N ASP C 390 -49.05 -26.22 30.11
CA ASP C 390 -47.87 -26.46 29.29
C ASP C 390 -46.72 -27.10 30.06
N TYR C 391 -46.80 -27.17 31.39
CA TYR C 391 -45.68 -27.67 32.18
C TYR C 391 -46.21 -28.45 33.36
N LEU C 392 -45.27 -29.00 34.14
CA LEU C 392 -45.56 -29.77 35.34
C LEU C 392 -44.92 -29.09 36.55
N ASN C 393 -45.59 -29.16 37.69
CA ASN C 393 -44.99 -28.64 38.92
C ASN C 393 -43.87 -29.59 39.36
N THR C 394 -43.12 -29.16 40.36
CA THR C 394 -41.93 -29.89 40.77
C THR C 394 -42.24 -31.36 41.07
N PHE C 395 -43.22 -31.61 41.93
CA PHE C 395 -43.50 -32.98 42.34
C PHE C 395 -44.12 -33.81 41.23
N GLU C 396 -45.08 -33.24 40.48
CA GLU C 396 -45.69 -34.02 39.40
C GLU C 396 -44.68 -34.32 38.30
N PHE C 397 -43.75 -33.40 38.02
CA PHE C 397 -42.73 -33.70 37.03
C PHE C 397 -41.83 -34.85 37.48
N MET C 398 -41.36 -34.80 38.73
CA MET C 398 -40.49 -35.86 39.21
C MET C 398 -41.26 -37.18 39.34
N ASP C 399 -42.54 -37.10 39.66
CA ASP C 399 -43.39 -38.29 39.63
C ASP C 399 -43.40 -38.90 38.23
N LYS C 400 -43.44 -38.04 37.20
CA LYS C 400 -43.45 -38.52 35.83
C LYS C 400 -42.15 -39.27 35.51
N LEU C 401 -41.01 -38.73 35.95
CA LEU C 401 -39.74 -39.42 35.75
C LEU C 401 -39.74 -40.76 36.47
N GLY C 402 -40.36 -40.84 37.66
CA GLY C 402 -40.45 -42.11 38.35
C GLY C 402 -41.19 -43.16 37.53
N GLU C 403 -42.31 -42.76 36.93
CA GLU C 403 -43.06 -43.70 36.09
C GLU C 403 -42.20 -44.19 34.94
N ASN C 404 -41.63 -43.27 34.16
CA ASN C 404 -40.82 -43.67 33.02
C ASN C 404 -39.58 -44.45 33.45
N LEU C 405 -39.02 -44.14 34.62
CA LEU C 405 -37.89 -44.92 35.12
C LEU C 405 -38.32 -46.34 35.48
N LYS C 406 -39.42 -46.46 36.23
CA LYS C 406 -39.92 -47.79 36.57
C LYS C 406 -40.20 -48.61 35.32
N ILE C 407 -40.78 -47.96 34.29
CA ILE C 407 -41.08 -48.67 33.05
C ILE C 407 -39.79 -49.14 32.39
N LYS C 408 -38.83 -48.22 32.19
CA LYS C 408 -37.60 -48.61 31.50
C LYS C 408 -36.86 -49.70 32.26
N LEU C 409 -36.83 -49.61 33.59
CA LEU C 409 -36.16 -50.64 34.37
C LEU C 409 -37.00 -51.92 34.39
N ALA C 410 -38.33 -51.79 34.33
CA ALA C 410 -39.19 -52.97 34.23
C ALA C 410 -38.92 -53.72 32.93
N GLN C 411 -38.87 -52.98 31.81
CA GLN C 411 -38.61 -53.59 30.51
C GLN C 411 -37.16 -54.03 30.35
N ALA C 412 -36.42 -54.14 31.45
CA ALA C 412 -35.02 -54.52 31.40
C ALA C 412 -34.76 -55.79 32.19
N ILE D 5 8.04 14.42 -71.42
CA ILE D 5 6.90 14.77 -70.59
C ILE D 5 6.93 16.27 -70.27
N SER D 6 5.78 16.92 -70.43
CA SER D 6 5.65 18.34 -70.08
C SER D 6 5.34 18.40 -68.59
N GLY D 7 6.38 18.62 -67.78
CA GLY D 7 6.20 18.54 -66.34
C GLY D 7 5.52 19.74 -65.73
N GLY D 8 5.68 20.91 -66.33
CA GLY D 8 5.12 22.13 -65.79
C GLY D 8 6.14 22.93 -65.00
N SER D 9 5.61 23.88 -64.23
CA SER D 9 6.43 24.85 -63.53
C SER D 9 6.91 24.30 -62.19
N VAL D 10 8.22 24.41 -61.95
CA VAL D 10 8.86 23.93 -60.72
C VAL D 10 9.90 24.95 -60.32
N VAL D 11 9.98 25.23 -59.02
CA VAL D 11 11.00 26.12 -58.47
C VAL D 11 12.17 25.27 -58.00
N GLU D 12 13.37 25.57 -58.50
CA GLU D 12 14.59 24.86 -58.16
C GLU D 12 15.47 25.75 -57.29
N MET D 13 16.09 25.14 -56.28
CA MET D 13 17.03 25.83 -55.40
C MET D 13 18.35 25.07 -55.44
N GLN D 14 19.37 25.67 -56.04
CA GLN D 14 20.68 25.05 -56.16
C GLN D 14 21.43 25.13 -54.84
N GLY D 15 22.33 24.18 -54.62
CA GLY D 15 22.98 24.03 -53.33
C GLY D 15 24.49 24.19 -53.36
N ASP D 16 25.19 23.41 -52.54
CA ASP D 16 26.60 23.62 -52.27
C ASP D 16 27.39 22.33 -52.37
N GLU D 17 28.67 22.47 -52.71
CA GLU D 17 29.69 21.43 -52.61
C GLU D 17 29.21 20.18 -53.34
N MET D 18 29.34 18.98 -52.74
CA MET D 18 29.11 17.75 -53.50
C MET D 18 27.65 17.61 -53.90
N THR D 19 26.73 18.03 -53.04
CA THR D 19 25.31 17.94 -53.37
C THR D 19 24.98 18.81 -54.58
N ARG D 20 25.69 19.94 -54.75
CA ARG D 20 25.53 20.73 -55.97
C ARG D 20 25.95 19.91 -57.19
N ILE D 21 27.07 19.20 -57.09
CA ILE D 21 27.54 18.40 -58.22
C ILE D 21 26.51 17.33 -58.58
N ILE D 22 26.04 16.58 -57.58
CA ILE D 22 25.05 15.54 -57.84
C ILE D 22 23.76 16.16 -58.36
N TRP D 23 23.38 17.33 -57.84
CA TRP D 23 22.16 17.99 -58.29
C TRP D 23 22.15 18.12 -59.81
N GLU D 24 23.28 18.53 -60.40
CA GLU D 24 23.32 18.73 -61.86
C GLU D 24 23.25 17.39 -62.59
N LEU D 25 23.99 16.36 -62.14
CA LEU D 25 23.91 15.06 -62.79
C LEU D 25 22.50 14.50 -62.70
N ILE D 26 21.81 14.72 -61.57
CA ILE D 26 20.42 14.26 -61.49
C ILE D 26 19.62 14.90 -62.59
N LYS D 27 19.80 16.21 -62.78
CA LYS D 27 19.07 16.91 -63.83
C LYS D 27 19.46 16.38 -65.22
N GLU D 28 20.75 16.21 -65.47
CA GLU D 28 21.21 15.91 -66.82
C GLU D 28 20.95 14.47 -67.24
N LYS D 29 21.01 13.52 -66.32
CA LYS D 29 20.91 12.11 -66.69
C LYS D 29 19.56 11.47 -66.36
N LEU D 30 18.82 11.99 -65.39
CA LEU D 30 17.60 11.33 -64.93
C LEU D 30 16.32 12.11 -65.18
N ILE D 31 16.36 13.44 -65.18
CA ILE D 31 15.13 14.23 -65.26
C ILE D 31 14.95 14.81 -66.66
N PHE D 32 15.89 15.67 -67.08
CA PHE D 32 15.73 16.36 -68.36
C PHE D 32 15.55 15.41 -69.53
N PRO D 33 16.22 14.27 -69.60
CA PRO D 33 16.01 13.36 -70.76
C PRO D 33 14.58 12.89 -70.93
N TYR D 34 13.72 13.03 -69.92
CA TYR D 34 12.37 12.52 -69.99
C TYR D 34 11.28 13.54 -69.66
N VAL D 35 11.62 14.68 -69.05
CA VAL D 35 10.64 15.68 -68.64
C VAL D 35 11.13 17.04 -69.08
N GLU D 36 10.24 17.81 -69.71
CA GLU D 36 10.49 19.21 -70.02
C GLU D 36 9.78 20.07 -68.98
N LEU D 37 10.53 20.97 -68.34
CA LEU D 37 10.00 21.73 -67.22
C LEU D 37 10.15 23.23 -67.48
N ASP D 38 9.20 23.98 -66.93
CA ASP D 38 9.28 25.44 -66.85
C ASP D 38 9.93 25.79 -65.50
N LEU D 39 11.25 25.67 -65.48
CA LEU D 39 12.00 25.79 -64.24
C LEU D 39 12.17 27.25 -63.85
N HIS D 40 11.99 27.55 -62.56
CA HIS D 40 12.31 28.85 -61.98
C HIS D 40 13.45 28.60 -61.00
N SER D 41 14.68 28.82 -61.46
CA SER D 41 15.87 28.42 -60.72
C SER D 41 16.37 29.58 -59.85
N TYR D 42 16.68 29.27 -58.59
CA TYR D 42 17.28 30.23 -57.67
C TYR D 42 18.54 29.60 -57.10
N ASP D 43 19.67 30.29 -57.24
CA ASP D 43 20.96 29.73 -56.84
C ASP D 43 21.16 30.08 -55.36
N LEU D 44 20.95 29.08 -54.49
CA LEU D 44 21.21 29.21 -53.07
C LEU D 44 22.59 28.71 -52.67
N GLY D 45 23.53 28.66 -53.61
CA GLY D 45 24.92 28.44 -53.25
C GLY D 45 25.44 29.47 -52.24
N ILE D 46 26.34 29.03 -51.37
CA ILE D 46 26.78 29.89 -50.28
C ILE D 46 27.33 31.20 -50.81
N GLU D 47 28.04 31.15 -51.94
CA GLU D 47 28.67 32.36 -52.44
C GLU D 47 27.65 33.33 -53.05
N ASN D 48 26.58 32.80 -53.65
CA ASN D 48 25.56 33.66 -54.23
C ASN D 48 24.65 34.24 -53.16
N ARG D 49 24.34 33.47 -52.12
CA ARG D 49 23.60 34.02 -50.99
C ARG D 49 24.33 35.19 -50.38
N ASP D 50 25.66 35.06 -50.23
CA ASP D 50 26.45 36.19 -49.74
C ASP D 50 26.39 37.36 -50.71
N ALA D 51 26.48 37.07 -52.01
CA ALA D 51 26.47 38.15 -53.00
C ALA D 51 25.15 38.92 -52.96
N THR D 52 24.04 38.23 -52.70
CA THR D 52 22.73 38.84 -52.65
C THR D 52 22.28 39.15 -51.23
N ASN D 53 23.18 39.07 -50.25
CA ASN D 53 22.84 39.32 -48.85
C ASN D 53 21.64 38.49 -48.42
N ASP D 54 21.58 37.25 -48.90
CA ASP D 54 20.55 36.27 -48.56
C ASP D 54 19.19 36.62 -49.13
N GLN D 55 19.10 37.62 -50.01
CA GLN D 55 17.81 37.94 -50.60
C GLN D 55 17.31 36.80 -51.48
N VAL D 56 18.22 36.10 -52.16
CA VAL D 56 17.82 35.00 -53.03
C VAL D 56 17.09 33.94 -52.24
N THR D 57 17.45 33.76 -50.97
CA THR D 57 16.70 32.86 -50.11
C THR D 57 15.28 33.34 -49.95
N LYS D 58 15.11 34.65 -49.75
CA LYS D 58 13.78 35.20 -49.63
C LYS D 58 13.01 35.09 -50.95
N ASP D 59 13.67 35.33 -52.07
CA ASP D 59 13.02 35.25 -53.38
C ASP D 59 12.52 33.83 -53.69
N ALA D 60 13.35 32.83 -53.47
CA ALA D 60 12.95 31.45 -53.77
C ALA D 60 11.72 31.04 -52.98
N ALA D 61 11.67 31.40 -51.70
CA ALA D 61 10.52 31.04 -50.87
C ALA D 61 9.24 31.60 -51.47
N GLU D 62 9.28 32.86 -51.93
CA GLU D 62 8.10 33.48 -52.52
C GLU D 62 7.73 32.81 -53.84
N ALA D 63 8.73 32.37 -54.60
CA ALA D 63 8.45 31.67 -55.86
C ALA D 63 7.72 30.36 -55.63
N ILE D 64 8.05 29.63 -54.57
CA ILE D 64 7.34 28.40 -54.26
C ILE D 64 5.88 28.71 -53.92
N LYS D 65 5.67 29.75 -53.13
CA LYS D 65 4.31 30.21 -52.85
C LYS D 65 3.57 30.51 -54.14
N LYS D 66 4.29 31.04 -55.14
CA LYS D 66 3.68 31.46 -56.39
C LYS D 66 3.38 30.26 -57.29
N HIS D 67 4.31 29.32 -57.40
CA HIS D 67 4.19 28.18 -58.32
C HIS D 67 3.88 26.85 -57.64
N ASN D 68 3.92 26.79 -56.31
CA ASN D 68 3.41 25.72 -55.46
C ASN D 68 4.35 24.51 -55.31
N VAL D 69 5.43 24.39 -56.08
CA VAL D 69 6.31 23.24 -55.99
C VAL D 69 7.76 23.71 -55.99
N GLY D 70 8.48 23.37 -54.94
CA GLY D 70 9.91 23.65 -54.84
C GLY D 70 10.69 22.38 -54.57
N VAL D 71 11.88 22.29 -55.15
CA VAL D 71 12.84 21.22 -54.88
C VAL D 71 14.16 21.88 -54.53
N LYS D 72 14.71 21.53 -53.37
CA LYS D 72 15.86 22.25 -52.81
C LYS D 72 17.03 21.31 -52.61
N CYS D 73 18.20 21.74 -53.08
CA CYS D 73 19.45 21.06 -52.85
C CYS D 73 19.98 21.39 -51.46
N ALA D 74 20.76 20.47 -50.89
CA ALA D 74 21.36 20.73 -49.59
C ALA D 74 22.24 21.97 -49.66
N THR D 75 22.20 22.76 -48.59
CA THR D 75 22.93 24.02 -48.55
C THR D 75 23.75 24.10 -47.26
N ILE D 76 24.71 25.03 -47.27
CA ILE D 76 25.55 25.28 -46.11
C ILE D 76 24.88 26.34 -45.24
N THR D 77 24.76 26.05 -43.95
CA THR D 77 24.47 27.06 -42.95
C THR D 77 25.81 27.47 -42.34
N PRO D 78 26.30 28.68 -42.58
CA PRO D 78 27.70 28.98 -42.25
C PRO D 78 27.94 29.07 -40.76
N ASP D 79 29.07 28.51 -40.33
CA ASP D 79 29.59 28.67 -38.99
C ASP D 79 30.80 29.61 -39.01
N GLU D 80 31.50 29.69 -37.88
CA GLU D 80 32.67 30.55 -37.79
C GLU D 80 33.71 30.19 -38.83
N LYS D 81 33.96 28.89 -38.97
CA LYS D 81 34.96 28.46 -39.95
C LYS D 81 34.57 28.87 -41.36
N ARG D 82 33.30 28.74 -41.71
CA ARG D 82 32.83 29.03 -43.06
C ARG D 82 32.88 30.52 -43.37
N VAL D 83 32.70 31.38 -42.37
CA VAL D 83 32.79 32.82 -42.61
C VAL D 83 34.17 33.19 -43.13
N GLU D 84 35.22 32.61 -42.55
CA GLU D 84 36.57 32.86 -43.03
C GLU D 84 36.81 32.20 -44.39
N GLU D 85 36.29 30.98 -44.59
CA GLU D 85 36.53 30.26 -45.83
C GLU D 85 36.06 31.07 -47.04
N PHE D 86 34.83 31.58 -46.99
CA PHE D 86 34.24 32.30 -48.11
C PHE D 86 34.29 33.81 -47.91
N LYS D 87 34.96 34.29 -46.86
CA LYS D 87 35.08 35.71 -46.57
C LYS D 87 33.69 36.37 -46.60
N LEU D 88 32.77 35.78 -45.87
CA LEU D 88 31.38 36.21 -45.90
C LEU D 88 31.18 37.52 -45.15
N LYS D 89 30.17 38.29 -45.58
CA LYS D 89 29.82 39.51 -44.89
C LYS D 89 29.26 39.23 -43.51
N GLN D 90 28.35 38.26 -43.42
CA GLN D 90 27.72 37.88 -42.17
C GLN D 90 27.66 36.37 -42.07
N MET D 91 27.39 35.87 -40.86
CA MET D 91 27.13 34.45 -40.65
C MET D 91 25.63 34.24 -40.92
N TRP D 92 25.30 34.14 -42.20
CA TRP D 92 23.91 34.15 -42.63
C TRP D 92 23.14 33.02 -41.96
N LYS D 93 21.87 33.28 -41.67
CA LYS D 93 21.02 32.31 -40.99
C LYS D 93 20.66 31.16 -41.92
N SER D 94 20.31 30.02 -41.31
CA SER D 94 19.91 28.83 -42.03
C SER D 94 18.87 29.18 -43.10
N PRO D 95 19.14 28.90 -44.38
CA PRO D 95 18.11 29.16 -45.39
C PRO D 95 16.92 28.23 -45.26
N ASN D 96 17.10 27.04 -44.70
CA ASN D 96 15.98 26.14 -44.44
C ASN D 96 15.01 26.76 -43.45
N GLY D 97 15.53 27.36 -42.37
CA GLY D 97 14.67 28.05 -41.45
C GLY D 97 13.94 29.22 -42.10
N THR D 98 14.66 29.98 -42.93
CA THR D 98 14.03 31.10 -43.63
C THR D 98 12.88 30.63 -44.50
N ILE D 99 13.11 29.61 -45.32
CA ILE D 99 12.07 29.12 -46.23
C ILE D 99 10.89 28.59 -45.44
N ARG D 100 11.16 27.78 -44.41
CA ARG D 100 10.09 27.20 -43.61
C ARG D 100 9.29 28.27 -42.89
N ASN D 101 9.98 29.28 -42.35
CA ASN D 101 9.29 30.36 -41.65
C ASN D 101 8.42 31.17 -42.59
N ILE D 102 8.80 31.29 -43.85
CA ILE D 102 7.98 32.01 -44.81
C ILE D 102 6.78 31.19 -45.24
N LEU D 103 7.01 29.91 -45.55
CA LEU D 103 5.94 29.08 -46.09
C LEU D 103 5.08 28.46 -44.97
N GLY D 104 5.70 28.10 -43.86
CA GLY D 104 4.99 27.41 -42.80
C GLY D 104 4.63 26.00 -43.20
N GLY D 105 3.98 25.30 -42.27
CA GLY D 105 3.51 23.96 -42.54
C GLY D 105 4.20 22.89 -41.73
N THR D 106 4.24 21.67 -42.27
CA THR D 106 4.79 20.51 -41.59
C THR D 106 5.78 19.82 -42.51
N VAL D 107 6.97 19.53 -42.00
CA VAL D 107 7.97 18.77 -42.74
C VAL D 107 7.79 17.30 -42.41
N PHE D 108 7.41 16.50 -43.39
CA PHE D 108 7.23 15.07 -43.21
C PHE D 108 8.51 14.36 -43.63
N ARG D 109 9.04 13.54 -42.74
CA ARG D 109 10.31 12.86 -42.95
C ARG D 109 10.14 11.37 -42.70
N GLU D 110 10.73 10.57 -43.58
CA GLU D 110 10.54 9.13 -43.58
C GLU D 110 11.77 8.50 -44.22
N ALA D 111 12.15 7.32 -43.71
CA ALA D 111 13.29 6.62 -44.25
C ALA D 111 12.99 6.11 -45.65
N ILE D 112 14.05 5.98 -46.44
CA ILE D 112 13.99 5.34 -47.75
C ILE D 112 14.60 3.96 -47.58
N ILE D 113 13.77 2.92 -47.65
CA ILE D 113 14.12 1.59 -47.17
C ILE D 113 14.48 0.70 -48.34
N CYS D 114 15.60 -0.02 -48.19
CA CYS D 114 16.05 -1.03 -49.15
C CYS D 114 16.16 -2.37 -48.43
N LYS D 115 15.73 -3.43 -49.09
CA LYS D 115 15.68 -4.74 -48.45
C LYS D 115 17.02 -5.12 -47.85
N ASN D 116 18.12 -4.79 -48.54
CA ASN D 116 19.44 -5.29 -48.22
C ASN D 116 20.27 -4.36 -47.33
N ILE D 117 19.67 -3.30 -46.78
CA ILE D 117 20.38 -2.34 -45.94
C ILE D 117 20.02 -2.65 -44.49
N PRO D 118 20.96 -3.12 -43.67
CA PRO D 118 20.61 -3.47 -42.29
C PRO D 118 20.19 -2.26 -41.46
N ARG D 119 19.24 -2.50 -40.56
CA ARG D 119 18.88 -1.50 -39.58
C ARG D 119 19.80 -1.56 -38.38
N LEU D 120 19.78 -0.49 -37.60
CA LEU D 120 20.41 -0.49 -36.28
C LEU D 120 19.42 -0.74 -35.17
N VAL D 121 18.13 -0.49 -35.43
CA VAL D 121 17.05 -0.79 -34.48
C VAL D 121 16.33 -2.03 -34.97
N SER D 122 16.24 -3.04 -34.11
CA SER D 122 15.83 -4.37 -34.56
C SER D 122 14.38 -4.41 -35.03
N GLY D 123 13.48 -3.75 -34.30
CA GLY D 123 12.06 -3.98 -34.47
C GLY D 123 11.35 -3.20 -35.55
N TRP D 124 12.01 -2.20 -36.13
CA TRP D 124 11.34 -1.28 -37.07
C TRP D 124 11.12 -2.00 -38.40
N VAL D 125 10.06 -2.80 -38.45
CA VAL D 125 9.68 -3.49 -39.68
C VAL D 125 8.72 -2.67 -40.53
N LYS D 126 8.03 -1.69 -39.96
CA LYS D 126 7.20 -0.75 -40.70
C LYS D 126 7.80 0.64 -40.55
N PRO D 127 7.60 1.52 -41.53
CA PRO D 127 8.24 2.84 -41.46
C PRO D 127 7.61 3.72 -40.40
N ILE D 128 8.40 4.70 -39.95
CA ILE D 128 7.96 5.74 -39.03
C ILE D 128 7.99 7.06 -39.77
N ILE D 129 6.89 7.80 -39.73
CA ILE D 129 6.78 9.08 -40.39
C ILE D 129 6.69 10.16 -39.33
N ILE D 130 7.63 11.09 -39.35
CA ILE D 130 7.68 12.20 -38.40
C ILE D 130 7.09 13.42 -39.08
N GLY D 131 6.12 14.05 -38.42
CA GLY D 131 5.59 15.31 -38.86
C GLY D 131 6.17 16.44 -38.03
N ARG D 132 7.20 17.09 -38.55
CA ARG D 132 7.92 18.13 -37.84
C ARG D 132 7.26 19.48 -38.10
N HIS D 133 6.69 20.07 -37.05
CA HIS D 133 6.19 21.44 -37.15
C HIS D 133 7.31 22.34 -37.65
N ALA D 134 7.08 23.01 -38.77
CA ALA D 134 8.12 23.70 -39.50
C ALA D 134 8.31 25.15 -39.07
N TYR D 135 7.58 25.62 -38.06
CA TYR D 135 7.52 27.03 -37.75
C TYR D 135 7.78 27.28 -36.27
N GLY D 136 8.58 28.31 -35.99
CA GLY D 136 8.67 28.87 -34.66
C GLY D 136 9.60 28.12 -33.72
N ASP D 137 9.32 28.31 -32.42
CA ASP D 137 10.12 27.73 -31.34
C ASP D 137 11.57 28.17 -31.53
N GLN D 138 12.54 27.26 -31.37
CA GLN D 138 13.95 27.65 -31.36
C GLN D 138 14.39 28.29 -32.67
N TYR D 139 13.71 27.99 -33.78
CA TYR D 139 14.18 28.43 -35.09
C TYR D 139 13.76 29.85 -35.45
N ARG D 140 13.02 30.54 -34.59
CA ARG D 140 12.76 31.96 -34.78
C ARG D 140 12.85 32.68 -33.45
N ALA D 141 13.77 32.23 -32.61
CA ALA D 141 13.90 32.70 -31.24
C ALA D 141 14.83 33.91 -31.18
N THR D 142 14.85 34.55 -30.01
CA THR D 142 15.69 35.71 -29.75
C THR D 142 16.55 35.40 -28.53
N ASP D 143 17.80 35.00 -28.76
CA ASP D 143 18.73 34.65 -27.69
C ASP D 143 19.86 35.66 -27.61
N PHE D 144 20.40 35.83 -26.41
CA PHE D 144 21.46 36.80 -26.19
C PHE D 144 22.24 36.42 -24.95
N VAL D 145 23.48 36.90 -24.89
CA VAL D 145 24.33 36.70 -23.72
C VAL D 145 23.99 37.76 -22.68
N VAL D 146 23.94 37.35 -21.42
CA VAL D 146 23.77 38.27 -20.30
C VAL D 146 25.16 38.57 -19.75
N PRO D 147 25.71 39.77 -19.97
CA PRO D 147 27.12 40.00 -19.60
C PRO D 147 27.38 40.08 -18.11
N GLY D 148 26.37 40.38 -17.30
CA GLY D 148 26.58 40.51 -15.87
C GLY D 148 25.28 40.63 -15.10
N PRO D 149 25.38 40.93 -13.81
CA PRO D 149 24.17 41.01 -12.98
C PRO D 149 23.13 41.93 -13.59
N GLY D 150 21.87 41.62 -13.33
CA GLY D 150 20.78 42.35 -13.93
C GLY D 150 19.50 41.54 -13.93
N LYS D 151 18.47 42.16 -14.51
CA LYS D 151 17.11 41.64 -14.51
C LYS D 151 16.70 41.33 -15.94
N VAL D 152 16.29 40.09 -16.19
CA VAL D 152 15.77 39.69 -17.49
C VAL D 152 14.28 39.44 -17.34
N GLU D 153 13.48 40.15 -18.14
CA GLU D 153 12.03 40.06 -18.10
C GLU D 153 11.49 39.83 -19.50
N ILE D 154 10.29 39.25 -19.56
CA ILE D 154 9.53 39.08 -20.79
C ILE D 154 8.15 39.67 -20.59
N THR D 155 7.69 40.47 -21.54
CA THR D 155 6.46 41.24 -21.40
C THR D 155 5.57 41.05 -22.62
N TYR D 156 4.26 41.08 -22.40
CA TYR D 156 3.26 41.00 -23.45
C TYR D 156 2.35 42.23 -23.38
N THR D 157 2.29 42.97 -24.48
CA THR D 157 1.46 44.18 -24.55
C THR D 157 0.29 43.94 -25.50
N PRO D 158 -0.92 43.71 -25.00
CA PRO D 158 -2.06 43.47 -25.88
C PRO D 158 -2.37 44.67 -26.77
N SER D 159 -2.82 44.37 -27.99
CA SER D 159 -3.18 45.43 -28.93
C SER D 159 -4.56 46.02 -28.69
N ASP D 160 -5.43 45.33 -27.95
CA ASP D 160 -6.77 45.81 -27.67
C ASP D 160 -6.83 46.71 -26.44
N GLY D 161 -5.68 47.15 -25.93
CA GLY D 161 -5.64 48.05 -24.80
C GLY D 161 -5.64 47.39 -23.44
N THR D 162 -5.79 46.07 -23.36
CA THR D 162 -5.77 45.44 -22.05
C THR D 162 -4.36 45.54 -21.48
N GLN D 163 -4.27 45.33 -20.16
CA GLN D 163 -3.04 45.65 -19.45
C GLN D 163 -1.83 44.87 -19.97
N LYS D 164 -0.68 45.54 -19.97
CA LYS D 164 0.59 44.89 -20.22
C LYS D 164 0.98 44.05 -19.02
N VAL D 165 1.43 42.82 -19.26
CA VAL D 165 1.88 41.91 -18.22
C VAL D 165 3.39 41.74 -18.33
N THR D 166 4.07 41.71 -17.19
CA THR D 166 5.52 41.56 -17.12
C THR D 166 5.82 40.35 -16.26
N TYR D 167 6.72 39.50 -16.73
CA TYR D 167 7.13 38.30 -16.01
C TYR D 167 8.64 38.32 -15.82
N LEU D 168 9.09 37.94 -14.64
CA LEU D 168 10.51 37.81 -14.36
C LEU D 168 11.01 36.48 -14.93
N VAL D 169 12.02 36.56 -15.80
CA VAL D 169 12.67 35.36 -16.28
C VAL D 169 13.75 34.92 -15.30
N HIS D 170 14.58 35.87 -14.88
CA HIS D 170 15.60 35.59 -13.87
C HIS D 170 16.26 36.91 -13.48
N ASN D 171 16.61 37.01 -12.20
CA ASN D 171 17.41 38.12 -11.69
C ASN D 171 18.82 37.58 -11.49
N PHE D 172 19.74 38.00 -12.34
CA PHE D 172 21.14 37.61 -12.21
C PHE D 172 21.77 38.46 -11.10
N GLU D 173 22.11 37.81 -9.99
CA GLU D 173 22.63 38.52 -8.82
C GLU D 173 24.15 38.51 -8.75
N GLU D 174 24.79 37.39 -9.12
CA GLU D 174 26.24 37.25 -9.04
C GLU D 174 26.80 36.67 -10.34
N GLY D 175 26.87 37.49 -11.38
CA GLY D 175 27.45 37.08 -12.65
C GLY D 175 26.47 37.22 -13.79
N GLY D 176 26.83 36.61 -14.91
CA GLY D 176 26.01 36.65 -16.11
C GLY D 176 25.57 35.27 -16.56
N GLY D 177 25.22 35.16 -17.85
CA GLY D 177 24.76 33.90 -18.40
C GLY D 177 24.15 34.05 -19.77
N VAL D 178 23.00 33.40 -19.99
CA VAL D 178 22.31 33.46 -21.27
C VAL D 178 20.81 33.52 -21.03
N ALA D 179 20.10 34.13 -21.98
CA ALA D 179 18.65 34.17 -21.93
C ALA D 179 18.14 34.12 -23.37
N MET D 180 16.85 33.84 -23.51
CA MET D 180 16.27 33.71 -24.84
C MET D 180 14.75 33.73 -24.73
N GLY D 181 14.11 34.27 -25.74
CA GLY D 181 12.67 34.21 -25.88
C GLY D 181 12.31 33.51 -27.17
N MET D 182 11.22 32.76 -27.15
CA MET D 182 10.70 32.07 -28.32
C MET D 182 9.18 32.10 -28.25
N TYR D 183 8.55 31.73 -29.36
CA TYR D 183 7.09 31.79 -29.44
C TYR D 183 6.60 30.82 -30.50
N ASN D 184 5.28 30.65 -30.53
CA ASN D 184 4.61 29.98 -31.64
C ASN D 184 3.20 30.54 -31.75
N GLN D 185 2.51 30.16 -32.80
CA GLN D 185 1.26 30.81 -33.21
C GLN D 185 0.13 29.79 -33.27
N ASP D 186 -1.02 30.17 -32.72
CA ASP D 186 -2.16 29.26 -32.69
C ASP D 186 -2.48 28.73 -34.08
N LYS D 187 -2.58 29.63 -35.07
CA LYS D 187 -2.96 29.20 -36.40
C LYS D 187 -1.94 28.21 -36.97
N SER D 188 -0.65 28.48 -36.77
CA SER D 188 0.37 27.54 -37.21
C SER D 188 0.20 26.19 -36.53
N ILE D 189 -0.05 26.19 -35.22
CA ILE D 189 -0.25 24.93 -34.50
C ILE D 189 -1.49 24.21 -35.02
N GLU D 190 -2.55 24.97 -35.31
CA GLU D 190 -3.77 24.35 -35.84
C GLU D 190 -3.50 23.69 -37.19
N ASP D 191 -2.78 24.37 -38.07
CA ASP D 191 -2.39 23.75 -39.34
C ASP D 191 -1.57 22.49 -39.09
N PHE D 192 -0.61 22.57 -38.16
CA PHE D 192 0.21 21.41 -37.80
C PHE D 192 -0.67 20.25 -37.35
N ALA D 193 -1.69 20.53 -36.53
CA ALA D 193 -2.59 19.46 -36.09
C ALA D 193 -3.37 18.87 -37.26
N HIS D 194 -3.97 19.72 -38.08
CA HIS D 194 -4.72 19.23 -39.23
C HIS D 194 -3.84 18.37 -40.13
N SER D 195 -2.63 18.85 -40.44
CA SER D 195 -1.73 18.07 -41.27
C SER D 195 -1.39 16.73 -40.64
N SER D 196 -1.34 16.66 -39.31
CA SER D 196 -0.99 15.42 -38.65
C SER D 196 -2.13 14.41 -38.71
N PHE D 197 -3.35 14.85 -38.38
CA PHE D 197 -4.50 13.95 -38.44
C PHE D 197 -4.74 13.46 -39.87
N GLN D 198 -4.59 14.35 -40.85
CA GLN D 198 -4.85 13.96 -42.24
C GLN D 198 -3.80 12.97 -42.73
N MET D 199 -2.55 13.12 -42.29
CA MET D 199 -1.52 12.16 -42.69
C MET D 199 -1.79 10.79 -42.10
N ALA D 200 -2.24 10.73 -40.84
CA ALA D 200 -2.55 9.45 -40.22
C ALA D 200 -3.67 8.73 -40.96
N LEU D 201 -4.74 9.47 -41.32
CA LEU D 201 -5.84 8.87 -42.05
C LEU D 201 -5.43 8.42 -43.45
N SER D 202 -4.47 9.12 -44.07
CA SER D 202 -4.05 8.76 -45.41
C SER D 202 -3.30 7.44 -45.42
N LYS D 203 -2.44 7.21 -44.44
CA LYS D 203 -1.68 5.98 -44.35
C LYS D 203 -2.40 4.89 -43.57
N GLY D 204 -3.46 5.24 -42.84
CA GLY D 204 -4.18 4.28 -42.03
C GLY D 204 -3.43 3.87 -40.78
N TRP D 205 -2.71 4.80 -40.17
CA TRP D 205 -1.88 4.52 -39.01
C TRP D 205 -2.27 5.42 -37.85
N PRO D 206 -2.00 4.99 -36.62
CA PRO D 206 -2.24 5.88 -35.47
C PRO D 206 -1.28 7.06 -35.45
N LEU D 207 -1.67 8.07 -34.68
CA LEU D 207 -0.91 9.31 -34.55
C LEU D 207 -0.55 9.54 -33.10
N TYR D 208 0.69 10.00 -32.86
CA TYR D 208 1.16 10.38 -31.55
C TYR D 208 1.73 11.79 -31.62
N LEU D 209 1.37 12.62 -30.64
CA LEU D 209 1.96 13.94 -30.46
C LEU D 209 2.82 13.92 -29.20
N SER D 210 4.03 14.46 -29.30
CA SER D 210 4.96 14.53 -28.19
C SER D 210 5.15 15.98 -27.77
N THR D 211 5.04 16.23 -26.47
CA THR D 211 5.42 17.52 -25.88
C THR D 211 6.00 17.23 -24.50
N LYS D 212 6.29 18.30 -23.75
CA LYS D 212 6.66 18.21 -22.34
C LYS D 212 5.78 19.14 -21.52
N ASN D 213 4.46 18.98 -21.67
CA ASN D 213 3.52 19.92 -21.08
C ASN D 213 3.49 19.86 -19.56
N THR D 214 4.09 18.83 -18.94
CA THR D 214 4.21 18.82 -17.49
C THR D 214 5.21 19.86 -17.01
N ILE D 215 6.15 20.25 -17.86
CA ILE D 215 7.18 21.23 -17.51
C ILE D 215 6.87 22.60 -18.12
N LEU D 216 6.55 22.65 -19.40
CA LEU D 216 6.09 23.88 -20.06
C LEU D 216 4.56 23.79 -20.10
N LYS D 217 3.95 24.12 -18.95
CA LYS D 217 2.53 23.87 -18.77
C LYS D 217 1.68 24.71 -19.72
N LYS D 218 2.11 25.95 -19.98
CA LYS D 218 1.35 26.82 -20.88
C LYS D 218 1.78 26.63 -22.33
N TYR D 219 3.09 26.73 -22.59
CA TYR D 219 3.62 26.65 -23.95
C TYR D 219 3.26 25.32 -24.60
N ASP D 220 3.69 24.21 -23.99
CA ASP D 220 3.42 22.90 -24.58
C ASP D 220 1.98 22.46 -24.34
N GLY D 221 1.35 22.94 -23.27
CA GLY D 221 -0.06 22.66 -23.07
C GLY D 221 -0.92 23.15 -24.21
N ARG D 222 -0.51 24.26 -24.84
CA ARG D 222 -1.27 24.78 -25.98
C ARG D 222 -1.27 23.78 -27.12
N PHE D 223 -0.11 23.18 -27.42
CA PHE D 223 -0.05 22.14 -28.44
C PHE D 223 -0.98 20.98 -28.10
N LYS D 224 -0.90 20.51 -26.85
CA LYS D 224 -1.74 19.39 -26.43
C LYS D 224 -3.22 19.73 -26.56
N ASP D 225 -3.62 20.92 -26.11
CA ASP D 225 -5.03 21.28 -26.12
C ASP D 225 -5.55 21.45 -27.53
N ILE D 226 -4.80 22.15 -28.39
CA ILE D 226 -5.26 22.38 -29.76
C ILE D 226 -5.44 21.06 -30.49
N PHE D 227 -4.46 20.15 -30.35
CA PHE D 227 -4.59 18.85 -30.99
C PHE D 227 -5.83 18.11 -30.50
N GLN D 228 -6.04 18.08 -29.19
CA GLN D 228 -7.16 17.33 -28.63
C GLN D 228 -8.49 17.95 -29.05
N GLU D 229 -8.58 19.28 -29.03
CA GLU D 229 -9.79 19.95 -29.51
C GLU D 229 -10.10 19.56 -30.95
N ILE D 230 -9.12 19.76 -31.85
CA ILE D 230 -9.34 19.44 -33.26
C ILE D 230 -9.66 17.96 -33.43
N TYR D 231 -9.04 17.11 -32.63
CA TYR D 231 -9.34 15.68 -32.71
C TYR D 231 -10.78 15.41 -32.31
N ASP D 232 -11.20 15.89 -31.13
CA ASP D 232 -12.54 15.62 -30.64
C ASP D 232 -13.61 16.18 -31.56
N LYS D 233 -13.35 17.36 -32.13
CA LYS D 233 -14.36 18.07 -32.89
C LYS D 233 -14.43 17.67 -34.36
N GLN D 234 -13.34 17.15 -34.93
CA GLN D 234 -13.27 17.02 -36.39
C GLN D 234 -12.71 15.71 -36.92
N TYR D 235 -12.10 14.86 -36.11
CA TYR D 235 -11.44 13.67 -36.64
C TYR D 235 -11.71 12.38 -35.89
N LYS D 236 -12.21 12.43 -34.65
CA LYS D 236 -12.36 11.21 -33.87
C LYS D 236 -13.19 10.17 -34.59
N SER D 237 -14.33 10.57 -35.16
CA SER D 237 -15.18 9.61 -35.86
C SER D 237 -14.44 9.00 -37.05
N GLN D 238 -13.67 9.81 -37.79
CA GLN D 238 -12.93 9.29 -38.93
C GLN D 238 -11.85 8.31 -38.47
N PHE D 239 -11.18 8.62 -37.37
CA PHE D 239 -10.17 7.70 -36.82
C PHE D 239 -10.80 6.37 -36.44
N GLU D 240 -11.93 6.41 -35.75
CA GLU D 240 -12.58 5.17 -35.32
C GLU D 240 -13.04 4.34 -36.51
N ALA D 241 -13.48 4.99 -37.59
CA ALA D 241 -13.89 4.25 -38.77
C ALA D 241 -12.72 3.46 -39.36
N GLN D 242 -11.50 3.99 -39.25
CA GLN D 242 -10.32 3.33 -39.78
C GLN D 242 -9.60 2.49 -38.74
N LYS D 243 -10.13 2.39 -37.51
CA LYS D 243 -9.56 1.57 -36.47
C LYS D 243 -8.17 2.06 -36.06
N ILE D 244 -7.99 3.38 -36.04
CA ILE D 244 -6.74 3.97 -35.54
C ILE D 244 -7.09 4.91 -34.39
N TRP D 245 -6.08 5.54 -33.81
CA TRP D 245 -6.27 6.34 -32.61
C TRP D 245 -5.26 7.47 -32.58
N TYR D 246 -5.50 8.43 -31.68
CA TYR D 246 -4.58 9.51 -31.39
C TYR D 246 -4.27 9.52 -29.89
N GLU D 247 -3.00 9.77 -29.56
CA GLU D 247 -2.58 9.85 -28.17
C GLU D 247 -1.51 10.91 -28.02
N HIS D 248 -1.58 11.68 -26.93
CA HIS D 248 -0.52 12.57 -26.54
C HIS D 248 0.41 11.84 -25.57
N ARG D 249 1.70 12.06 -25.72
CA ARG D 249 2.69 11.44 -24.84
C ARG D 249 3.76 12.46 -24.52
N LEU D 250 4.33 12.36 -23.33
CA LEU D 250 5.50 13.16 -22.99
C LEU D 250 6.66 12.74 -23.87
N ILE D 251 7.48 13.72 -24.25
CA ILE D 251 8.50 13.50 -25.28
C ILE D 251 9.45 12.38 -24.87
N ASP D 252 9.86 12.34 -23.60
CA ASP D 252 10.84 11.32 -23.21
C ASP D 252 10.22 9.93 -23.25
N ASP D 253 8.96 9.80 -22.85
CA ASP D 253 8.27 8.52 -23.03
C ASP D 253 8.13 8.17 -24.50
N MET D 254 7.90 9.18 -25.35
CA MET D 254 7.59 8.89 -26.75
C MET D 254 8.80 8.33 -27.49
N VAL D 255 9.98 8.90 -27.29
CA VAL D 255 11.17 8.40 -27.99
C VAL D 255 11.44 6.95 -27.58
N ALA D 256 11.16 6.60 -26.32
CA ALA D 256 11.32 5.22 -25.89
C ALA D 256 10.28 4.33 -26.56
N GLN D 257 9.02 4.76 -26.56
CA GLN D 257 7.98 4.00 -27.26
C GLN D 257 8.37 3.77 -28.72
N ALA D 258 8.88 4.80 -29.38
CA ALA D 258 9.29 4.66 -30.78
C ALA D 258 10.42 3.64 -30.92
N MET D 259 11.42 3.73 -30.04
CA MET D 259 12.55 2.81 -30.11
C MET D 259 12.09 1.36 -30.08
N LYS D 260 11.14 1.04 -29.21
CA LYS D 260 10.70 -0.34 -28.99
C LYS D 260 9.53 -0.77 -29.87
N SER D 261 8.95 0.14 -30.64
CA SER D 261 7.78 -0.20 -31.45
C SER D 261 8.18 -0.97 -32.69
N GLU D 262 7.17 -1.39 -33.46
CA GLU D 262 7.39 -2.01 -34.75
C GLU D 262 7.28 -1.01 -35.89
N GLY D 263 7.18 0.27 -35.58
CA GLY D 263 6.94 1.27 -36.59
C GLY D 263 5.46 1.30 -36.96
N GLY D 264 5.18 1.98 -38.07
CA GLY D 264 3.82 2.03 -38.57
C GLY D 264 2.94 3.01 -37.81
N PHE D 265 3.45 4.21 -37.58
CA PHE D 265 2.66 5.26 -36.95
C PHE D 265 3.17 6.61 -37.44
N ILE D 266 2.34 7.63 -37.26
CA ILE D 266 2.70 9.01 -37.55
C ILE D 266 3.10 9.67 -36.23
N TRP D 267 4.17 10.45 -36.27
CA TRP D 267 4.77 11.04 -35.06
C TRP D 267 4.85 12.55 -35.26
N ALA D 268 3.89 13.27 -34.68
CA ALA D 268 3.88 14.72 -34.74
C ALA D 268 4.86 15.27 -33.71
N CYS D 269 5.85 16.03 -34.17
CA CYS D 269 6.90 16.57 -33.34
C CYS D 269 6.91 18.09 -33.43
N LYS D 270 7.10 18.75 -32.28
CA LYS D 270 7.45 20.16 -32.31
C LYS D 270 8.75 20.35 -33.10
N ASN D 271 8.95 21.56 -33.60
CA ASN D 271 10.05 21.84 -34.52
C ASN D 271 11.37 21.23 -34.05
N TYR D 272 11.79 21.57 -32.83
CA TYR D 272 13.10 21.10 -32.35
C TYR D 272 13.15 19.59 -32.28
N ASP D 273 12.12 18.97 -31.69
CA ASP D 273 12.12 17.52 -31.55
C ASP D 273 12.10 16.82 -32.90
N GLY D 274 11.41 17.40 -33.88
CA GLY D 274 11.40 16.83 -35.21
C GLY D 274 12.78 16.82 -35.85
N ASP D 275 13.52 17.92 -35.68
CA ASP D 275 14.88 17.97 -36.19
C ASP D 275 15.73 16.87 -35.56
N VAL D 276 15.75 16.82 -34.23
CA VAL D 276 16.60 15.87 -33.52
C VAL D 276 16.16 14.44 -33.84
N GLN D 277 14.89 14.12 -33.59
CA GLN D 277 14.44 12.74 -33.67
C GLN D 277 14.39 12.21 -35.10
N SER D 278 14.24 13.08 -36.11
CA SER D 278 14.24 12.59 -37.48
C SER D 278 15.60 12.05 -37.89
N ASP D 279 16.68 12.68 -37.41
CA ASP D 279 18.02 12.13 -37.66
C ASP D 279 18.22 10.83 -36.90
N SER D 280 17.74 10.76 -35.65
CA SER D 280 17.83 9.52 -34.89
C SER D 280 17.10 8.40 -35.62
N VAL D 281 15.89 8.67 -36.12
CA VAL D 281 15.11 7.65 -36.80
C VAL D 281 15.80 7.25 -38.10
N ALA D 282 16.25 8.23 -38.90
CA ALA D 282 16.89 7.91 -40.16
C ALA D 282 18.10 7.00 -39.96
N GLN D 283 18.95 7.35 -38.99
CA GLN D 283 20.11 6.51 -38.70
C GLN D 283 19.67 5.14 -38.19
N GLY D 284 18.59 5.10 -37.40
CA GLY D 284 18.12 3.83 -36.88
C GLY D 284 17.75 2.84 -37.96
N TYR D 285 17.22 3.32 -39.09
CA TYR D 285 16.86 2.43 -40.18
C TYR D 285 18.04 1.98 -41.02
N GLY D 286 19.22 2.58 -40.83
CA GLY D 286 20.40 2.08 -41.52
C GLY D 286 21.34 3.15 -42.01
N SER D 287 20.80 4.29 -42.43
CA SER D 287 21.61 5.33 -43.07
C SER D 287 20.92 6.67 -42.88
N LEU D 288 21.70 7.66 -42.41
CA LEU D 288 21.17 8.99 -42.17
C LEU D 288 20.76 9.69 -43.46
N GLY D 289 21.45 9.41 -44.56
CA GLY D 289 21.16 10.04 -45.83
C GLY D 289 19.97 9.47 -46.58
N MET D 290 19.44 8.33 -46.16
CA MET D 290 18.34 7.66 -46.85
C MET D 290 17.04 8.12 -46.20
N MET D 291 16.64 9.34 -46.54
CA MET D 291 15.48 9.97 -45.91
C MET D 291 14.84 10.94 -46.88
N THR D 292 13.51 10.95 -46.90
CA THR D 292 12.75 11.97 -47.59
C THR D 292 12.39 13.08 -46.60
N SER D 293 12.24 14.29 -47.12
CA SER D 293 11.88 15.44 -46.30
C SER D 293 11.09 16.40 -47.17
N VAL D 294 9.79 16.50 -46.93
CA VAL D 294 8.89 17.30 -47.75
C VAL D 294 8.08 18.21 -46.84
N LEU D 295 8.21 19.52 -47.05
CA LEU D 295 7.39 20.49 -46.34
C LEU D 295 6.04 20.60 -47.02
N VAL D 296 4.97 20.31 -46.29
CA VAL D 296 3.60 20.38 -46.80
C VAL D 296 2.94 21.61 -46.18
N CYS D 297 2.60 22.59 -47.01
CA CYS D 297 2.06 23.85 -46.53
C CYS D 297 0.58 23.72 -46.20
N PRO D 298 0.04 24.69 -45.46
CA PRO D 298 -1.38 24.57 -45.04
C PRO D 298 -2.36 24.56 -46.20
N ASP D 299 -2.07 25.26 -47.30
CA ASP D 299 -3.03 25.32 -48.40
C ASP D 299 -3.30 23.96 -49.03
N GLY D 300 -2.54 22.93 -48.66
CA GLY D 300 -2.71 21.61 -49.22
C GLY D 300 -2.25 21.45 -50.65
N LYS D 301 -1.66 22.48 -51.25
CA LYS D 301 -1.17 22.37 -52.62
C LYS D 301 0.31 22.78 -52.75
N THR D 302 0.79 23.62 -51.84
CA THR D 302 2.17 24.10 -51.93
C THR D 302 3.08 23.16 -51.17
N VAL D 303 4.27 22.92 -51.73
CA VAL D 303 5.16 21.87 -51.26
C VAL D 303 6.61 22.26 -51.52
N GLU D 304 7.49 21.89 -50.60
CA GLU D 304 8.94 22.06 -50.76
C GLU D 304 9.64 20.77 -50.39
N ALA D 305 10.15 20.06 -51.39
CA ALA D 305 10.94 18.85 -51.16
C ALA D 305 12.42 19.22 -51.12
N GLU D 306 13.17 18.56 -50.23
CA GLU D 306 14.55 18.93 -49.98
C GLU D 306 15.40 17.70 -49.73
N ALA D 307 16.71 17.87 -49.88
CA ALA D 307 17.70 16.92 -49.35
C ALA D 307 18.18 17.47 -48.01
N ALA D 308 17.94 16.71 -46.94
CA ALA D 308 18.10 17.25 -45.59
C ALA D 308 19.48 17.01 -44.95
N HIS D 309 20.32 16.13 -45.48
CA HIS D 309 21.55 15.73 -44.76
C HIS D 309 22.77 16.55 -45.14
N GLY D 310 22.59 17.84 -45.40
CA GLY D 310 23.72 18.71 -45.70
C GLY D 310 24.60 18.28 -46.86
N THR D 311 25.79 18.87 -46.94
CA THR D 311 26.71 18.59 -48.02
C THR D 311 27.67 17.48 -47.58
N VAL D 312 28.52 17.05 -48.51
CA VAL D 312 29.53 16.03 -48.25
C VAL D 312 30.89 16.68 -48.48
N THR D 313 31.31 17.53 -47.54
CA THR D 313 32.49 18.37 -47.76
C THR D 313 33.72 17.54 -48.10
N ARG D 314 33.94 16.43 -47.39
CA ARG D 314 35.12 15.62 -47.68
C ARG D 314 35.09 15.10 -49.12
N HIS D 315 33.91 14.71 -49.60
CA HIS D 315 33.81 14.28 -51.00
C HIS D 315 34.11 15.45 -51.94
N TYR D 316 33.68 16.65 -51.58
CA TYR D 316 33.95 17.81 -52.43
C TYR D 316 35.46 18.07 -52.49
N ARG D 317 36.15 17.91 -51.36
CA ARG D 317 37.59 18.15 -51.34
C ARG D 317 38.33 17.25 -52.33
N MET D 318 37.98 15.96 -52.35
CA MET D 318 38.62 15.05 -53.30
C MET D 318 38.18 15.34 -54.72
N TYR D 319 36.88 15.62 -54.92
CA TYR D 319 36.38 15.88 -56.27
C TYR D 319 37.19 16.95 -56.97
N GLN D 320 37.40 18.10 -56.32
CA GLN D 320 38.20 19.14 -56.94
C GLN D 320 39.69 18.78 -56.97
N LYS D 321 40.13 17.88 -56.08
CA LYS D 321 41.48 17.35 -56.13
C LYS D 321 41.66 16.27 -57.18
N GLY D 322 40.58 15.88 -57.85
CA GLY D 322 40.61 14.86 -58.85
C GLY D 322 40.55 13.44 -58.34
N GLN D 323 40.39 13.23 -57.05
CA GLN D 323 40.32 11.88 -56.52
C GLN D 323 38.91 11.33 -56.69
N GLU D 324 38.83 10.02 -56.88
CA GLU D 324 37.54 9.38 -57.09
C GLU D 324 36.68 9.50 -55.84
N THR D 325 35.38 9.75 -56.05
CA THR D 325 34.43 9.85 -54.96
C THR D 325 33.26 8.92 -55.22
N SER D 326 32.57 8.55 -54.15
CA SER D 326 31.39 7.68 -54.20
C SER D 326 30.37 8.29 -53.25
N THR D 327 29.53 9.18 -53.79
CA THR D 327 28.59 9.96 -53.01
C THR D 327 27.16 9.50 -53.27
N ASN D 328 26.43 9.26 -52.20
CA ASN D 328 25.05 8.75 -52.29
C ASN D 328 24.11 9.84 -52.79
N PRO D 329 23.47 9.68 -53.95
CA PRO D 329 22.58 10.72 -54.48
C PRO D 329 21.08 10.50 -54.20
N ILE D 330 20.72 9.47 -53.45
CA ILE D 330 19.32 9.04 -53.37
C ILE D 330 18.44 10.16 -52.84
N ALA D 331 18.86 10.79 -51.74
CA ALA D 331 18.03 11.84 -51.14
C ALA D 331 17.76 12.97 -52.13
N SER D 332 18.78 13.38 -52.87
CA SER D 332 18.59 14.43 -53.87
C SER D 332 17.65 13.96 -54.98
N ILE D 333 17.77 12.69 -55.36
CA ILE D 333 16.85 12.12 -56.35
C ILE D 333 15.43 12.18 -55.83
N PHE D 334 15.23 11.78 -54.58
CA PHE D 334 13.88 11.71 -54.02
C PHE D 334 13.30 13.09 -53.73
N ALA D 335 14.14 14.11 -53.56
CA ALA D 335 13.64 15.47 -53.53
C ALA D 335 12.98 15.82 -54.87
N TRP D 336 13.57 15.34 -55.97
CA TRP D 336 12.97 15.59 -57.28
C TRP D 336 11.70 14.77 -57.48
N THR D 337 11.78 13.45 -57.27
CA THR D 337 10.61 12.62 -57.51
C THR D 337 9.43 13.02 -56.63
N ARG D 338 9.70 13.38 -55.38
CA ARG D 338 8.63 13.83 -54.50
C ARG D 338 8.04 15.16 -54.98
N GLY D 339 8.91 16.07 -55.44
CA GLY D 339 8.41 17.31 -56.01
C GLY D 339 7.61 17.07 -57.28
N LEU D 340 8.15 16.25 -58.19
CA LEU D 340 7.45 15.95 -59.43
C LEU D 340 6.14 15.21 -59.17
N ALA D 341 6.14 14.32 -58.17
CA ALA D 341 4.91 13.61 -57.83
C ALA D 341 3.81 14.58 -57.44
N HIS D 342 4.16 15.62 -56.68
CA HIS D 342 3.18 16.62 -56.30
C HIS D 342 2.79 17.50 -57.48
N ARG D 343 3.78 17.89 -58.29
CA ARG D 343 3.49 18.62 -59.52
C ARG D 343 2.43 17.89 -60.33
N ALA D 344 2.56 16.57 -60.45
CA ALA D 344 1.61 15.79 -61.24
C ALA D 344 0.20 15.86 -60.64
N LYS D 345 0.09 15.71 -59.31
CA LYS D 345 -1.22 15.72 -58.69
C LYS D 345 -1.93 17.05 -58.93
N LEU D 346 -1.22 18.17 -58.74
CA LEU D 346 -1.82 19.47 -58.96
C LEU D 346 -2.32 19.62 -60.38
N ASP D 347 -1.69 18.96 -61.34
CA ASP D 347 -2.00 19.12 -62.76
C ASP D 347 -2.67 17.91 -63.39
N ASN D 348 -2.95 16.84 -62.63
CA ASN D 348 -3.46 15.59 -63.20
C ASN D 348 -2.56 15.09 -64.32
N ASN D 349 -1.24 15.26 -64.16
CA ASN D 349 -0.27 14.80 -65.16
C ASN D 349 0.03 13.34 -64.85
N LYS D 350 -0.81 12.44 -65.39
CA LYS D 350 -0.63 11.02 -65.13
C LYS D 350 0.72 10.53 -65.62
N GLU D 351 1.21 11.10 -66.73
CA GLU D 351 2.50 10.69 -67.27
C GLU D 351 3.62 11.01 -66.30
N LEU D 352 3.59 12.22 -65.71
CA LEU D 352 4.62 12.61 -64.77
C LEU D 352 4.56 11.77 -63.49
N ALA D 353 3.35 11.52 -62.99
CA ALA D 353 3.19 10.69 -61.79
C ALA D 353 3.84 9.32 -61.99
N PHE D 354 3.64 8.70 -63.16
CA PHE D 354 4.28 7.43 -63.43
C PHE D 354 5.79 7.55 -63.42
N PHE D 355 6.32 8.61 -64.04
CA PHE D 355 7.76 8.81 -64.06
C PHE D 355 8.31 8.97 -62.65
N ALA D 356 7.65 9.81 -61.85
CA ALA D 356 8.13 10.05 -60.49
C ALA D 356 8.22 8.75 -59.71
N ASN D 357 7.16 7.94 -59.75
CA ASN D 357 7.19 6.67 -59.04
C ASN D 357 8.19 5.71 -59.67
N ALA D 358 8.27 5.70 -61.00
CA ALA D 358 9.21 4.81 -61.68
C ALA D 358 10.64 5.08 -61.22
N LEU D 359 11.04 6.36 -61.15
CA LEU D 359 12.41 6.68 -60.77
C LEU D 359 12.70 6.26 -59.34
N GLU D 360 11.73 6.39 -58.44
CA GLU D 360 11.92 5.92 -57.07
C GLU D 360 12.11 4.40 -57.06
N GLU D 361 11.30 3.68 -57.84
CA GLU D 361 11.46 2.24 -57.94
C GLU D 361 12.84 1.88 -58.48
N VAL D 362 13.29 2.58 -59.53
CA VAL D 362 14.60 2.28 -60.11
C VAL D 362 15.69 2.45 -59.08
N SER D 363 15.61 3.51 -58.28
CA SER D 363 16.63 3.76 -57.26
C SER D 363 16.69 2.61 -56.26
N ILE D 364 15.52 2.16 -55.79
CA ILE D 364 15.50 1.11 -54.79
C ILE D 364 15.94 -0.23 -55.39
N GLU D 365 15.43 -0.55 -56.58
CA GLU D 365 15.78 -1.82 -57.21
C GLU D 365 17.25 -1.85 -57.59
N THR D 366 17.80 -0.73 -58.05
CA THR D 366 19.22 -0.69 -58.39
C THR D 366 20.07 -1.05 -57.17
N ILE D 367 19.79 -0.43 -56.03
CA ILE D 367 20.54 -0.73 -54.81
C ILE D 367 20.24 -2.15 -54.34
N GLU D 368 18.96 -2.54 -54.33
CA GLU D 368 18.59 -3.88 -53.88
C GLU D 368 19.16 -4.96 -54.80
N ALA D 369 19.57 -4.60 -56.00
CA ALA D 369 20.19 -5.55 -56.91
C ALA D 369 21.70 -5.68 -56.70
N GLY D 370 22.26 -4.95 -55.74
CA GLY D 370 23.66 -5.05 -55.40
C GLY D 370 24.55 -3.95 -55.94
N PHE D 371 23.99 -2.98 -56.64
CA PHE D 371 24.75 -1.87 -57.20
C PHE D 371 24.48 -0.64 -56.33
N MET D 372 25.51 -0.16 -55.64
CA MET D 372 25.33 0.88 -54.64
C MET D 372 26.62 1.69 -54.51
N THR D 373 26.49 2.83 -53.84
CA THR D 373 27.63 3.68 -53.56
C THR D 373 28.34 3.20 -52.30
N LYS D 374 29.46 3.86 -51.98
CA LYS D 374 30.31 3.41 -50.88
C LYS D 374 29.58 3.51 -49.55
N ASP D 375 28.66 4.48 -49.42
CA ASP D 375 27.92 4.64 -48.17
C ASP D 375 27.23 3.34 -47.78
N LEU D 376 26.50 2.73 -48.72
CA LEU D 376 25.73 1.53 -48.42
C LEU D 376 26.58 0.28 -48.36
N ALA D 377 27.67 0.22 -49.14
CA ALA D 377 28.59 -0.91 -49.03
C ALA D 377 29.15 -1.01 -47.61
N ALA D 378 29.43 0.13 -46.98
CA ALA D 378 29.92 0.10 -45.60
C ALA D 378 28.84 -0.38 -44.65
N CYS D 379 27.58 0.04 -44.87
CA CYS D 379 26.49 -0.45 -44.04
C CYS D 379 26.39 -1.97 -44.07
N ILE D 380 26.70 -2.59 -45.21
CA ILE D 380 26.57 -4.03 -45.35
C ILE D 380 27.81 -4.74 -44.81
N LYS D 381 29.00 -4.31 -45.23
CA LYS D 381 30.23 -4.99 -44.86
C LYS D 381 31.11 -4.19 -43.91
N GLY D 382 30.68 -3.03 -43.47
CA GLY D 382 31.49 -2.24 -42.55
C GLY D 382 32.63 -1.52 -43.24
N LEU D 383 32.85 -0.25 -42.87
CA LEU D 383 33.82 0.59 -43.56
C LEU D 383 35.20 -0.06 -43.70
N PRO D 384 35.77 -0.68 -42.66
CA PRO D 384 37.09 -1.30 -42.83
C PRO D 384 37.10 -2.41 -43.88
N ASN D 385 35.95 -2.97 -44.23
CA ASN D 385 35.89 -4.08 -45.16
C ASN D 385 35.45 -3.60 -46.54
N ARG D 388 36.88 -1.29 -53.75
CA ARG D 388 36.35 -0.75 -55.01
C ARG D 388 35.40 -1.75 -55.67
N SER D 389 35.68 -3.04 -55.47
CA SER D 389 34.85 -4.08 -56.09
C SER D 389 33.48 -4.23 -55.44
N ASP D 390 33.27 -3.64 -54.26
CA ASP D 390 32.01 -3.78 -53.55
C ASP D 390 31.00 -2.69 -53.88
N TYR D 391 31.44 -1.62 -54.56
CA TYR D 391 30.58 -0.46 -54.78
C TYR D 391 30.92 0.17 -56.12
N LEU D 392 30.18 1.22 -56.46
CA LEU D 392 30.37 1.99 -57.67
C LEU D 392 30.68 3.43 -57.28
N ASN D 393 31.56 4.07 -58.06
CA ASN D 393 31.86 5.48 -57.83
C ASN D 393 30.66 6.34 -58.25
N THR D 394 30.75 7.63 -57.93
CA THR D 394 29.61 8.53 -58.11
C THR D 394 29.07 8.44 -59.54
N PHE D 395 29.94 8.58 -60.52
CA PHE D 395 29.50 8.58 -61.91
C PHE D 395 29.03 7.19 -62.33
N GLU D 396 29.71 6.15 -61.85
CA GLU D 396 29.32 4.79 -62.20
C GLU D 396 27.94 4.45 -61.65
N PHE D 397 27.64 4.88 -60.43
CA PHE D 397 26.34 4.58 -59.85
C PHE D 397 25.21 5.29 -60.61
N MET D 398 25.39 6.59 -60.88
CA MET D 398 24.34 7.31 -61.59
C MET D 398 24.19 6.81 -63.02
N ASP D 399 25.27 6.38 -63.66
CA ASP D 399 25.16 5.78 -64.97
C ASP D 399 24.25 4.56 -64.93
N LYS D 400 24.38 3.74 -63.89
CA LYS D 400 23.53 2.56 -63.76
C LYS D 400 22.06 2.94 -63.57
N LEU D 401 21.78 3.92 -62.72
CA LEU D 401 20.40 4.35 -62.53
C LEU D 401 19.81 4.84 -63.85
N GLY D 402 20.62 5.52 -64.67
CA GLY D 402 20.14 5.95 -65.96
C GLY D 402 19.72 4.78 -66.83
N GLU D 403 20.53 3.72 -66.86
CA GLU D 403 20.19 2.55 -67.65
C GLU D 403 18.89 1.92 -67.18
N ASN D 404 18.82 1.55 -65.90
CA ASN D 404 17.62 0.87 -65.41
C ASN D 404 16.37 1.74 -65.57
N LEU D 405 16.52 3.06 -65.48
CA LEU D 405 15.37 3.93 -65.70
C LEU D 405 14.91 3.87 -67.15
N LYS D 406 15.84 4.02 -68.10
CA LYS D 406 15.48 3.92 -69.51
C LYS D 406 14.90 2.54 -69.82
N ILE D 407 15.49 1.48 -69.26
CA ILE D 407 14.94 0.15 -69.48
C ILE D 407 13.52 0.08 -68.94
N LYS D 408 13.34 0.47 -67.68
CA LYS D 408 12.02 0.36 -67.04
C LYS D 408 10.98 1.19 -67.77
N LEU D 409 11.36 2.40 -68.22
CA LEU D 409 10.40 3.26 -68.91
C LEU D 409 10.08 2.75 -70.30
N ALA D 410 11.02 2.09 -70.97
CA ALA D 410 10.76 1.55 -72.30
C ALA D 410 9.65 0.51 -72.24
N GLN D 411 9.73 -0.42 -71.30
CA GLN D 411 8.71 -1.45 -71.13
C GLN D 411 7.47 -0.80 -70.54
N ALA D 412 6.71 -0.13 -71.40
CA ALA D 412 5.49 0.56 -70.99
C ALA D 412 4.70 1.03 -72.20
#